data_7C5Q
#
_entry.id   7C5Q
#
_cell.length_a   89.674
_cell.length_b   89.674
_cell.length_c   341.795
_cell.angle_alpha   90.00
_cell.angle_beta   90.00
_cell.angle_gamma   90.00
#
_symmetry.space_group_name_H-M   'P 41 21 2'
#
loop_
_entity.id
_entity.type
_entity.pdbx_description
1 polymer 'Glyceraldehyde-3-phosphate dehydrogenase'
2 non-polymer NICOTINAMIDE-ADENINE-DINUCLEOTIDE
3 non-polymer GLYCERALDEHYDE-3-PHOSPHATE
4 non-polymer 'PHOSPHATE ION'
5 non-polymer 1,2-ETHANEDIOL
6 non-polymer 'CHLORIDE ION'
7 non-polymer 'phosphono (2S)-2-oxidanyl-3-phosphonooxy-propanoate'
8 water water
#
_entity_poly.entity_id   1
_entity_poly.type   'polypeptide(L)'
_entity_poly.pdbx_seq_one_letter_code
;HHHHHHSSGLVPRGSHMASMSKVGINGFGRIGRLVLRRLLEVKSNIDVVAINDLTSPKILAYLLKHDSNYGPFPWSVDFT
EDSLIVDGKSIAVYAEKEAKNIPWKAKGAEIIVECTGFYTSAEKSQAHLDAGAKKVLISAPAGEMKTIVYNVNDDTLDGN
DTIVSVASCTTNCLAPMAKALHDSFGIEVGTMTTIAAYTGTQSLVDGPRGKDLRASRAAAENIIPHTTGAAKAIGLVIPE
LSGKLKGHAQRVPVKTGSVTELVSILGKKVTAEEVNNALKQATTNNESFGYTDEEIVSSDIIGSHFGSVFDATQTEITAV
GDLQLVKTVAWYDNEYGFVTQLIRTLEKFAKL
;
_entity_poly.pdbx_strand_id   O,P,Q,R
#
loop_
_chem_comp.id
_chem_comp.type
_chem_comp.name
_chem_comp.formula
CL non-polymer 'CHLORIDE ION' 'Cl -1'
DG4 non-polymer 'phosphono (2S)-2-oxidanyl-3-phosphonooxy-propanoate' 'C3 H8 O10 P2'
EDO non-polymer 1,2-ETHANEDIOL 'C2 H6 O2'
G3H non-polymer GLYCERALDEHYDE-3-PHOSPHATE 'C3 H7 O6 P'
NAD non-polymer NICOTINAMIDE-ADENINE-DINUCLEOTIDE 'C21 H27 N7 O14 P2'
PO4 non-polymer 'PHOSPHATE ION' 'O4 P -3'
#
# COMPACT_ATOMS: atom_id res chain seq x y z
N SER A 19 -29.04 -27.04 24.79
CA SER A 19 -27.69 -26.39 24.91
C SER A 19 -27.84 -24.87 25.00
N MET A 20 -26.80 -24.16 25.48
CA MET A 20 -26.82 -22.70 25.45
C MET A 20 -26.84 -22.22 24.01
N SER A 21 -27.70 -21.29 23.74
CA SER A 21 -27.88 -20.82 22.39
C SER A 21 -27.81 -19.31 22.26
N LYS A 22 -27.84 -18.54 23.35
CA LYS A 22 -27.90 -17.09 23.21
C LYS A 22 -26.55 -16.49 23.54
N VAL A 23 -26.05 -15.67 22.63
CA VAL A 23 -24.71 -15.11 22.73
C VAL A 23 -24.75 -13.59 22.74
N GLY A 24 -23.83 -12.99 23.48
CA GLY A 24 -23.55 -11.57 23.38
C GLY A 24 -22.14 -11.35 22.87
N ILE A 25 -21.95 -10.29 22.09
CA ILE A 25 -20.63 -9.91 21.62
C ILE A 25 -20.22 -8.62 22.31
N ASN A 26 -19.06 -8.64 22.94
CA ASN A 26 -18.46 -7.43 23.48
C ASN A 26 -17.29 -7.04 22.59
N GLY A 27 -17.39 -5.86 21.96
CA GLY A 27 -16.37 -5.45 21.01
C GLY A 27 -16.76 -5.90 19.63
N PHE A 28 -17.57 -5.07 18.98
CA PHE A 28 -18.07 -5.34 17.63
C PHE A 28 -17.09 -4.79 16.60
N GLY A 29 -15.85 -5.24 16.71
CA GLY A 29 -14.77 -4.76 15.89
C GLY A 29 -14.49 -5.69 14.73
N ARG A 30 -13.24 -5.73 14.29
CA ARG A 30 -12.89 -6.62 13.18
C ARG A 30 -13.31 -8.05 13.50
N ILE A 31 -12.92 -8.54 14.68
CA ILE A 31 -13.25 -9.92 15.03
C ILE A 31 -14.73 -10.03 15.35
N GLY A 32 -15.25 -9.11 16.15
CA GLY A 32 -16.63 -9.23 16.61
C GLY A 32 -17.65 -9.21 15.48
N ARG A 33 -17.43 -8.35 14.49
CA ARG A 33 -18.33 -8.30 13.33
C ARG A 33 -18.22 -9.58 12.50
N LEU A 34 -17.01 -10.11 12.35
CA LEU A 34 -16.86 -11.33 11.59
C LEU A 34 -17.43 -12.54 12.35
N VAL A 35 -17.42 -12.51 13.68
CA VAL A 35 -18.13 -13.52 14.48
C VAL A 35 -19.60 -13.60 14.03
N LEU A 36 -20.28 -12.46 13.96
CA LEU A 36 -21.66 -12.48 13.48
C LEU A 36 -21.74 -13.03 12.06
N ARG A 37 -20.86 -12.54 11.19
CA ARG A 37 -20.89 -12.96 9.80
C ARG A 37 -20.76 -14.48 9.68
N ARG A 38 -19.80 -15.05 10.40
CA ARG A 38 -19.55 -16.48 10.26
C ARG A 38 -20.71 -17.30 10.84
N LEU A 39 -21.28 -16.87 11.97
CA LEU A 39 -22.43 -17.55 12.56
C LEU A 39 -23.60 -17.62 11.60
N LEU A 40 -23.91 -16.51 10.92
CA LEU A 40 -24.96 -16.51 9.91
C LEU A 40 -24.54 -17.33 8.71
N GLU A 41 -23.26 -17.29 8.36
CA GLU A 41 -22.81 -18.07 7.22
C GLU A 41 -23.05 -19.55 7.43
N VAL A 42 -22.76 -20.09 8.62
CA VAL A 42 -22.84 -21.52 8.85
C VAL A 42 -24.21 -21.88 9.41
N LYS A 43 -25.13 -20.92 9.42
CA LYS A 43 -26.50 -21.18 9.88
C LYS A 43 -26.51 -21.82 11.26
N SER A 44 -25.70 -21.28 12.16
CA SER A 44 -25.61 -21.81 13.51
C SER A 44 -26.96 -21.71 14.20
N ASN A 45 -27.22 -22.64 15.13
CA ASN A 45 -28.36 -22.49 16.03
C ASN A 45 -28.11 -21.41 17.08
N ILE A 46 -26.86 -20.99 17.25
CA ILE A 46 -26.55 -19.91 18.18
C ILE A 46 -27.13 -18.61 17.67
N ASP A 47 -27.85 -17.90 18.52
N ASP A 47 -27.59 -17.78 18.61
CA ASP A 47 -28.36 -16.57 18.19
CA ASP A 47 -28.42 -16.60 18.36
C ASP A 47 -27.57 -15.53 18.97
C ASP A 47 -27.73 -15.41 19.03
N VAL A 48 -27.07 -14.54 18.25
CA VAL A 48 -26.52 -13.32 18.84
C VAL A 48 -27.69 -12.40 19.18
N VAL A 49 -27.92 -12.16 20.47
CA VAL A 49 -29.07 -11.38 20.90
C VAL A 49 -28.70 -9.98 21.36
N ALA A 50 -27.42 -9.71 21.59
CA ALA A 50 -26.96 -8.43 22.10
C ALA A 50 -25.51 -8.22 21.72
N ILE A 51 -25.18 -6.95 21.51
CA ILE A 51 -23.85 -6.45 21.18
C ILE A 51 -23.54 -5.30 22.12
N ASN A 52 -22.32 -5.25 22.62
CA ASN A 52 -21.87 -4.07 23.37
C ASN A 52 -20.64 -3.50 22.70
N ASP A 53 -20.58 -2.18 22.62
CA ASP A 53 -19.41 -1.52 22.09
C ASP A 53 -19.39 -0.13 22.70
N LEU A 54 -18.86 0.87 22.00
CA LEU A 54 -18.72 2.21 22.54
C LEU A 54 -19.38 3.25 21.65
N THR A 55 -20.33 2.86 20.81
CA THR A 55 -20.78 3.75 19.75
C THR A 55 -22.26 3.48 19.48
N SER A 56 -22.78 4.14 18.47
CA SER A 56 -24.18 4.18 18.12
C SER A 56 -24.55 2.97 17.25
N PRO A 57 -25.82 2.53 17.31
CA PRO A 57 -26.27 1.53 16.33
C PRO A 57 -26.02 1.96 14.89
N LYS A 58 -26.15 3.25 14.58
CA LYS A 58 -25.94 3.70 13.23
C LYS A 58 -24.53 3.40 12.74
N ILE A 59 -23.55 3.69 13.58
CA ILE A 59 -22.16 3.46 13.18
C ILE A 59 -21.87 1.97 13.11
N LEU A 60 -22.37 1.19 14.08
CA LEU A 60 -22.12 -0.25 14.01
C LEU A 60 -22.75 -0.86 12.78
N ALA A 61 -23.95 -0.37 12.40
CA ALA A 61 -24.61 -0.88 11.20
C ALA A 61 -23.83 -0.49 9.95
N TYR A 62 -23.31 0.74 9.92
CA TYR A 62 -22.49 1.16 8.79
C TYR A 62 -21.31 0.23 8.62
N LEU A 63 -20.59 -0.05 9.72
CA LEU A 63 -19.38 -0.89 9.64
C LEU A 63 -19.73 -2.35 9.32
N LEU A 64 -20.84 -2.85 9.84
CA LEU A 64 -21.21 -4.22 9.51
C LEU A 64 -21.59 -4.34 8.04
N LYS A 65 -22.25 -3.32 7.49
CA LYS A 65 -22.72 -3.41 6.12
C LYS A 65 -21.57 -3.30 5.13
N HIS A 66 -20.54 -2.53 5.45
CA HIS A 66 -19.45 -2.18 4.53
C HIS A 66 -18.13 -2.59 5.16
N ASP A 67 -17.46 -3.58 4.56
CA ASP A 67 -16.24 -4.15 5.11
C ASP A 67 -15.14 -4.06 4.07
N SER A 68 -14.09 -3.28 4.39
CA SER A 68 -12.99 -3.09 3.47
C SER A 68 -12.29 -4.38 3.12
N ASN A 69 -12.37 -5.41 3.97
CA ASN A 69 -11.65 -6.65 3.69
C ASN A 69 -12.54 -7.71 3.06
N TYR A 70 -13.80 -7.83 3.45
CA TYR A 70 -14.64 -8.91 2.95
C TYR A 70 -15.81 -8.42 2.13
N GLY A 71 -15.94 -7.11 1.91
CA GLY A 71 -17.00 -6.60 1.06
C GLY A 71 -18.36 -6.60 1.75
N PRO A 72 -19.41 -6.37 0.97
CA PRO A 72 -20.74 -6.11 1.56
C PRO A 72 -21.22 -7.24 2.44
N PHE A 73 -21.90 -6.88 3.52
CA PHE A 73 -22.49 -7.90 4.37
C PHE A 73 -23.49 -8.72 3.55
N PRO A 74 -23.48 -10.05 3.65
CA PRO A 74 -24.39 -10.87 2.84
C PRO A 74 -25.84 -10.89 3.30
N TRP A 75 -26.19 -10.24 4.40
CA TRP A 75 -27.59 -10.18 4.82
C TRP A 75 -27.96 -8.72 5.00
N SER A 76 -29.26 -8.46 5.12
CA SER A 76 -29.74 -7.09 5.24
C SER A 76 -29.37 -6.50 6.59
N VAL A 77 -29.10 -5.20 6.61
CA VAL A 77 -28.71 -4.53 7.84
C VAL A 77 -29.45 -3.21 7.95
N ASP A 78 -30.17 -3.02 9.06
CA ASP A 78 -30.85 -1.78 9.41
C ASP A 78 -30.61 -1.59 10.90
N PHE A 79 -31.09 -0.49 11.47
CA PHE A 79 -30.82 -0.21 12.88
C PHE A 79 -31.94 0.67 13.45
N THR A 80 -32.05 0.68 14.76
CA THR A 80 -32.88 1.65 15.47
C THR A 80 -31.96 2.39 16.43
N GLU A 81 -32.56 3.21 17.28
CA GLU A 81 -31.76 3.98 18.23
C GLU A 81 -31.09 3.11 19.28
N ASP A 82 -31.51 1.83 19.45
CA ASP A 82 -30.88 0.96 20.45
C ASP A 82 -30.68 -0.47 19.97
N SER A 83 -30.64 -0.70 18.67
CA SER A 83 -30.54 -2.07 18.18
C SER A 83 -30.03 -2.07 16.75
N LEU A 84 -29.60 -3.25 16.33
CA LEU A 84 -29.39 -3.56 14.94
C LEU A 84 -30.47 -4.54 14.51
N ILE A 85 -30.81 -4.49 13.23
CA ILE A 85 -31.75 -5.43 12.65
C ILE A 85 -31.01 -6.11 11.52
N VAL A 86 -30.67 -7.38 11.71
CA VAL A 86 -29.78 -8.11 10.82
C VAL A 86 -30.52 -9.33 10.30
N ASP A 87 -30.64 -9.42 8.98
CA ASP A 87 -31.43 -10.48 8.35
C ASP A 87 -32.84 -10.55 8.94
N GLY A 88 -33.42 -9.39 9.26
CA GLY A 88 -34.73 -9.37 9.86
C GLY A 88 -34.77 -9.56 11.37
N LYS A 89 -33.65 -9.89 12.01
CA LYS A 89 -33.62 -10.24 13.44
C LYS A 89 -33.09 -9.09 14.27
N SER A 90 -33.78 -8.77 15.35
CA SER A 90 -33.33 -7.69 16.20
C SER A 90 -32.19 -8.12 17.14
N ILE A 91 -31.17 -7.26 17.27
CA ILE A 91 -30.03 -7.46 18.16
C ILE A 91 -29.87 -6.21 18.99
N ALA A 92 -29.95 -6.34 20.31
CA ALA A 92 -29.81 -5.18 21.18
C ALA A 92 -28.37 -4.67 21.11
N VAL A 93 -28.22 -3.35 21.18
CA VAL A 93 -26.91 -2.68 21.20
C VAL A 93 -26.79 -1.90 22.49
N TYR A 94 -25.73 -2.16 23.25
CA TYR A 94 -25.42 -1.39 24.43
C TYR A 94 -24.08 -0.71 24.20
N ALA A 95 -23.79 0.28 25.04
CA ALA A 95 -22.57 1.07 24.95
C ALA A 95 -21.95 1.25 26.34
N GLU A 96 -21.63 0.15 27.02
CA GLU A 96 -21.09 0.20 28.38
C GLU A 96 -19.59 -0.08 28.33
N LYS A 97 -18.78 0.95 28.60
CA LYS A 97 -17.34 0.74 28.56
C LYS A 97 -16.84 -0.20 29.66
N GLU A 98 -17.62 -0.45 30.70
CA GLU A 98 -17.24 -1.38 31.75
C GLU A 98 -18.13 -2.62 31.67
N ALA A 99 -17.50 -3.78 31.48
CA ALA A 99 -18.26 -4.99 31.21
C ALA A 99 -19.27 -5.27 32.33
N LYS A 100 -18.91 -4.95 33.58
CA LYS A 100 -19.78 -5.25 34.71
C LYS A 100 -21.12 -4.56 34.60
N ASN A 101 -21.21 -3.51 33.79
CA ASN A 101 -22.44 -2.75 33.60
C ASN A 101 -23.26 -3.19 32.40
N ILE A 102 -22.80 -4.17 31.63
CA ILE A 102 -23.54 -4.54 30.42
C ILE A 102 -24.80 -5.29 30.82
N PRO A 103 -25.97 -4.90 30.36
CA PRO A 103 -27.21 -5.53 30.80
C PRO A 103 -27.52 -6.81 30.03
N TRP A 104 -26.61 -7.78 30.11
CA TRP A 104 -26.72 -9.01 29.36
C TRP A 104 -28.02 -9.77 29.66
N LYS A 105 -28.56 -9.62 30.88
CA LYS A 105 -29.77 -10.39 31.21
C LYS A 105 -31.02 -9.87 30.53
N ALA A 106 -31.00 -8.68 29.92
CA ALA A 106 -32.23 -8.19 29.30
C ALA A 106 -32.70 -9.12 28.19
N LYS A 107 -31.80 -9.56 27.30
CA LYS A 107 -32.14 -10.48 26.22
C LYS A 107 -31.64 -11.88 26.49
N GLY A 108 -31.09 -12.14 27.67
CA GLY A 108 -30.72 -13.49 28.02
C GLY A 108 -29.43 -13.96 27.42
N ALA A 109 -28.45 -13.07 27.23
CA ALA A 109 -27.20 -13.49 26.62
C ALA A 109 -26.44 -14.37 27.59
N GLU A 110 -26.16 -15.59 27.17
CA GLU A 110 -25.59 -16.59 28.06
C GLU A 110 -24.09 -16.72 27.88
N ILE A 111 -23.61 -16.80 26.65
CA ILE A 111 -22.17 -16.87 26.38
C ILE A 111 -21.72 -15.56 25.75
N ILE A 112 -20.71 -14.93 26.35
CA ILE A 112 -20.16 -13.69 25.83
C ILE A 112 -18.91 -14.00 25.03
N VAL A 113 -18.89 -13.56 23.79
CA VAL A 113 -17.70 -13.60 22.95
C VAL A 113 -16.99 -12.27 23.14
N GLU A 114 -15.89 -12.31 23.86
CA GLU A 114 -15.21 -11.11 24.34
C GLU A 114 -14.09 -10.74 23.36
N CYS A 115 -14.35 -9.67 22.59
CA CYS A 115 -13.54 -9.27 21.44
C CYS A 115 -13.07 -7.82 21.52
N THR A 116 -13.00 -7.25 22.71
CA THR A 116 -12.58 -5.87 22.81
C THR A 116 -11.07 -5.72 22.96
N GLY A 117 -10.38 -6.78 23.40
CA GLY A 117 -8.99 -6.65 23.77
C GLY A 117 -8.75 -6.05 25.15
N PHE A 118 -9.79 -5.67 25.88
CA PHE A 118 -9.60 -5.03 27.17
C PHE A 118 -9.92 -5.92 28.37
N TYR A 119 -10.27 -7.19 28.17
CA TYR A 119 -10.61 -8.08 29.27
C TYR A 119 -9.90 -9.40 29.15
N THR A 120 -8.61 -9.35 28.81
CA THR A 120 -7.86 -10.54 28.47
C THR A 120 -7.24 -11.21 29.68
N SER A 121 -8.07 -11.45 30.70
CA SER A 121 -7.70 -12.29 31.83
C SER A 121 -8.98 -12.83 32.47
N ALA A 122 -8.82 -13.84 33.31
CA ALA A 122 -9.96 -14.38 34.02
C ALA A 122 -10.56 -13.32 34.94
N GLU A 123 -9.69 -12.63 35.69
CA GLU A 123 -10.13 -11.56 36.59
C GLU A 123 -10.94 -10.50 35.86
N LYS A 124 -10.49 -10.10 34.66
CA LYS A 124 -11.19 -9.04 33.95
C LYS A 124 -12.48 -9.55 33.35
N SER A 125 -12.42 -10.69 32.66
CA SER A 125 -13.59 -11.20 31.97
C SER A 125 -14.65 -11.75 32.91
N GLN A 126 -14.32 -12.11 34.16
CA GLN A 126 -15.40 -12.58 35.03
C GLN A 126 -16.42 -11.47 35.30
N ALA A 127 -16.09 -10.21 34.98
CA ALA A 127 -17.08 -9.13 35.08
C ALA A 127 -18.33 -9.43 34.26
N HIS A 128 -18.21 -10.15 33.15
CA HIS A 128 -19.39 -10.48 32.37
C HIS A 128 -20.31 -11.41 33.15
N LEU A 129 -19.73 -12.31 33.94
CA LEU A 129 -20.55 -13.15 34.81
C LEU A 129 -21.26 -12.31 35.85
N ASP A 130 -20.54 -11.35 36.46
CA ASP A 130 -21.19 -10.44 37.38
C ASP A 130 -22.33 -9.71 36.69
N ALA A 131 -22.19 -9.43 35.40
CA ALA A 131 -23.21 -8.74 34.64
C ALA A 131 -24.31 -9.67 34.11
N GLY A 132 -24.31 -10.93 34.54
CA GLY A 132 -25.44 -11.84 34.32
C GLY A 132 -25.21 -12.90 33.25
N ALA A 133 -24.05 -12.92 32.60
CA ALA A 133 -23.76 -13.99 31.64
C ALA A 133 -23.35 -15.27 32.37
N LYS A 134 -23.36 -16.39 31.64
CA LYS A 134 -23.00 -17.70 32.19
C LYS A 134 -21.58 -18.13 31.85
N LYS A 135 -21.07 -17.72 30.69
CA LYS A 135 -19.76 -18.15 30.23
C LYS A 135 -19.16 -17.06 29.37
N VAL A 136 -17.85 -17.13 29.18
CA VAL A 136 -17.13 -16.13 28.42
C VAL A 136 -16.09 -16.84 27.56
N LEU A 137 -16.04 -16.46 26.29
CA LEU A 137 -15.03 -16.97 25.36
C LEU A 137 -14.24 -15.76 24.86
N ILE A 138 -12.95 -15.73 25.18
CA ILE A 138 -12.11 -14.57 24.92
C ILE A 138 -11.36 -14.78 23.61
N SER A 139 -11.43 -13.79 22.71
CA SER A 139 -10.85 -13.90 21.37
C SER A 139 -9.38 -13.55 21.34
N ALA A 140 -8.64 -13.92 22.39
CA ALA A 140 -7.23 -13.55 22.48
C ALA A 140 -6.61 -14.36 23.60
N PRO A 141 -5.27 -14.42 23.65
CA PRO A 141 -4.60 -14.98 24.81
C PRO A 141 -5.06 -14.25 26.06
N ALA A 142 -5.15 -14.98 27.17
CA ALA A 142 -5.68 -14.40 28.39
C ALA A 142 -5.05 -15.08 29.60
N GLY A 143 -3.73 -15.15 29.60
CA GLY A 143 -2.97 -15.71 30.67
C GLY A 143 -3.12 -17.21 30.72
N GLU A 144 -2.90 -17.76 31.91
CA GLU A 144 -2.91 -19.21 32.17
C GLU A 144 -4.34 -19.64 32.52
N MET A 145 -5.20 -19.52 31.56
CA MET A 145 -6.53 -20.10 31.64
C MET A 145 -6.63 -21.17 30.57
N LYS A 146 -7.69 -21.96 30.65
CA LYS A 146 -7.98 -22.94 29.62
C LYS A 146 -7.99 -22.25 28.26
N THR A 147 -7.16 -22.73 27.33
CA THR A 147 -6.92 -22.07 26.06
C THR A 147 -7.01 -23.09 24.95
N ILE A 148 -7.90 -22.86 23.98
CA ILE A 148 -8.27 -23.87 23.01
C ILE A 148 -7.89 -23.43 21.60
N VAL A 149 -7.16 -24.29 20.90
CA VAL A 149 -7.03 -24.25 19.44
C VAL A 149 -7.82 -25.43 18.93
N TYR A 150 -8.91 -25.14 18.23
CA TYR A 150 -9.82 -26.20 17.85
C TYR A 150 -9.14 -27.19 16.91
N ASN A 151 -9.44 -28.46 17.13
CA ASN A 151 -8.82 -29.61 16.49
C ASN A 151 -7.35 -29.73 16.82
N VAL A 152 -6.87 -29.03 17.84
CA VAL A 152 -5.63 -29.37 18.51
C VAL A 152 -5.90 -29.86 19.92
N ASN A 153 -6.63 -29.09 20.71
CA ASN A 153 -6.84 -29.50 22.10
C ASN A 153 -8.22 -29.17 22.62
N ASP A 154 -9.23 -29.11 21.75
CA ASP A 154 -10.57 -28.82 22.22
C ASP A 154 -11.16 -29.94 23.06
N ASP A 155 -10.61 -31.15 22.99
N ASP A 155 -10.60 -31.15 23.00
CA ASP A 155 -11.08 -32.21 23.88
CA ASP A 155 -11.10 -32.20 23.88
C ASP A 155 -10.77 -31.93 25.35
C ASP A 155 -10.65 -32.01 25.32
N THR A 156 -9.96 -30.92 25.64
CA THR A 156 -9.72 -30.55 27.04
C THR A 156 -10.79 -29.65 27.62
N LEU A 157 -11.74 -29.16 26.81
CA LEU A 157 -12.88 -28.42 27.34
C LEU A 157 -13.80 -29.35 28.11
N ASP A 158 -14.31 -28.88 29.25
CA ASP A 158 -15.31 -29.66 29.99
C ASP A 158 -16.42 -28.73 30.47
N GLY A 159 -17.41 -29.31 31.16
CA GLY A 159 -18.58 -28.56 31.62
C GLY A 159 -18.30 -27.54 32.70
N ASN A 160 -17.16 -27.63 33.37
CA ASN A 160 -16.80 -26.69 34.42
C ASN A 160 -16.00 -25.49 33.91
N ASP A 161 -15.57 -25.49 32.65
CA ASP A 161 -14.95 -24.29 32.11
C ASP A 161 -16.00 -23.20 31.94
N THR A 162 -15.73 -22.05 32.51
CA THR A 162 -16.66 -20.94 32.45
C THR A 162 -16.07 -19.75 31.72
N ILE A 163 -14.75 -19.54 31.81
CA ILE A 163 -14.04 -18.55 31.00
C ILE A 163 -12.94 -19.30 30.27
N VAL A 164 -12.86 -19.07 28.94
N VAL A 164 -12.86 -19.12 28.94
CA VAL A 164 -11.97 -19.79 28.03
CA VAL A 164 -11.81 -19.77 28.16
C VAL A 164 -11.35 -18.79 27.04
C VAL A 164 -11.35 -18.84 27.04
N SER A 165 -10.13 -19.07 26.60
CA SER A 165 -9.45 -18.29 25.59
C SER A 165 -9.29 -19.14 24.33
N VAL A 166 -9.36 -18.54 23.14
CA VAL A 166 -8.95 -19.24 21.91
C VAL A 166 -7.57 -18.80 21.44
N ALA A 167 -6.82 -18.12 22.30
CA ALA A 167 -5.47 -17.64 22.01
C ALA A 167 -5.53 -16.62 20.85
N SER A 168 -4.42 -16.42 20.17
CA SER A 168 -4.29 -15.42 19.11
C SER A 168 -4.47 -16.09 17.75
N CYS A 169 -4.60 -15.26 16.71
CA CYS A 169 -4.54 -15.79 15.35
C CYS A 169 -3.22 -16.53 15.13
N THR A 170 -2.13 -15.99 15.65
CA THR A 170 -0.82 -16.61 15.50
C THR A 170 -0.78 -17.98 16.15
N THR A 171 -1.35 -18.11 17.36
CA THR A 171 -1.41 -19.41 18.02
C THR A 171 -2.21 -20.40 17.20
N ASN A 172 -3.34 -19.96 16.64
CA ASN A 172 -4.14 -20.85 15.79
C ASN A 172 -3.42 -21.22 14.50
N CYS A 173 -2.43 -20.44 14.09
CA CYS A 173 -1.61 -20.86 12.97
C CYS A 173 -0.46 -21.77 13.40
N LEU A 174 0.21 -21.42 14.50
CA LEU A 174 1.39 -22.17 14.92
C LEU A 174 1.03 -23.55 15.46
N ALA A 175 -0.05 -23.65 16.24
CA ALA A 175 -0.30 -24.86 17.01
C ALA A 175 -0.60 -26.07 16.14
N PRO A 176 -1.44 -25.99 15.10
CA PRO A 176 -1.74 -27.22 14.34
C PRO A 176 -0.49 -27.77 13.67
N MET A 177 0.34 -26.89 13.15
CA MET A 177 1.57 -27.30 12.50
C MET A 177 2.54 -27.92 13.51
N ALA A 178 2.71 -27.25 14.66
CA ALA A 178 3.59 -27.77 15.71
C ALA A 178 3.04 -29.09 16.27
N LYS A 179 1.72 -29.21 16.37
CA LYS A 179 1.14 -30.44 16.88
C LYS A 179 1.47 -31.61 15.99
N ALA A 180 1.28 -31.44 14.68
CA ALA A 180 1.58 -32.51 13.75
C ALA A 180 3.06 -32.87 13.80
N LEU A 181 3.93 -31.86 13.81
CA LEU A 181 5.37 -32.10 13.96
C LEU A 181 5.67 -32.83 15.26
N HIS A 182 5.19 -32.30 16.38
CA HIS A 182 5.34 -32.98 17.67
C HIS A 182 4.93 -34.45 17.57
N ASP A 183 3.74 -34.72 17.05
CA ASP A 183 3.23 -36.09 17.05
C ASP A 183 4.07 -37.00 16.17
N SER A 184 4.49 -36.51 15.01
CA SER A 184 5.15 -37.33 14.01
C SER A 184 6.63 -37.53 14.31
N PHE A 185 7.31 -36.49 14.77
CA PHE A 185 8.77 -36.47 14.80
C PHE A 185 9.34 -35.97 16.09
N GLY A 186 8.56 -35.26 16.91
CA GLY A 186 9.09 -34.59 18.07
C GLY A 186 9.67 -33.26 17.68
N ILE A 187 9.45 -32.24 18.50
CA ILE A 187 10.13 -30.96 18.37
C ILE A 187 10.97 -30.77 19.62
N GLU A 188 12.29 -30.76 19.46
N GLU A 188 12.29 -30.78 19.46
CA GLU A 188 13.19 -30.56 20.58
CA GLU A 188 13.22 -30.57 20.56
C GLU A 188 13.33 -29.07 20.91
C GLU A 188 13.38 -29.08 20.90
N VAL A 189 13.30 -28.21 19.90
CA VAL A 189 13.35 -26.76 20.11
C VAL A 189 13.00 -26.09 18.80
N GLY A 190 12.47 -24.87 18.85
CA GLY A 190 12.12 -24.17 17.62
C GLY A 190 11.90 -22.70 17.84
N THR A 191 11.92 -21.97 16.73
CA THR A 191 11.61 -20.54 16.73
C THR A 191 10.79 -20.20 15.49
N MET A 192 9.84 -19.31 15.71
CA MET A 192 8.82 -18.93 14.76
C MET A 192 9.02 -17.46 14.32
N THR A 193 8.76 -17.17 13.05
CA THR A 193 8.53 -15.78 12.62
C THR A 193 7.26 -15.76 11.79
N THR A 194 6.29 -14.95 12.20
CA THR A 194 5.11 -14.73 11.38
C THR A 194 5.26 -13.40 10.65
N ILE A 195 5.09 -13.46 9.33
CA ILE A 195 5.00 -12.29 8.48
C ILE A 195 3.52 -11.99 8.38
N ALA A 196 3.08 -10.92 9.03
CA ALA A 196 1.68 -10.76 9.40
C ALA A 196 1.08 -9.43 8.96
N ALA A 197 -0.17 -9.49 8.53
CA ALA A 197 -0.99 -8.33 8.20
C ALA A 197 -1.04 -7.36 9.37
N TYR A 198 -1.13 -6.06 9.07
CA TYR A 198 -1.22 -5.14 10.19
C TYR A 198 -2.64 -5.16 10.78
N THR A 199 -2.73 -4.72 12.03
CA THR A 199 -4.01 -4.71 12.77
C THR A 199 -4.17 -3.37 13.51
N GLY A 200 -5.33 -3.22 14.14
CA GLY A 200 -5.68 -1.97 14.77
C GLY A 200 -4.89 -1.63 16.02
N THR A 201 -4.06 -2.55 16.56
CA THR A 201 -3.11 -2.16 17.60
C THR A 201 -1.95 -1.33 17.07
N GLN A 202 -1.80 -1.19 15.75
CA GLN A 202 -0.70 -0.41 15.22
C GLN A 202 -1.14 1.02 14.95
N SER A 203 -0.31 1.79 14.26
CA SER A 203 -0.51 3.21 14.03
C SER A 203 -0.69 3.52 12.53
N LEU A 204 -1.59 4.45 12.22
CA LEU A 204 -1.79 4.85 10.84
C LEU A 204 -0.65 5.75 10.38
N VAL A 205 -0.31 6.75 11.19
CA VAL A 205 0.80 7.65 10.97
C VAL A 205 1.72 7.55 12.19
N ASP A 206 3.00 7.89 12.00
CA ASP A 206 3.96 7.90 13.11
C ASP A 206 3.44 8.74 14.26
N GLY A 207 3.19 8.08 15.39
CA GLY A 207 2.76 8.76 16.59
C GLY A 207 2.65 7.82 17.78
N PRO A 208 2.55 8.37 18.99
CA PRO A 208 2.58 7.51 20.19
C PRO A 208 1.52 6.43 20.14
N ARG A 209 1.91 5.23 20.54
CA ARG A 209 1.00 4.10 20.64
C ARG A 209 1.36 3.35 21.92
N GLY A 210 0.92 3.88 23.06
CA GLY A 210 1.37 3.32 24.33
C GLY A 210 2.88 3.37 24.42
N LYS A 211 3.47 2.29 24.93
CA LYS A 211 4.91 2.28 25.18
C LYS A 211 5.71 1.37 24.24
N ASP A 212 5.08 0.69 23.30
CA ASP A 212 5.79 -0.05 22.26
C ASP A 212 6.28 0.98 21.24
N LEU A 213 7.60 1.18 21.13
CA LEU A 213 8.13 2.14 20.18
C LEU A 213 7.76 1.75 18.75
N ARG A 214 7.95 0.48 18.38
CA ARG A 214 7.72 0.10 17.00
C ARG A 214 6.26 0.20 16.63
N ALA A 215 5.36 -0.01 17.59
CA ALA A 215 3.94 0.11 17.29
C ALA A 215 3.53 1.54 16.92
N SER A 216 4.39 2.52 17.20
CA SER A 216 4.11 3.93 16.92
C SER A 216 4.30 4.30 15.46
N ARG A 217 4.79 3.37 14.64
CA ARG A 217 5.20 3.68 13.27
C ARG A 217 4.12 3.29 12.26
N ALA A 218 4.08 4.07 11.19
CA ALA A 218 3.08 3.95 10.13
C ALA A 218 2.99 2.53 9.58
N ALA A 219 1.87 1.88 9.85
CA ALA A 219 1.78 0.44 9.64
C ALA A 219 1.77 0.07 8.17
N ALA A 220 1.12 0.87 7.32
CA ALA A 220 1.01 0.55 5.90
C ALA A 220 2.25 0.96 5.09
N GLU A 221 3.30 1.47 5.75
CA GLU A 221 4.49 1.96 5.07
C GLU A 221 5.77 1.35 5.64
N ASN A 222 5.67 0.26 6.41
CA ASN A 222 6.86 -0.27 7.06
C ASN A 222 6.72 -1.78 7.29
N ILE A 223 7.87 -2.45 7.29
CA ILE A 223 8.04 -3.74 7.95
C ILE A 223 8.37 -3.41 9.40
N ILE A 224 7.59 -3.94 10.33
CA ILE A 224 7.65 -3.53 11.74
C ILE A 224 7.77 -4.76 12.65
N PRO A 225 8.94 -5.03 13.24
CA PRO A 225 9.01 -6.13 14.18
C PRO A 225 8.06 -5.92 15.34
N HIS A 226 7.49 -7.03 15.83
CA HIS A 226 6.34 -6.99 16.72
C HIS A 226 6.39 -8.24 17.58
N THR A 227 6.18 -8.10 18.89
CA THR A 227 6.24 -9.27 19.75
C THR A 227 4.96 -10.06 19.62
N THR A 228 5.05 -11.36 19.92
CA THR A 228 3.88 -12.22 20.07
C THR A 228 4.15 -13.23 21.18
N GLY A 229 3.09 -13.66 21.87
CA GLY A 229 3.22 -14.72 22.85
C GLY A 229 2.91 -16.10 22.33
N ALA A 230 2.59 -16.22 21.04
CA ALA A 230 2.10 -17.47 20.49
C ALA A 230 3.03 -18.63 20.82
N ALA A 231 4.34 -18.40 20.68
CA ALA A 231 5.29 -19.49 20.87
C ALA A 231 5.60 -19.66 22.34
N LYS A 232 5.77 -18.56 23.05
CA LYS A 232 6.15 -18.62 24.46
C LYS A 232 5.09 -19.34 25.29
N ALA A 233 3.82 -19.23 24.90
CA ALA A 233 2.71 -19.76 25.67
C ALA A 233 2.10 -20.99 25.01
N ILE A 234 2.84 -21.64 24.11
CA ILE A 234 2.27 -22.74 23.36
C ILE A 234 1.91 -23.91 24.27
N GLY A 235 2.50 -23.98 25.47
CA GLY A 235 2.25 -25.09 26.36
C GLY A 235 0.83 -25.12 26.89
N LEU A 236 0.13 -23.99 26.87
CA LEU A 236 -1.30 -24.00 27.16
C LEU A 236 -2.10 -24.82 26.14
N VAL A 237 -1.55 -25.05 24.96
CA VAL A 237 -2.26 -25.75 23.89
C VAL A 237 -1.64 -27.11 23.61
N ILE A 238 -0.32 -27.21 23.69
CA ILE A 238 0.42 -28.44 23.45
C ILE A 238 1.38 -28.59 24.63
N PRO A 239 0.99 -29.25 25.73
CA PRO A 239 1.79 -29.12 26.96
C PRO A 239 3.21 -29.64 26.80
N GLU A 240 3.42 -30.63 25.96
CA GLU A 240 4.75 -31.19 25.83
C GLU A 240 5.72 -30.20 25.20
N LEU A 241 5.23 -29.14 24.56
CA LEU A 241 6.13 -28.15 23.98
C LEU A 241 6.34 -26.93 24.85
N SER A 242 5.80 -26.95 26.07
CA SER A 242 5.98 -25.81 26.98
C SER A 242 7.44 -25.45 27.11
N GLY A 243 7.75 -24.17 26.94
CA GLY A 243 9.11 -23.68 27.08
C GLY A 243 10.07 -24.08 25.97
N LYS A 244 9.59 -24.74 24.92
CA LYS A 244 10.48 -25.19 23.84
C LYS A 244 10.50 -24.26 22.62
N LEU A 245 9.61 -23.29 22.54
CA LEU A 245 9.48 -22.42 21.37
C LEU A 245 9.57 -20.97 21.75
N LYS A 246 10.20 -20.16 20.88
CA LYS A 246 10.12 -18.72 20.92
C LYS A 246 9.70 -18.19 19.55
N GLY A 247 9.49 -16.89 19.45
CA GLY A 247 9.17 -16.31 18.16
C GLY A 247 8.79 -14.84 18.26
N HIS A 248 8.62 -14.23 17.09
N HIS A 248 8.66 -14.24 17.08
CA HIS A 248 8.14 -12.86 16.98
CA HIS A 248 8.16 -12.88 16.97
C HIS A 248 7.46 -12.69 15.63
C HIS A 248 7.42 -12.70 15.63
N ALA A 249 6.95 -11.49 15.38
CA ALA A 249 6.29 -11.16 14.12
C ALA A 249 7.03 -10.03 13.38
N GLN A 250 6.86 -10.00 12.05
CA GLN A 250 7.15 -8.83 11.23
C GLN A 250 5.82 -8.38 10.65
N ARG A 251 5.29 -7.27 11.15
CA ARG A 251 4.05 -6.71 10.63
C ARG A 251 4.34 -5.96 9.33
N VAL A 252 3.57 -6.27 8.29
CA VAL A 252 3.81 -5.74 6.95
C VAL A 252 2.52 -5.19 6.36
N PRO A 253 2.64 -4.37 5.25
CA PRO A 253 1.46 -3.67 4.71
C PRO A 253 0.56 -4.52 3.81
N VAL A 254 -0.06 -5.55 4.38
CA VAL A 254 -1.26 -6.14 3.79
C VAL A 254 -2.37 -6.08 4.83
N LYS A 255 -3.61 -5.97 4.35
CA LYS A 255 -4.72 -5.64 5.22
C LYS A 255 -5.20 -6.85 6.03
N THR A 256 -5.06 -8.06 5.47
CA THR A 256 -5.32 -9.29 6.18
C THR A 256 -4.73 -10.42 5.32
N GLY A 257 -4.43 -11.52 5.98
CA GLY A 257 -3.70 -12.60 5.35
C GLY A 257 -2.28 -12.57 5.84
N SER A 258 -1.84 -13.67 6.45
CA SER A 258 -0.58 -13.73 7.17
C SER A 258 0.04 -15.11 6.99
N VAL A 259 1.29 -15.24 7.38
CA VAL A 259 1.97 -16.52 7.20
C VAL A 259 2.95 -16.70 8.35
N THR A 260 3.07 -17.92 8.82
CA THR A 260 3.95 -18.24 9.94
C THR A 260 5.01 -19.23 9.50
N GLU A 261 6.27 -18.90 9.74
CA GLU A 261 7.36 -19.84 9.54
C GLU A 261 7.85 -20.37 10.88
N LEU A 262 8.07 -21.67 10.95
CA LEU A 262 8.65 -22.32 12.13
C LEU A 262 9.93 -23.04 11.72
N VAL A 263 11.02 -22.75 12.41
CA VAL A 263 12.29 -23.46 12.26
C VAL A 263 12.48 -24.32 13.50
N SER A 264 12.58 -25.62 13.29
CA SER A 264 12.60 -26.60 14.38
C SER A 264 13.82 -27.49 14.29
N ILE A 265 14.33 -27.89 15.46
CA ILE A 265 15.10 -29.14 15.56
C ILE A 265 14.12 -30.23 15.94
N LEU A 266 13.99 -31.21 15.06
CA LEU A 266 13.04 -32.28 15.29
C LEU A 266 13.74 -33.45 15.98
N GLY A 267 12.93 -34.36 16.51
CA GLY A 267 13.44 -35.53 17.19
C GLY A 267 13.82 -36.66 16.27
N LYS A 268 13.81 -36.42 14.96
CA LYS A 268 14.10 -37.45 13.98
C LYS A 268 14.70 -36.79 12.74
N LYS A 269 15.58 -37.52 12.06
CA LYS A 269 16.04 -37.13 10.72
C LYS A 269 14.91 -37.31 9.72
N VAL A 270 14.67 -36.29 8.88
CA VAL A 270 13.54 -36.28 7.98
C VAL A 270 13.94 -35.80 6.59
N THR A 271 13.09 -36.13 5.61
CA THR A 271 13.11 -35.47 4.31
C THR A 271 11.90 -34.52 4.20
N ALA A 272 11.95 -33.65 3.19
CA ALA A 272 10.83 -32.74 2.95
C ALA A 272 9.56 -33.51 2.60
N GLU A 273 9.68 -34.48 1.69
CA GLU A 273 8.52 -35.31 1.36
C GLU A 273 7.92 -35.95 2.59
N GLU A 274 8.77 -36.38 3.53
CA GLU A 274 8.32 -37.04 4.74
C GLU A 274 7.55 -36.08 5.64
N VAL A 275 8.05 -34.84 5.79
CA VAL A 275 7.33 -33.81 6.54
C VAL A 275 5.99 -33.50 5.88
N ASN A 276 6.02 -33.24 4.57
CA ASN A 276 4.81 -32.89 3.85
C ASN A 276 3.76 -34.00 3.94
N ASN A 277 4.20 -35.25 3.92
CA ASN A 277 3.25 -36.36 4.02
C ASN A 277 2.61 -36.41 5.40
N ALA A 278 3.41 -36.23 6.45
CA ALA A 278 2.85 -36.18 7.79
C ALA A 278 1.84 -35.05 7.91
N LEU A 279 2.21 -33.83 7.48
CA LEU A 279 1.26 -32.72 7.55
C LEU A 279 0.03 -33.02 6.72
N LYS A 280 0.19 -33.64 5.55
CA LYS A 280 -0.99 -33.96 4.77
C LYS A 280 -1.92 -34.89 5.55
N GLN A 281 -1.36 -35.92 6.19
CA GLN A 281 -2.18 -36.81 6.98
C GLN A 281 -2.91 -36.06 8.09
N ALA A 282 -2.22 -35.15 8.76
CA ALA A 282 -2.85 -34.40 9.84
C ALA A 282 -3.97 -33.47 9.35
N THR A 283 -3.95 -33.05 8.08
CA THR A 283 -4.98 -32.14 7.57
C THR A 283 -6.13 -32.87 6.90
N THR A 284 -6.05 -34.18 6.80
CA THR A 284 -7.10 -34.94 6.12
C THR A 284 -8.31 -35.06 7.05
N ASN A 285 -9.50 -34.80 6.50
CA ASN A 285 -10.72 -34.77 7.31
C ASN A 285 -10.57 -33.83 8.51
N ASN A 286 -9.91 -32.69 8.31
CA ASN A 286 -9.66 -31.72 9.39
C ASN A 286 -10.21 -30.38 8.92
N GLU A 287 -11.39 -30.04 9.44
CA GLU A 287 -12.07 -28.81 9.04
C GLU A 287 -11.33 -27.56 9.53
N SER A 288 -10.39 -27.71 10.46
CA SER A 288 -9.67 -26.57 11.01
C SER A 288 -8.35 -26.30 10.29
N PHE A 289 -7.74 -27.32 9.71
CA PHE A 289 -6.33 -27.33 9.30
C PHE A 289 -6.28 -27.77 7.84
N GLY A 290 -5.88 -26.88 6.96
CA GLY A 290 -5.85 -27.13 5.54
C GLY A 290 -4.43 -27.44 5.09
N TYR A 291 -4.33 -27.81 3.81
CA TYR A 291 -3.07 -28.20 3.16
C TYR A 291 -3.08 -27.63 1.75
N THR A 292 -1.94 -27.08 1.33
CA THR A 292 -1.81 -26.73 -0.08
C THR A 292 -0.42 -27.06 -0.57
N ASP A 293 -0.36 -27.48 -1.84
CA ASP A 293 0.89 -27.53 -2.59
C ASP A 293 0.78 -26.67 -3.83
N GLU A 294 -0.04 -25.63 -3.77
CA GLU A 294 -0.14 -24.65 -4.84
C GLU A 294 0.68 -23.41 -4.45
N GLU A 295 1.08 -22.67 -5.47
CA GLU A 295 1.97 -21.51 -5.32
C GLU A 295 1.20 -20.26 -4.93
N ILE A 296 0.52 -20.33 -3.78
CA ILE A 296 -0.41 -19.26 -3.41
C ILE A 296 0.34 -18.10 -2.79
N VAL A 297 -0.33 -16.96 -2.70
CA VAL A 297 0.19 -15.78 -2.02
C VAL A 297 -0.88 -15.35 -1.01
N SER A 298 -0.58 -14.33 -0.20
CA SER A 298 -1.43 -14.06 0.98
C SER A 298 -2.87 -13.75 0.61
N SER A 299 -3.12 -13.00 -0.48
CA SER A 299 -4.50 -12.65 -0.78
C SER A 299 -5.35 -13.88 -1.07
N ASP A 300 -4.73 -15.02 -1.41
CA ASP A 300 -5.44 -16.27 -1.67
C ASP A 300 -5.98 -16.89 -0.39
N ILE A 301 -5.47 -16.48 0.77
CA ILE A 301 -5.94 -17.03 2.03
C ILE A 301 -7.04 -16.17 2.62
N ILE A 302 -7.30 -15.01 2.05
CA ILE A 302 -8.31 -14.12 2.61
C ILE A 302 -9.66 -14.81 2.47
N GLY A 303 -10.36 -15.00 3.59
CA GLY A 303 -11.64 -15.66 3.57
C GLY A 303 -11.55 -17.15 3.74
N SER A 304 -10.36 -17.66 4.02
CA SER A 304 -10.17 -19.06 4.35
C SER A 304 -11.14 -19.51 5.44
N HIS A 305 -11.62 -20.73 5.32
CA HIS A 305 -12.44 -21.35 6.36
C HIS A 305 -11.62 -22.24 7.26
N PHE A 306 -10.31 -22.15 7.17
CA PHE A 306 -9.39 -22.85 8.05
C PHE A 306 -8.73 -21.84 8.99
N GLY A 307 -8.31 -22.34 10.16
CA GLY A 307 -7.46 -21.56 11.05
C GLY A 307 -6.02 -21.48 10.59
N SER A 308 -5.59 -22.41 9.75
CA SER A 308 -4.20 -22.58 9.35
C SER A 308 -4.22 -23.40 8.06
N VAL A 309 -3.36 -23.08 7.11
CA VAL A 309 -3.20 -23.87 5.88
C VAL A 309 -1.72 -24.15 5.66
N PHE A 310 -1.30 -25.40 5.91
CA PHE A 310 0.08 -25.79 5.72
C PHE A 310 0.44 -25.73 4.24
N ASP A 311 1.58 -25.15 3.92
CA ASP A 311 1.99 -24.92 2.54
C ASP A 311 3.21 -25.78 2.25
N ALA A 312 2.98 -26.92 1.62
CA ALA A 312 4.08 -27.85 1.35
C ALA A 312 5.15 -27.27 0.43
N THR A 313 4.85 -26.24 -0.37
CA THR A 313 5.86 -25.72 -1.30
C THR A 313 6.98 -24.99 -0.59
N GLN A 314 6.76 -24.56 0.66
CA GLN A 314 7.78 -23.83 1.39
C GLN A 314 8.60 -24.70 2.37
N THR A 315 8.33 -25.99 2.47
CA THR A 315 9.10 -26.82 3.40
C THR A 315 10.57 -26.86 3.00
N GLU A 316 11.45 -26.77 4.00
CA GLU A 316 12.89 -26.73 3.75
C GLU A 316 13.64 -27.48 4.85
N ILE A 317 14.46 -28.44 4.45
CA ILE A 317 15.32 -29.20 5.35
C ILE A 317 16.76 -28.78 5.05
N THR A 318 17.43 -28.22 6.05
CA THR A 318 18.85 -27.87 5.98
C THR A 318 19.59 -28.81 6.90
N ALA A 319 20.54 -29.56 6.36
CA ALA A 319 21.25 -30.56 7.16
C ALA A 319 22.75 -30.52 6.90
N VAL A 320 23.51 -30.61 7.98
CA VAL A 320 24.95 -30.82 7.97
C VAL A 320 25.24 -31.92 8.98
N GLY A 321 25.69 -33.07 8.50
CA GLY A 321 25.80 -34.25 9.36
C GLY A 321 24.49 -34.57 10.07
N ASP A 322 24.61 -34.71 11.39
N ASP A 322 24.53 -34.79 11.39
CA ASP A 322 23.54 -34.96 12.34
CA ASP A 322 23.27 -34.99 12.14
C ASP A 322 22.84 -33.67 12.80
C ASP A 322 22.60 -33.68 12.52
N LEU A 323 23.21 -32.53 12.23
CA LEU A 323 22.60 -31.25 12.54
C LEU A 323 21.57 -30.95 11.45
N GLN A 324 20.31 -30.81 11.85
CA GLN A 324 19.21 -30.66 10.93
C GLN A 324 18.27 -29.57 11.40
N LEU A 325 17.95 -28.63 10.51
CA LEU A 325 16.95 -27.60 10.72
C LEU A 325 15.79 -27.80 9.76
N VAL A 326 14.58 -27.69 10.28
CA VAL A 326 13.38 -27.93 9.50
C VAL A 326 12.51 -26.69 9.57
N LYS A 327 12.17 -26.17 8.41
CA LYS A 327 11.36 -24.97 8.28
C LYS A 327 10.04 -25.38 7.70
N THR A 328 8.96 -25.12 8.43
CA THR A 328 7.63 -25.41 7.94
C THR A 328 6.80 -24.12 8.01
N VAL A 329 5.90 -23.97 7.05
CA VAL A 329 5.23 -22.70 6.79
C VAL A 329 3.74 -22.96 6.62
N ALA A 330 2.93 -22.15 7.28
CA ALA A 330 1.48 -22.24 7.16
C ALA A 330 0.87 -20.85 7.04
N TRP A 331 -0.08 -20.72 6.12
CA TRP A 331 -0.81 -19.46 5.93
C TRP A 331 -1.95 -19.39 6.92
N TYR A 332 -2.43 -18.17 7.16
CA TYR A 332 -3.65 -18.00 7.94
C TYR A 332 -4.26 -16.64 7.66
N ASP A 333 -5.58 -16.64 7.48
CA ASP A 333 -6.31 -15.37 7.46
C ASP A 333 -6.55 -15.00 8.91
N ASN A 334 -5.71 -14.10 9.42
CA ASN A 334 -5.74 -13.71 10.83
C ASN A 334 -7.08 -13.15 11.26
N GLU A 335 -7.88 -12.63 10.33
CA GLU A 335 -9.27 -12.25 10.61
C GLU A 335 -10.21 -13.43 10.39
N TYR A 336 -10.66 -13.69 9.16
CA TYR A 336 -11.78 -14.63 9.01
C TYR A 336 -11.41 -16.05 9.40
N GLY A 337 -10.19 -16.50 9.06
CA GLY A 337 -9.83 -17.88 9.32
C GLY A 337 -9.77 -18.17 10.80
N PHE A 338 -9.14 -17.27 11.55
CA PHE A 338 -9.18 -17.35 13.00
C PHE A 338 -10.62 -17.38 13.50
N VAL A 339 -11.47 -16.51 12.96
CA VAL A 339 -12.85 -16.45 13.40
C VAL A 339 -13.52 -17.81 13.20
N THR A 340 -13.19 -18.54 12.12
CA THR A 340 -13.83 -19.85 11.97
C THR A 340 -13.47 -20.79 13.11
N GLN A 341 -12.23 -20.71 13.60
CA GLN A 341 -11.81 -21.48 14.77
C GLN A 341 -12.52 -21.03 16.03
N LEU A 342 -12.65 -19.72 16.22
CA LEU A 342 -13.40 -19.20 17.35
C LEU A 342 -14.82 -19.74 17.36
N ILE A 343 -15.48 -19.73 16.20
CA ILE A 343 -16.86 -20.22 16.13
C ILE A 343 -16.93 -21.72 16.39
N ARG A 344 -15.96 -22.48 15.89
CA ARG A 344 -15.97 -23.91 16.18
C ARG A 344 -15.92 -24.13 17.68
N THR A 345 -15.02 -23.41 18.37
CA THR A 345 -14.88 -23.57 19.81
C THR A 345 -16.14 -23.09 20.53
N LEU A 346 -16.71 -22.00 20.06
CA LEU A 346 -17.95 -21.50 20.65
C LEU A 346 -19.09 -22.52 20.53
N GLU A 347 -19.25 -23.13 19.36
N GLU A 347 -19.24 -23.14 19.36
CA GLU A 347 -20.33 -24.09 19.19
CA GLU A 347 -20.31 -24.11 19.17
C GLU A 347 -20.16 -25.27 20.16
C GLU A 347 -20.16 -25.30 20.12
N LYS A 348 -18.91 -25.73 20.36
CA LYS A 348 -18.67 -26.81 21.31
C LYS A 348 -18.90 -26.34 22.75
N PHE A 349 -18.34 -25.17 23.08
CA PHE A 349 -18.50 -24.54 24.40
C PHE A 349 -19.97 -24.52 24.81
N ALA A 350 -20.83 -24.09 23.90
CA ALA A 350 -22.24 -23.91 24.20
C ALA A 350 -22.96 -25.22 24.44
N LYS A 351 -22.33 -26.35 24.13
CA LYS A 351 -22.96 -27.66 24.22
C LYS A 351 -22.34 -28.56 25.28
N LEU A 352 -21.64 -27.96 26.25
CA LEU A 352 -21.05 -28.67 27.39
C LEU A 352 -21.76 -28.27 28.68
N MET B 20 42.31 2.26 -15.93
CA MET B 20 40.93 2.31 -16.49
C MET B 20 39.94 2.80 -15.43
N SER B 21 39.51 4.04 -15.60
CA SER B 21 38.51 4.66 -14.73
C SER B 21 37.30 5.11 -15.53
N LYS B 22 37.19 4.66 -16.77
CA LYS B 22 36.02 4.97 -17.58
C LYS B 22 35.09 3.78 -17.52
N VAL B 23 33.84 4.06 -17.23
CA VAL B 23 32.83 3.07 -16.92
C VAL B 23 31.67 3.24 -17.87
N GLY B 24 31.06 2.13 -18.28
CA GLY B 24 29.73 2.15 -18.86
C GLY B 24 28.73 1.41 -17.98
N ILE B 25 27.49 1.87 -18.00
CA ILE B 25 26.39 1.19 -17.29
C ILE B 25 25.49 0.53 -18.32
N ASN B 26 25.31 -0.80 -18.21
CA ASN B 26 24.30 -1.51 -18.98
C ASN B 26 23.12 -1.77 -18.07
N GLY B 27 21.99 -1.15 -18.40
CA GLY B 27 20.80 -1.24 -17.58
C GLY B 27 20.72 -0.07 -16.63
N PHE B 28 20.07 0.98 -17.11
CA PHE B 28 19.94 2.21 -16.33
C PHE B 28 18.62 2.24 -15.56
N GLY B 29 18.39 1.20 -14.77
CA GLY B 29 17.19 1.00 -13.98
C GLY B 29 17.35 1.45 -12.55
N ARG B 30 16.67 0.75 -11.64
CA ARG B 30 16.78 1.11 -10.23
C ARG B 30 18.24 1.08 -9.78
N ILE B 31 18.92 -0.01 -10.05
CA ILE B 31 20.32 -0.09 -9.63
C ILE B 31 21.21 0.79 -10.50
N GLY B 32 21.01 0.78 -11.82
CA GLY B 32 21.90 1.54 -12.69
C GLY B 32 21.88 3.02 -12.39
N ARG B 33 20.68 3.59 -12.26
CA ARG B 33 20.59 5.02 -11.96
C ARG B 33 21.16 5.36 -10.58
N LEU B 34 21.02 4.47 -9.61
CA LEU B 34 21.57 4.77 -8.28
C LEU B 34 23.08 4.62 -8.23
N VAL B 35 23.62 3.73 -9.08
CA VAL B 35 25.07 3.64 -9.28
C VAL B 35 25.63 5.00 -9.68
N LEU B 36 24.99 5.67 -10.64
CA LEU B 36 25.45 7.00 -11.02
C LEU B 36 25.29 7.99 -9.88
N ARG B 37 24.13 7.95 -9.21
CA ARG B 37 23.93 8.87 -8.08
C ARG B 37 24.99 8.70 -7.00
N ARG B 38 25.35 7.46 -6.70
CA ARG B 38 26.29 7.25 -5.62
C ARG B 38 27.70 7.63 -6.04
N LEU B 39 28.07 7.37 -7.29
CA LEU B 39 29.39 7.79 -7.76
C LEU B 39 29.54 9.29 -7.63
N LEU B 40 28.53 10.06 -8.06
CA LEU B 40 28.59 11.50 -7.90
C LEU B 40 28.61 11.87 -6.42
N GLU B 41 27.84 11.16 -5.60
CA GLU B 41 27.72 11.52 -4.19
C GLU B 41 29.06 11.39 -3.46
N VAL B 42 29.84 10.34 -3.74
CA VAL B 42 31.14 10.16 -3.10
C VAL B 42 32.25 10.83 -3.91
N LYS B 43 31.89 11.65 -4.88
CA LYS B 43 32.87 12.38 -5.69
C LYS B 43 33.93 11.42 -6.22
N SER B 44 33.47 10.30 -6.76
CA SER B 44 34.39 9.31 -7.30
C SER B 44 35.23 9.87 -8.45
N ASN B 45 36.45 9.34 -8.55
CA ASN B 45 37.35 9.50 -9.70
C ASN B 45 36.83 8.79 -10.94
N ILE B 46 35.95 7.82 -10.75
CA ILE B 46 35.41 7.09 -11.88
C ILE B 46 34.62 8.03 -12.79
N ASP B 47 34.67 7.74 -14.07
CA ASP B 47 34.12 8.56 -15.13
C ASP B 47 33.09 7.71 -15.88
N VAL B 48 31.81 7.97 -15.66
CA VAL B 48 30.78 7.25 -16.40
C VAL B 48 30.66 7.91 -17.78
N VAL B 49 31.11 7.21 -18.82
CA VAL B 49 31.15 7.80 -20.15
C VAL B 49 30.01 7.33 -21.05
N ALA B 50 29.37 6.20 -20.72
CA ALA B 50 28.31 5.67 -21.58
C ALA B 50 27.31 4.87 -20.76
N ILE B 51 26.07 4.92 -21.23
CA ILE B 51 24.93 4.19 -20.71
C ILE B 51 24.26 3.47 -21.87
N ASN B 52 23.95 2.19 -21.68
CA ASN B 52 23.09 1.44 -22.59
C ASN B 52 21.81 1.05 -21.86
N ASP B 53 20.69 1.18 -22.55
CA ASP B 53 19.41 0.71 -22.05
C ASP B 53 18.56 0.42 -23.29
N LEU B 54 17.25 0.58 -23.16
CA LEU B 54 16.30 0.26 -24.21
C LEU B 54 15.48 1.46 -24.64
N THR B 55 15.81 2.66 -24.19
CA THR B 55 14.86 3.76 -24.40
C THR B 55 15.61 5.00 -24.84
N SER B 56 14.93 6.07 -24.87
CA SER B 56 15.39 7.38 -25.30
C SER B 56 16.09 8.12 -24.18
N PRO B 57 17.03 9.01 -24.52
CA PRO B 57 17.63 9.87 -23.51
C PRO B 57 16.61 10.69 -22.74
N LYS B 58 15.53 11.10 -23.39
CA LYS B 58 14.49 11.86 -22.71
C LYS B 58 13.89 11.07 -21.56
N ILE B 59 13.53 9.82 -21.80
CA ILE B 59 12.91 9.01 -20.76
C ILE B 59 13.93 8.73 -19.65
N LEU B 60 15.17 8.39 -20.00
CA LEU B 60 16.20 8.15 -18.99
C LEU B 60 16.45 9.39 -18.14
N ALA B 61 16.43 10.58 -18.77
CA ALA B 61 16.65 11.81 -18.03
C ALA B 61 15.54 12.05 -17.02
N TYR B 62 14.29 11.89 -17.48
CA TYR B 62 13.15 12.03 -16.59
C TYR B 62 13.28 11.08 -15.40
N LEU B 63 13.64 9.83 -15.66
CA LEU B 63 13.75 8.86 -14.58
C LEU B 63 14.89 9.19 -13.63
N LEU B 64 16.02 9.69 -14.17
CA LEU B 64 17.12 10.07 -13.31
C LEU B 64 16.77 11.28 -12.47
N LYS B 65 15.98 12.22 -13.02
CA LYS B 65 15.71 13.45 -12.31
C LYS B 65 14.74 13.23 -11.15
N HIS B 66 13.77 12.33 -11.33
CA HIS B 66 12.66 12.17 -10.40
C HIS B 66 12.64 10.72 -9.91
N ASP B 67 12.87 10.52 -8.61
CA ASP B 67 13.00 9.16 -8.07
C ASP B 67 11.98 8.94 -6.96
N SER B 68 11.08 7.98 -7.17
CA SER B 68 10.01 7.76 -6.20
C SER B 68 10.53 7.35 -4.83
N ASN B 69 11.72 6.77 -4.75
CA ASN B 69 12.23 6.31 -3.47
C ASN B 69 13.21 7.27 -2.82
N TYR B 70 13.98 8.02 -3.61
CA TYR B 70 15.05 8.85 -3.08
C TYR B 70 14.92 10.33 -3.42
N GLY B 71 13.85 10.73 -4.10
CA GLY B 71 13.57 12.13 -4.33
C GLY B 71 14.41 12.73 -5.44
N PRO B 72 14.40 14.05 -5.52
CA PRO B 72 15.05 14.73 -6.66
C PRO B 72 16.54 14.40 -6.78
N PHE B 73 17.00 14.28 -8.03
CA PHE B 73 18.41 14.06 -8.26
C PHE B 73 19.20 15.27 -7.75
N PRO B 74 20.26 15.08 -6.96
CA PRO B 74 20.97 16.24 -6.40
C PRO B 74 21.79 17.03 -7.41
N TRP B 75 21.85 16.67 -8.69
CA TRP B 75 22.63 17.39 -9.70
C TRP B 75 21.75 17.67 -10.92
N SER B 76 22.25 18.55 -11.80
CA SER B 76 21.50 18.93 -12.99
C SER B 76 21.40 17.75 -13.96
N VAL B 77 20.27 17.66 -14.66
CA VAL B 77 20.07 16.60 -15.67
C VAL B 77 19.42 17.23 -16.89
N ASP B 78 20.06 17.07 -18.04
CA ASP B 78 19.45 17.42 -19.32
C ASP B 78 19.75 16.26 -20.26
N PHE B 79 19.34 16.38 -21.52
CA PHE B 79 19.58 15.32 -22.47
C PHE B 79 19.66 15.94 -23.86
N THR B 80 20.30 15.22 -24.79
CA THR B 80 20.17 15.47 -26.21
C THR B 80 19.58 14.22 -26.84
N GLU B 81 19.52 14.21 -28.17
CA GLU B 81 18.95 13.07 -28.87
C GLU B 81 19.76 11.80 -28.67
N ASP B 82 21.02 11.90 -28.24
CA ASP B 82 21.79 10.68 -28.05
C ASP B 82 22.65 10.70 -26.79
N SER B 83 22.31 11.52 -25.80
CA SER B 83 23.15 11.61 -24.63
C SER B 83 22.34 12.12 -23.46
N LEU B 84 22.88 11.90 -22.25
CA LEU B 84 22.52 12.65 -21.06
C LEU B 84 23.60 13.66 -20.73
N ILE B 85 23.20 14.77 -20.10
CA ILE B 85 24.14 15.73 -19.54
C ILE B 85 23.87 15.85 -18.05
N VAL B 86 24.80 15.35 -17.25
CA VAL B 86 24.59 15.18 -15.82
C VAL B 86 25.65 15.97 -15.09
N ASP B 87 25.22 16.93 -14.29
CA ASP B 87 26.16 17.83 -13.63
C ASP B 87 27.12 18.46 -14.63
N GLY B 88 26.61 18.82 -15.80
CA GLY B 88 27.41 19.46 -16.83
C GLY B 88 28.13 18.53 -17.77
N LYS B 89 28.17 17.23 -17.47
CA LYS B 89 29.03 16.27 -18.14
C LYS B 89 28.22 15.35 -19.05
N SER B 90 28.70 15.18 -20.27
CA SER B 90 28.01 14.40 -21.29
C SER B 90 28.23 12.91 -21.09
N ILE B 91 27.15 12.15 -21.17
CA ILE B 91 27.19 10.70 -21.12
C ILE B 91 26.47 10.18 -22.36
N ALA B 92 27.18 9.43 -23.20
CA ALA B 92 26.55 8.85 -24.37
C ALA B 92 25.46 7.85 -23.95
N VAL B 93 24.38 7.80 -24.73
CA VAL B 93 23.30 6.86 -24.49
C VAL B 93 23.15 5.94 -25.72
N TYR B 94 23.26 4.64 -25.49
CA TYR B 94 22.97 3.66 -26.51
C TYR B 94 21.72 2.85 -26.14
N ALA B 95 21.16 2.16 -27.14
CA ALA B 95 19.94 1.39 -26.98
C ALA B 95 20.09 0.04 -27.68
N GLU B 96 21.13 -0.73 -27.30
CA GLU B 96 21.39 -2.01 -27.93
C GLU B 96 20.94 -3.12 -26.99
N LYS B 97 19.90 -3.87 -27.41
CA LYS B 97 19.36 -4.89 -26.53
C LYS B 97 20.25 -6.13 -26.45
N GLU B 98 21.25 -6.25 -27.32
CA GLU B 98 22.25 -7.31 -27.22
C GLU B 98 23.58 -6.69 -26.86
N ALA B 99 24.15 -7.11 -25.73
CA ALA B 99 25.35 -6.46 -25.22
C ALA B 99 26.51 -6.51 -26.21
N LYS B 100 26.61 -7.59 -26.99
CA LYS B 100 27.74 -7.68 -27.93
C LYS B 100 27.72 -6.54 -28.94
N ASN B 101 26.58 -5.89 -29.15
CA ASN B 101 26.46 -4.77 -30.06
C ASN B 101 26.67 -3.41 -29.41
N ILE B 102 26.90 -3.34 -28.11
CA ILE B 102 27.05 -2.02 -27.48
C ILE B 102 28.39 -1.43 -27.93
N PRO B 103 28.42 -0.23 -28.43
CA PRO B 103 29.71 0.31 -28.95
C PRO B 103 30.58 0.91 -27.85
N TRP B 104 31.08 0.07 -26.93
CA TRP B 104 31.74 0.62 -25.74
C TRP B 104 33.05 1.32 -26.08
N LYS B 105 33.69 0.97 -27.21
CA LYS B 105 34.96 1.60 -27.57
C LYS B 105 34.80 3.06 -28.03
N ALA B 106 33.59 3.50 -28.38
CA ALA B 106 33.47 4.85 -28.92
C ALA B 106 33.89 5.88 -27.90
N LYS B 107 33.46 5.74 -26.64
CA LYS B 107 33.90 6.62 -25.58
C LYS B 107 34.88 5.94 -24.63
N GLY B 108 35.36 4.75 -24.97
CA GLY B 108 36.40 4.12 -24.18
C GLY B 108 35.95 3.56 -22.85
N ALA B 109 34.72 3.08 -22.78
CA ALA B 109 34.26 2.43 -21.54
C ALA B 109 35.03 1.14 -21.33
N GLU B 110 35.75 1.04 -20.21
CA GLU B 110 36.57 -0.12 -19.92
C GLU B 110 35.92 -1.08 -18.95
N ILE B 111 35.21 -0.57 -17.94
CA ILE B 111 34.52 -1.38 -16.96
C ILE B 111 33.03 -1.16 -17.13
N ILE B 112 32.30 -2.26 -17.33
CA ILE B 112 30.85 -2.21 -17.45
C ILE B 112 30.22 -2.64 -16.15
N VAL B 113 29.33 -1.81 -15.62
CA VAL B 113 28.51 -2.19 -14.47
C VAL B 113 27.24 -2.77 -15.07
N GLU B 114 27.13 -4.10 -15.05
CA GLU B 114 26.06 -4.83 -15.73
C GLU B 114 24.85 -4.94 -14.80
N CYS B 115 23.80 -4.16 -15.08
CA CYS B 115 22.64 -4.00 -14.21
C CYS B 115 21.33 -4.29 -14.91
N THR B 116 21.34 -5.12 -15.97
CA THR B 116 20.09 -5.42 -16.67
C THR B 116 19.41 -6.68 -16.17
N GLY B 117 20.14 -7.55 -15.46
CA GLY B 117 19.64 -8.85 -15.14
C GLY B 117 19.67 -9.87 -16.26
N PHE B 118 20.09 -9.50 -17.47
CA PHE B 118 20.07 -10.44 -18.59
C PHE B 118 21.42 -11.04 -18.91
N TYR B 119 22.46 -10.76 -18.15
CA TYR B 119 23.80 -11.25 -18.48
C TYR B 119 24.49 -11.79 -17.23
N THR B 120 23.76 -12.54 -16.42
CA THR B 120 24.24 -12.96 -15.09
C THR B 120 24.96 -14.30 -15.19
N SER B 121 25.97 -14.35 -16.05
CA SER B 121 26.89 -15.47 -16.13
C SER B 121 28.14 -15.00 -16.85
N ALA B 122 29.22 -15.75 -16.64
CA ALA B 122 30.47 -15.48 -17.34
C ALA B 122 30.27 -15.53 -18.85
N GLU B 123 29.57 -16.54 -19.34
CA GLU B 123 29.36 -16.71 -20.78
C GLU B 123 28.56 -15.55 -21.36
N LYS B 124 27.57 -15.06 -20.62
CA LYS B 124 26.73 -13.97 -21.10
C LYS B 124 27.45 -12.62 -21.07
N SER B 125 28.13 -12.31 -19.96
CA SER B 125 28.78 -11.00 -19.83
C SER B 125 30.08 -10.89 -20.63
N GLN B 126 30.61 -12.03 -21.11
CA GLN B 126 31.68 -12.03 -22.11
C GLN B 126 31.34 -11.14 -23.29
N ALA B 127 30.05 -10.99 -23.58
CA ALA B 127 29.62 -10.15 -24.68
C ALA B 127 30.16 -8.74 -24.55
N HIS B 128 30.23 -8.21 -23.32
CA HIS B 128 30.76 -6.86 -23.13
C HIS B 128 32.23 -6.79 -23.51
N LEU B 129 32.98 -7.87 -23.27
CA LEU B 129 34.39 -7.91 -23.64
C LEU B 129 34.53 -8.05 -25.15
N ASP B 130 33.71 -8.91 -25.76
CA ASP B 130 33.64 -8.91 -27.22
C ASP B 130 33.26 -7.53 -27.75
N ALA B 131 32.47 -6.75 -26.99
CA ALA B 131 32.09 -5.42 -27.45
C ALA B 131 33.12 -4.34 -27.13
N GLY B 132 34.30 -4.68 -26.62
CA GLY B 132 35.37 -3.71 -26.46
C GLY B 132 35.69 -3.29 -25.05
N ALA B 133 34.92 -3.71 -24.06
CA ALA B 133 35.26 -3.41 -22.68
C ALA B 133 36.34 -4.37 -22.19
N LYS B 134 36.94 -4.02 -21.06
CA LYS B 134 37.97 -4.83 -20.42
C LYS B 134 37.47 -5.65 -19.24
N LYS B 135 36.45 -5.16 -18.51
CA LYS B 135 36.02 -5.80 -17.28
C LYS B 135 34.51 -5.62 -17.14
N VAL B 136 33.89 -6.56 -16.43
CA VAL B 136 32.47 -6.48 -16.10
C VAL B 136 32.29 -6.71 -14.61
N LEU B 137 31.47 -5.88 -13.98
CA LEU B 137 31.00 -6.05 -12.61
C LEU B 137 29.49 -6.23 -12.70
N ILE B 138 29.02 -7.43 -12.39
CA ILE B 138 27.61 -7.78 -12.50
C ILE B 138 26.90 -7.50 -11.17
N SER B 139 25.78 -6.75 -11.24
CA SER B 139 25.05 -6.33 -10.04
C SER B 139 24.13 -7.42 -9.49
N ALA B 140 24.51 -8.69 -9.61
CA ALA B 140 23.64 -9.79 -9.22
C ALA B 140 24.48 -11.06 -9.15
N PRO B 141 23.97 -12.10 -8.48
CA PRO B 141 24.62 -13.41 -8.57
C PRO B 141 24.80 -13.78 -10.02
N ALA B 142 25.90 -14.45 -10.31
CA ALA B 142 26.19 -14.81 -11.69
C ALA B 142 26.89 -16.15 -11.76
N GLY B 143 26.42 -17.12 -10.98
CA GLY B 143 27.00 -18.45 -11.01
C GLY B 143 28.37 -18.48 -10.33
N GLU B 144 29.16 -19.48 -10.74
CA GLU B 144 30.45 -19.76 -10.10
C GLU B 144 31.50 -18.87 -10.73
N MET B 145 31.58 -17.65 -10.21
CA MET B 145 32.62 -16.69 -10.53
C MET B 145 32.96 -15.96 -9.24
N LYS B 146 34.06 -15.22 -9.28
CA LYS B 146 34.41 -14.36 -8.16
C LYS B 146 33.21 -13.55 -7.75
N THR B 147 32.83 -13.65 -6.48
CA THR B 147 31.63 -12.98 -5.98
C THR B 147 32.01 -12.24 -4.71
N ILE B 148 31.86 -10.92 -4.72
CA ILE B 148 32.42 -10.06 -3.68
C ILE B 148 31.31 -9.45 -2.83
N VAL B 149 31.37 -9.64 -1.52
CA VAL B 149 30.70 -8.76 -0.59
C VAL B 149 31.78 -7.88 0.03
N TYR B 150 31.69 -6.59 -0.19
CA TYR B 150 32.75 -5.71 0.26
C TYR B 150 32.84 -5.73 1.78
N ASN B 151 34.08 -5.72 2.26
CA ASN B 151 34.42 -5.85 3.68
C ASN B 151 34.01 -7.20 4.25
N VAL B 152 33.74 -8.17 3.40
CA VAL B 152 33.80 -9.56 3.75
C VAL B 152 34.91 -10.29 3.02
N ASN B 153 34.92 -10.23 1.68
CA ASN B 153 35.94 -10.96 0.93
C ASN B 153 36.48 -10.17 -0.26
N ASP B 154 36.49 -8.84 -0.20
CA ASP B 154 36.99 -8.10 -1.35
C ASP B 154 38.48 -8.28 -1.56
N ASP B 155 39.21 -8.73 -0.53
N ASP B 155 39.23 -8.69 -0.54
CA ASP B 155 40.65 -9.03 -0.67
CA ASP B 155 40.65 -8.94 -0.75
C ASP B 155 40.92 -10.20 -1.61
C ASP B 155 40.89 -10.08 -1.74
N THR B 156 39.89 -10.91 -2.04
CA THR B 156 40.08 -11.97 -3.02
C THR B 156 40.08 -11.44 -4.44
N LEU B 157 39.68 -10.18 -4.65
CA LEU B 157 39.74 -9.59 -5.99
C LEU B 157 41.17 -9.42 -6.46
N ASP B 158 41.36 -9.63 -7.75
CA ASP B 158 42.68 -9.87 -8.33
C ASP B 158 42.83 -9.06 -9.61
N GLY B 159 44.06 -8.60 -9.86
CA GLY B 159 44.35 -7.83 -11.05
C GLY B 159 43.98 -8.52 -12.35
N ASN B 160 43.92 -9.86 -12.35
CA ASN B 160 43.58 -10.61 -13.54
C ASN B 160 42.09 -10.91 -13.67
N ASP B 161 41.27 -10.56 -12.68
CA ASP B 161 39.84 -10.75 -12.82
C ASP B 161 39.28 -9.80 -13.87
N THR B 162 38.43 -10.33 -14.75
CA THR B 162 37.73 -9.50 -15.72
C THR B 162 36.21 -9.58 -15.64
N ILE B 163 35.64 -10.64 -15.09
CA ILE B 163 34.19 -10.70 -14.86
C ILE B 163 33.93 -11.12 -13.44
N VAL B 164 33.20 -10.30 -12.71
N VAL B 164 33.27 -10.26 -12.67
CA VAL B 164 33.04 -10.41 -11.27
CA VAL B 164 33.03 -10.50 -11.26
C VAL B 164 31.60 -10.07 -10.91
C VAL B 164 31.59 -10.12 -10.93
N SER B 165 31.09 -10.69 -9.84
CA SER B 165 29.75 -10.46 -9.32
C SER B 165 29.83 -9.82 -7.94
N VAL B 166 28.83 -8.99 -7.61
CA VAL B 166 28.64 -8.55 -6.23
C VAL B 166 27.48 -9.28 -5.54
N ALA B 167 26.99 -10.36 -6.14
CA ALA B 167 25.88 -11.14 -5.61
C ALA B 167 24.63 -10.28 -5.54
N SER B 168 23.71 -10.63 -4.65
CA SER B 168 22.43 -9.96 -4.53
C SER B 168 22.45 -8.99 -3.35
N CYS B 169 21.43 -8.14 -3.29
CA CYS B 169 21.24 -7.37 -2.07
C CYS B 169 21.14 -8.31 -0.87
N THR B 170 20.47 -9.45 -1.04
CA THR B 170 20.29 -10.35 0.09
C THR B 170 21.62 -10.93 0.55
N THR B 171 22.49 -11.31 -0.39
CA THR B 171 23.82 -11.79 -0.03
C THR B 171 24.60 -10.73 0.73
N ASN B 172 24.51 -9.49 0.29
CA ASN B 172 25.22 -8.42 0.98
C ASN B 172 24.64 -8.18 2.38
N CYS B 173 23.39 -8.55 2.60
CA CYS B 173 22.85 -8.45 3.95
C CYS B 173 23.26 -9.65 4.80
N LEU B 174 23.16 -10.86 4.24
CA LEU B 174 23.43 -12.08 4.98
C LEU B 174 24.92 -12.24 5.29
N ALA B 175 25.80 -11.99 4.32
CA ALA B 175 27.21 -12.36 4.48
C ALA B 175 27.92 -11.64 5.63
N PRO B 176 27.78 -10.34 5.83
CA PRO B 176 28.53 -9.70 6.92
C PRO B 176 28.14 -10.27 8.27
N MET B 177 26.83 -10.53 8.45
CA MET B 177 26.34 -11.11 9.69
C MET B 177 26.81 -12.56 9.84
N ALA B 178 26.73 -13.35 8.76
CA ALA B 178 27.19 -14.74 8.88
C ALA B 178 28.69 -14.81 9.11
N LYS B 179 29.45 -13.89 8.52
CA LYS B 179 30.89 -13.88 8.71
C LYS B 179 31.22 -13.63 10.18
N ALA B 180 30.55 -12.65 10.78
CA ALA B 180 30.80 -12.32 12.18
C ALA B 180 30.50 -13.51 13.08
N LEU B 181 29.35 -14.14 12.88
CA LEU B 181 28.96 -15.29 13.69
C LEU B 181 29.90 -16.47 13.48
N HIS B 182 30.25 -16.74 12.22
CA HIS B 182 31.23 -17.76 11.88
C HIS B 182 32.56 -17.52 12.58
N ASP B 183 33.08 -16.28 12.50
CA ASP B 183 34.38 -16.00 13.08
C ASP B 183 34.35 -16.16 14.60
N SER B 184 33.27 -15.71 15.24
CA SER B 184 33.19 -15.67 16.70
C SER B 184 32.77 -16.99 17.30
N PHE B 185 31.80 -17.68 16.69
CA PHE B 185 31.18 -18.85 17.32
C PHE B 185 31.15 -20.09 16.45
N GLY B 186 31.37 -19.98 15.15
CA GLY B 186 31.09 -21.09 14.26
C GLY B 186 29.60 -21.19 13.94
N ILE B 187 29.26 -21.36 12.66
CA ILE B 187 27.89 -21.68 12.25
C ILE B 187 27.90 -23.10 11.73
N GLU B 188 27.18 -23.99 12.43
CA GLU B 188 27.15 -25.38 12.00
C GLU B 188 26.13 -25.59 10.91
N VAL B 189 25.01 -24.87 10.98
CA VAL B 189 23.94 -25.01 10.00
C VAL B 189 23.00 -23.83 10.26
N GLY B 190 22.32 -23.36 9.24
CA GLY B 190 21.43 -22.22 9.45
C GLY B 190 20.50 -22.05 8.28
N THR B 191 19.38 -21.37 8.56
CA THR B 191 18.45 -21.04 7.50
C THR B 191 17.95 -19.61 7.70
N MET B 192 17.71 -18.96 6.57
CA MET B 192 17.48 -17.54 6.45
C MET B 192 16.10 -17.28 5.86
N THR B 193 15.44 -16.25 6.35
CA THR B 193 14.27 -15.69 5.68
C THR B 193 14.44 -14.19 5.63
N THR B 194 14.37 -13.62 4.43
CA THR B 194 14.38 -12.19 4.29
C THR B 194 12.97 -11.71 4.00
N ILE B 195 12.53 -10.70 4.74
CA ILE B 195 11.26 -10.05 4.51
C ILE B 195 11.62 -8.81 3.72
N ALA B 196 11.31 -8.83 2.41
CA ALA B 196 11.99 -7.97 1.45
C ALA B 196 11.01 -7.11 0.65
N ALA B 197 11.41 -5.87 0.41
CA ALA B 197 10.69 -4.98 -0.50
C ALA B 197 10.50 -5.61 -1.86
N TYR B 198 9.38 -5.30 -2.49
CA TYR B 198 9.16 -5.79 -3.85
C TYR B 198 10.07 -5.08 -4.86
N THR B 199 10.35 -5.75 -5.97
CA THR B 199 11.24 -5.24 -7.00
C THR B 199 10.61 -5.44 -8.37
N GLY B 200 11.29 -4.94 -9.39
CA GLY B 200 10.80 -4.98 -10.75
C GLY B 200 10.69 -6.37 -11.34
N THR B 201 11.25 -7.41 -10.72
CA THR B 201 10.98 -8.76 -11.24
C THR B 201 9.58 -9.24 -10.92
N GLN B 202 8.83 -8.52 -10.11
CA GLN B 202 7.49 -8.95 -9.76
C GLN B 202 6.47 -8.33 -10.72
N SER B 203 5.18 -8.37 -10.38
CA SER B 203 4.13 -7.83 -11.24
C SER B 203 3.29 -6.80 -10.51
N LEU B 204 2.82 -5.80 -11.25
CA LEU B 204 1.95 -4.78 -10.68
C LEU B 204 0.53 -5.31 -10.50
N VAL B 205 -0.02 -5.94 -11.55
CA VAL B 205 -1.32 -6.60 -11.51
C VAL B 205 -1.07 -8.07 -11.81
N ASP B 206 -2.02 -8.92 -11.41
CA ASP B 206 -1.89 -10.35 -11.66
C ASP B 206 -1.79 -10.57 -13.16
N GLY B 207 -0.72 -11.25 -13.60
CA GLY B 207 -0.49 -11.51 -15.02
C GLY B 207 0.80 -12.28 -15.28
N PRO B 208 0.92 -12.89 -16.46
CA PRO B 208 2.07 -13.75 -16.73
C PRO B 208 3.39 -13.06 -16.45
N ARG B 209 4.28 -13.77 -15.74
CA ARG B 209 5.62 -13.26 -15.46
C ARG B 209 6.59 -14.40 -15.72
N GLY B 210 6.82 -14.68 -16.99
CA GLY B 210 7.60 -15.85 -17.32
C GLY B 210 6.93 -17.04 -16.68
N LYS B 211 7.74 -17.86 -16.00
CA LYS B 211 7.31 -19.13 -15.42
C LYS B 211 7.40 -19.17 -13.91
N ASP B 212 7.72 -18.05 -13.25
CA ASP B 212 7.65 -17.98 -11.80
C ASP B 212 6.20 -17.60 -11.50
N LEU B 213 5.42 -18.57 -11.03
CA LEU B 213 4.00 -18.32 -10.79
C LEU B 213 3.81 -17.24 -9.72
N ARG B 214 4.50 -17.38 -8.57
CA ARG B 214 4.34 -16.39 -7.51
C ARG B 214 4.76 -15.02 -8.00
N ALA B 215 5.73 -14.93 -8.91
CA ALA B 215 6.13 -13.64 -9.45
C ALA B 215 5.06 -13.00 -10.32
N SER B 216 4.04 -13.76 -10.72
CA SER B 216 2.97 -13.25 -11.55
C SER B 216 1.93 -12.45 -10.77
N ARG B 217 2.04 -12.35 -9.44
CA ARG B 217 0.97 -11.82 -8.62
C ARG B 217 1.27 -10.38 -8.18
N ALA B 218 0.21 -9.60 -7.99
CA ALA B 218 0.30 -8.18 -7.66
C ALA B 218 1.15 -7.93 -6.42
N ALA B 219 2.29 -7.28 -6.61
CA ALA B 219 3.34 -7.27 -5.60
C ALA B 219 3.01 -6.34 -4.44
N ALA B 220 2.25 -5.27 -4.67
CA ALA B 220 1.96 -4.34 -3.58
C ALA B 220 0.71 -4.71 -2.82
N GLU B 221 0.13 -5.89 -3.11
CA GLU B 221 -1.13 -6.31 -2.51
C GLU B 221 -1.02 -7.71 -1.89
N ASN B 222 0.19 -8.23 -1.73
CA ASN B 222 0.43 -9.62 -1.32
C ASN B 222 1.73 -9.78 -0.56
N ILE B 223 1.72 -10.75 0.37
CA ILE B 223 2.94 -11.41 0.81
C ILE B 223 3.23 -12.54 -0.17
N ILE B 224 4.43 -12.54 -0.73
CA ILE B 224 4.76 -13.42 -1.85
C ILE B 224 6.06 -14.18 -1.57
N PRO B 225 5.98 -15.49 -1.30
CA PRO B 225 7.20 -16.28 -1.17
C PRO B 225 8.00 -16.19 -2.46
N HIS B 226 9.32 -16.20 -2.31
CA HIS B 226 10.20 -15.93 -3.44
C HIS B 226 11.54 -16.60 -3.18
N THR B 227 12.10 -17.26 -4.20
CA THR B 227 13.39 -17.91 -4.02
C THR B 227 14.52 -16.89 -4.06
N THR B 228 15.62 -17.25 -3.40
CA THR B 228 16.86 -16.48 -3.43
C THR B 228 17.97 -17.48 -3.23
N GLY B 229 19.08 -17.26 -3.95
CA GLY B 229 20.25 -18.09 -3.78
C GLY B 229 21.19 -17.58 -2.71
N ALA B 230 20.77 -16.58 -1.94
CA ALA B 230 21.72 -15.88 -1.09
C ALA B 230 22.40 -16.81 -0.11
N ALA B 231 21.61 -17.71 0.49
CA ALA B 231 22.17 -18.65 1.46
C ALA B 231 22.81 -19.82 0.75
N LYS B 232 22.16 -20.32 -0.29
CA LYS B 232 22.67 -21.49 -0.99
C LYS B 232 24.06 -21.24 -1.58
N ALA B 233 24.31 -20.05 -2.12
CA ALA B 233 25.60 -19.78 -2.75
C ALA B 233 26.57 -19.02 -1.85
N ILE B 234 26.32 -19.03 -0.53
CA ILE B 234 27.14 -18.26 0.38
C ILE B 234 28.58 -18.71 0.34
N GLY B 235 28.83 -19.93 -0.12
CA GLY B 235 30.19 -20.44 -0.15
C GLY B 235 31.11 -19.65 -1.05
N LEU B 236 30.56 -19.00 -2.08
CA LEU B 236 31.38 -18.14 -2.92
C LEU B 236 31.98 -17.00 -2.11
N VAL B 237 31.31 -16.57 -1.05
CA VAL B 237 31.73 -15.41 -0.27
C VAL B 237 32.43 -15.83 1.03
N ILE B 238 31.93 -16.88 1.67
CA ILE B 238 32.52 -17.40 2.91
C ILE B 238 32.67 -18.89 2.68
N PRO B 239 33.82 -19.34 2.18
CA PRO B 239 33.93 -20.73 1.72
C PRO B 239 33.67 -21.75 2.82
N GLU B 240 33.95 -21.40 4.06
CA GLU B 240 33.70 -22.38 5.12
C GLU B 240 32.22 -22.65 5.35
N LEU B 241 31.34 -21.76 4.90
CA LEU B 241 29.91 -21.96 5.10
C LEU B 241 29.25 -22.62 3.90
N SER B 242 30.04 -23.03 2.91
CA SER B 242 29.47 -23.60 1.71
C SER B 242 28.61 -24.81 2.06
N GLY B 243 27.40 -24.88 1.49
CA GLY B 243 26.49 -25.97 1.80
C GLY B 243 25.86 -25.94 3.18
N LYS B 244 26.16 -24.97 4.02
CA LYS B 244 25.67 -25.02 5.38
C LYS B 244 24.42 -24.16 5.61
N LEU B 245 24.03 -23.34 4.64
CA LEU B 245 22.91 -22.43 4.76
C LEU B 245 21.91 -22.68 3.64
N LYS B 246 20.65 -22.43 3.96
CA LYS B 246 19.57 -22.39 2.99
C LYS B 246 18.70 -21.20 3.34
N GLY B 247 17.76 -20.86 2.47
CA GLY B 247 16.89 -19.74 2.80
C GLY B 247 15.95 -19.40 1.68
N HIS B 248 15.12 -18.39 1.92
CA HIS B 248 14.17 -17.88 0.95
C HIS B 248 13.69 -16.50 1.41
N ALA B 249 12.84 -15.89 0.57
CA ALA B 249 12.34 -14.55 0.84
C ALA B 249 10.81 -14.55 0.90
N GLN B 250 10.28 -13.58 1.63
CA GLN B 250 8.88 -13.18 1.54
C GLN B 250 8.84 -11.74 1.06
N ARG B 251 8.42 -11.55 -0.20
CA ARG B 251 8.30 -10.22 -0.78
C ARG B 251 7.02 -9.59 -0.27
N VAL B 252 7.13 -8.35 0.19
CA VAL B 252 5.98 -7.70 0.82
C VAL B 252 5.85 -6.25 0.34
N PRO B 253 4.74 -5.61 0.60
CA PRO B 253 4.48 -4.31 -0.04
C PRO B 253 5.13 -3.11 0.65
N VAL B 254 6.46 -3.08 0.66
CA VAL B 254 7.19 -1.83 0.88
C VAL B 254 8.06 -1.58 -0.34
N LYS B 255 8.26 -0.31 -0.66
CA LYS B 255 8.89 0.05 -1.93
C LYS B 255 10.40 -0.19 -1.96
N THR B 256 11.08 0.00 -0.83
CA THR B 256 12.46 -0.43 -0.66
C THR B 256 12.72 -0.54 0.83
N GLY B 257 13.79 -1.24 1.19
CA GLY B 257 14.09 -1.45 2.58
C GLY B 257 13.62 -2.82 3.01
N SER B 258 14.56 -3.66 3.46
CA SER B 258 14.33 -5.07 3.67
C SER B 258 15.01 -5.51 4.97
N VAL B 259 14.75 -6.75 5.37
CA VAL B 259 15.33 -7.28 6.59
C VAL B 259 15.55 -8.77 6.42
N THR B 260 16.65 -9.27 7.00
CA THR B 260 17.05 -10.67 6.89
C THR B 260 17.19 -11.29 8.27
N GLU B 261 16.52 -12.41 8.47
CA GLU B 261 16.62 -13.20 9.68
C GLU B 261 17.42 -14.46 9.39
N LEU B 262 18.37 -14.77 10.25
CA LEU B 262 19.15 -15.98 10.15
C LEU B 262 18.94 -16.80 11.41
N VAL B 263 18.48 -18.04 11.25
CA VAL B 263 18.35 -18.96 12.38
C VAL B 263 19.48 -19.96 12.26
N SER B 264 20.38 -19.99 13.27
CA SER B 264 21.58 -20.82 13.24
C SER B 264 21.67 -21.76 14.43
N ILE B 265 22.27 -22.92 14.20
CA ILE B 265 22.95 -23.68 15.26
C ILE B 265 24.41 -23.26 15.25
N LEU B 266 24.87 -22.65 16.34
CA LEU B 266 26.23 -22.17 16.42
C LEU B 266 27.13 -23.26 17.00
N GLY B 267 28.43 -23.00 16.96
CA GLY B 267 29.42 -23.93 17.48
C GLY B 267 29.71 -23.78 18.94
N LYS B 268 29.14 -22.76 19.59
CA LYS B 268 29.33 -22.49 21.01
C LYS B 268 28.00 -22.08 21.61
N LYS B 269 27.84 -22.34 22.92
CA LYS B 269 26.71 -21.82 23.69
C LYS B 269 26.90 -20.33 23.90
N VAL B 270 25.85 -19.54 23.68
CA VAL B 270 26.02 -18.09 23.76
C VAL B 270 24.87 -17.51 24.54
N THR B 271 25.09 -16.27 24.98
CA THR B 271 24.05 -15.37 25.43
C THR B 271 23.79 -14.31 24.36
N ALA B 272 22.64 -13.66 24.47
CA ALA B 272 22.29 -12.63 23.51
C ALA B 272 23.29 -11.47 23.58
N GLU B 273 23.69 -11.11 24.79
CA GLU B 273 24.68 -10.05 24.98
C GLU B 273 26.00 -10.40 24.30
N GLU B 274 26.41 -11.67 24.41
CA GLU B 274 27.64 -12.10 23.78
C GLU B 274 27.52 -12.04 22.25
N VAL B 275 26.42 -12.54 21.69
CA VAL B 275 26.19 -12.42 20.25
C VAL B 275 26.22 -10.95 19.85
N ASN B 276 25.50 -10.11 20.61
CA ASN B 276 25.39 -8.71 20.23
C ASN B 276 26.74 -8.01 20.29
N ASN B 277 27.53 -8.30 21.33
N ASN B 277 27.57 -8.29 21.30
CA ASN B 277 28.86 -7.71 21.49
CA ASN B 277 28.86 -7.60 21.37
C ASN B 277 29.79 -8.11 20.35
C ASN B 277 29.83 -8.10 20.30
N ALA B 278 29.81 -9.40 20.00
CA ALA B 278 30.62 -9.88 18.87
C ALA B 278 30.23 -9.15 17.59
N LEU B 279 28.93 -9.01 17.32
CA LEU B 279 28.51 -8.28 16.13
C LEU B 279 28.96 -6.83 16.21
N LYS B 280 28.85 -6.21 17.38
CA LYS B 280 29.24 -4.81 17.44
C LYS B 280 30.71 -4.62 17.13
N GLN B 281 31.57 -5.52 17.63
CA GLN B 281 32.99 -5.41 17.29
C GLN B 281 33.20 -5.53 15.78
N ALA B 282 32.44 -6.41 15.14
CA ALA B 282 32.61 -6.60 13.70
C ALA B 282 32.15 -5.41 12.90
N THR B 283 31.24 -4.59 13.43
CA THR B 283 30.79 -3.39 12.76
C THR B 283 31.62 -2.16 13.10
N THR B 284 32.58 -2.27 14.02
CA THR B 284 33.35 -1.10 14.40
C THR B 284 34.32 -0.72 13.29
N ASN B 285 34.34 0.56 12.93
CA ASN B 285 35.20 1.06 11.85
C ASN B 285 35.00 0.26 10.57
N ASN B 286 33.74 -0.11 10.30
CA ASN B 286 33.39 -0.94 9.16
C ASN B 286 32.39 -0.13 8.36
N GLU B 287 32.87 0.44 7.25
CA GLU B 287 32.05 1.32 6.41
C GLU B 287 30.90 0.57 5.74
N SER B 288 30.97 -0.76 5.63
CA SER B 288 29.97 -1.58 4.95
C SER B 288 28.92 -2.17 5.87
N PHE B 289 29.25 -2.34 7.16
CA PHE B 289 28.43 -3.11 8.09
C PHE B 289 28.10 -2.24 9.29
N GLY B 290 26.83 -1.85 9.44
CA GLY B 290 26.41 -1.00 10.53
C GLY B 290 25.75 -1.80 11.65
N TYR B 291 25.49 -1.11 12.75
CA TYR B 291 24.93 -1.71 13.95
C TYR B 291 23.86 -0.79 14.53
N THR B 292 22.79 -1.36 15.02
CA THR B 292 21.83 -0.55 15.75
C THR B 292 21.29 -1.34 16.93
N ASP B 293 21.01 -0.64 18.02
CA ASP B 293 20.18 -1.16 19.09
C ASP B 293 18.98 -0.25 19.30
N GLU B 294 18.62 0.50 18.27
CA GLU B 294 17.38 1.26 18.26
C GLU B 294 16.24 0.47 17.60
N GLU B 295 15.02 0.82 18.01
CA GLU B 295 13.83 0.07 17.61
C GLU B 295 13.34 0.52 16.22
N ILE B 296 14.24 0.38 15.22
CA ILE B 296 13.96 0.93 13.90
C ILE B 296 12.96 0.03 13.17
N VAL B 297 12.36 0.57 12.13
CA VAL B 297 11.52 -0.18 11.20
C VAL B 297 12.08 0.04 9.80
N SER B 298 11.49 -0.60 8.76
CA SER B 298 12.15 -0.65 7.45
C SER B 298 12.38 0.72 6.85
N SER B 299 11.42 1.63 6.97
CA SER B 299 11.66 2.93 6.32
C SER B 299 12.87 3.64 6.91
N ASP B 300 13.27 3.29 8.13
CA ASP B 300 14.47 3.90 8.71
C ASP B 300 15.74 3.47 7.99
N ILE B 301 15.71 2.39 7.20
CA ILE B 301 16.93 1.95 6.53
C ILE B 301 17.06 2.58 5.15
N ILE B 302 16.04 3.27 4.65
CA ILE B 302 16.06 3.74 3.28
C ILE B 302 17.09 4.87 3.19
N GLY B 303 18.02 4.73 2.28
CA GLY B 303 19.10 5.69 2.16
C GLY B 303 20.34 5.28 2.92
N SER B 304 20.33 4.12 3.57
CA SER B 304 21.49 3.66 4.32
C SER B 304 22.72 3.64 3.44
N HIS B 305 23.87 3.99 4.01
CA HIS B 305 25.17 3.84 3.36
C HIS B 305 25.90 2.57 3.74
N PHE B 306 25.19 1.60 4.34
CA PHE B 306 25.74 0.30 4.66
C PHE B 306 25.12 -0.74 3.74
N GLY B 307 25.85 -1.83 3.53
CA GLY B 307 25.23 -2.98 2.88
C GLY B 307 24.28 -3.76 3.78
N SER B 308 24.38 -3.56 5.10
CA SER B 308 23.76 -4.39 6.12
C SER B 308 23.86 -3.64 7.44
N VAL B 309 22.79 -3.66 8.23
CA VAL B 309 22.80 -3.07 9.57
C VAL B 309 22.25 -4.10 10.55
N PHE B 310 23.13 -4.66 11.37
CA PHE B 310 22.73 -5.66 12.34
C PHE B 310 21.89 -5.01 13.41
N ASP B 311 20.77 -5.65 13.77
CA ASP B 311 19.82 -5.10 14.75
C ASP B 311 19.86 -5.94 16.03
N ALA B 312 20.52 -5.42 17.05
CA ALA B 312 20.68 -6.16 18.30
C ALA B 312 19.36 -6.35 19.03
N THR B 313 18.36 -5.50 18.77
CA THR B 313 17.08 -5.60 19.45
C THR B 313 16.32 -6.84 19.07
N GLN B 314 16.67 -7.52 17.97
CA GLN B 314 15.91 -8.68 17.53
C GLN B 314 16.63 -9.99 17.79
N THR B 315 17.78 -9.94 18.46
CA THR B 315 18.52 -11.16 18.75
C THR B 315 17.71 -12.03 19.70
N GLU B 316 17.66 -13.32 19.39
CA GLU B 316 16.83 -14.27 20.13
C GLU B 316 17.57 -15.59 20.27
N ILE B 317 17.75 -16.01 21.52
CA ILE B 317 18.37 -17.30 21.87
C ILE B 317 17.28 -18.20 22.44
N THR B 318 17.03 -19.31 21.77
CA THR B 318 16.05 -20.28 22.25
C THR B 318 16.84 -21.51 22.69
N ALA B 319 16.71 -21.85 23.97
CA ALA B 319 17.51 -22.94 24.51
C ALA B 319 16.61 -23.94 25.22
N VAL B 320 16.88 -25.21 24.97
CA VAL B 320 16.25 -26.30 25.70
C VAL B 320 17.36 -27.29 26.03
N GLY B 321 17.69 -27.42 27.30
CA GLY B 321 18.78 -28.26 27.71
C GLY B 321 20.03 -27.94 26.94
N ASP B 322 20.56 -28.93 26.24
CA ASP B 322 21.80 -28.78 25.49
C ASP B 322 21.64 -28.03 24.19
N LEU B 323 20.42 -27.81 23.73
CA LEU B 323 20.15 -27.36 22.36
C LEU B 323 19.91 -25.86 22.37
N GLN B 324 20.38 -25.21 21.32
CA GLN B 324 20.28 -23.77 21.25
C GLN B 324 20.05 -23.34 19.81
N LEU B 325 19.05 -22.50 19.58
CA LEU B 325 18.86 -21.84 18.30
C LEU B 325 19.10 -20.36 18.49
N VAL B 326 19.78 -19.76 17.53
CA VAL B 326 20.20 -18.37 17.62
C VAL B 326 19.64 -17.66 16.39
N LYS B 327 18.76 -16.70 16.64
CA LYS B 327 18.18 -15.90 15.57
C LYS B 327 18.86 -14.54 15.58
N THR B 328 19.45 -14.15 14.45
CA THR B 328 20.05 -12.84 14.29
C THR B 328 19.43 -12.17 13.07
N VAL B 329 19.33 -10.84 13.14
CA VAL B 329 18.54 -10.07 12.19
C VAL B 329 19.33 -8.84 11.78
N ALA B 330 19.39 -8.58 10.46
CA ALA B 330 19.98 -7.37 9.92
C ALA B 330 19.09 -6.77 8.84
N TRP B 331 19.01 -5.45 8.87
CA TRP B 331 18.32 -4.63 7.89
C TRP B 331 19.20 -4.33 6.71
N TYR B 332 18.57 -3.97 5.59
CA TYR B 332 19.33 -3.56 4.41
C TYR B 332 18.42 -2.80 3.48
N ASP B 333 18.94 -1.68 2.98
CA ASP B 333 18.27 -0.99 1.88
C ASP B 333 18.69 -1.69 0.60
N ASN B 334 17.83 -2.59 0.13
CA ASN B 334 18.14 -3.41 -1.02
C ASN B 334 18.48 -2.59 -2.26
N GLU B 335 18.06 -1.31 -2.34
CA GLU B 335 18.53 -0.45 -3.42
C GLU B 335 19.79 0.32 -3.01
N TYR B 336 19.64 1.45 -2.32
CA TYR B 336 20.80 2.34 -2.13
C TYR B 336 21.88 1.69 -1.29
N GLY B 337 21.50 0.95 -0.25
CA GLY B 337 22.49 0.30 0.58
C GLY B 337 23.35 -0.70 -0.17
N PHE B 338 22.69 -1.59 -0.90
CA PHE B 338 23.42 -2.52 -1.75
C PHE B 338 24.29 -1.74 -2.73
N VAL B 339 23.76 -0.65 -3.28
CA VAL B 339 24.52 0.12 -4.25
C VAL B 339 25.81 0.65 -3.63
N THR B 340 25.79 1.09 -2.37
CA THR B 340 27.04 1.57 -1.78
C THR B 340 28.08 0.47 -1.79
N GLN B 341 27.65 -0.79 -1.59
CA GLN B 341 28.56 -1.92 -1.69
C GLN B 341 29.06 -2.14 -3.11
N LEU B 342 28.17 -2.04 -4.09
CA LEU B 342 28.58 -2.17 -5.48
C LEU B 342 29.68 -1.17 -5.82
N ILE B 343 29.52 0.08 -5.35
CA ILE B 343 30.47 1.14 -5.67
C ILE B 343 31.81 0.90 -4.98
N ARG B 344 31.79 0.50 -3.70
CA ARG B 344 33.04 0.19 -3.03
C ARG B 344 33.82 -0.85 -3.83
N THR B 345 33.12 -1.92 -4.25
CA THR B 345 33.76 -2.98 -5.04
C THR B 345 34.24 -2.45 -6.37
N LEU B 346 33.43 -1.60 -7.03
CA LEU B 346 33.81 -1.05 -8.32
C LEU B 346 35.08 -0.21 -8.20
N GLU B 347 35.18 0.60 -7.14
N GLU B 347 35.17 0.62 -7.15
CA GLU B 347 36.34 1.48 -7.01
CA GLU B 347 36.34 1.48 -6.99
C GLU B 347 37.61 0.67 -6.81
C GLU B 347 37.60 0.65 -6.85
N LYS B 348 37.55 -0.44 -6.07
CA LYS B 348 38.71 -1.31 -5.93
C LYS B 348 38.99 -2.04 -7.23
N PHE B 349 37.94 -2.58 -7.85
CA PHE B 349 38.06 -3.28 -9.13
C PHE B 349 38.80 -2.42 -10.15
N ALA B 350 38.40 -1.16 -10.24
CA ALA B 350 38.93 -0.26 -11.25
C ALA B 350 40.41 0.03 -11.05
N LYS B 351 40.94 -0.20 -9.85
CA LYS B 351 42.33 0.12 -9.53
C LYS B 351 43.25 -1.10 -9.57
N LEU B 352 42.74 -2.27 -9.93
CA LEU B 352 43.54 -3.51 -9.94
C LEU B 352 44.09 -3.73 -11.32
N MET C 20 -26.20 -21.15 -27.29
CA MET C 20 -26.13 -20.18 -28.42
C MET C 20 -24.66 -19.96 -28.90
N SER C 21 -24.28 -18.70 -29.15
CA SER C 21 -23.04 -18.43 -29.86
C SER C 21 -21.81 -18.90 -29.07
N LYS C 22 -20.76 -19.23 -29.81
CA LYS C 22 -19.50 -19.63 -29.25
C LYS C 22 -18.56 -18.44 -29.29
N VAL C 23 -17.83 -18.25 -28.21
CA VAL C 23 -17.00 -17.06 -28.04
C VAL C 23 -15.56 -17.48 -27.91
N GLY C 24 -14.69 -16.60 -28.40
CA GLY C 24 -13.27 -16.71 -28.16
C GLY C 24 -12.84 -15.45 -27.43
N ILE C 25 -11.83 -15.59 -26.59
CA ILE C 25 -11.29 -14.45 -25.81
C ILE C 25 -9.87 -14.23 -26.25
N ASN C 26 -9.56 -13.04 -26.76
CA ASN C 26 -8.18 -12.67 -27.06
C ASN C 26 -7.67 -11.79 -25.92
N GLY C 27 -6.63 -12.26 -25.24
CA GLY C 27 -6.13 -11.52 -24.09
C GLY C 27 -6.82 -11.96 -22.81
N PHE C 28 -6.27 -12.98 -22.17
CA PHE C 28 -6.84 -13.57 -20.95
C PHE C 28 -6.22 -12.90 -19.72
N GLY C 29 -6.39 -11.59 -19.64
CA GLY C 29 -5.79 -10.77 -18.60
C GLY C 29 -6.80 -10.46 -17.51
N ARG C 30 -6.60 -9.31 -16.85
CA ARG C 30 -7.55 -8.89 -15.82
C ARG C 30 -8.96 -8.93 -16.38
N ILE C 31 -9.20 -8.25 -17.51
CA ILE C 31 -10.55 -8.21 -18.07
C ILE C 31 -10.91 -9.57 -18.67
N GLY C 32 -10.00 -10.16 -19.44
CA GLY C 32 -10.33 -11.38 -20.13
C GLY C 32 -10.73 -12.51 -19.18
N ARG C 33 -10.01 -12.68 -18.07
CA ARG C 33 -10.39 -13.72 -17.11
C ARG C 33 -11.71 -13.40 -16.44
N LEU C 34 -12.00 -12.12 -16.22
CA LEU C 34 -13.23 -11.78 -15.54
C LEU C 34 -14.42 -11.92 -16.49
N VAL C 35 -14.18 -11.77 -17.79
CA VAL C 35 -15.21 -12.11 -18.78
C VAL C 35 -15.69 -13.55 -18.58
N LEU C 36 -14.77 -14.51 -18.49
CA LEU C 36 -15.21 -15.88 -18.26
C LEU C 36 -15.94 -16.01 -16.93
N ARG C 37 -15.37 -15.41 -15.87
CA ARG C 37 -15.99 -15.49 -14.55
C ARG C 37 -17.42 -14.98 -14.58
N ARG C 38 -17.64 -13.83 -15.20
CA ARG C 38 -18.98 -13.26 -15.21
C ARG C 38 -19.92 -14.09 -16.06
N LEU C 39 -19.44 -14.64 -17.18
CA LEU C 39 -20.31 -15.44 -18.04
C LEU C 39 -20.81 -16.68 -17.30
N LEU C 40 -19.91 -17.35 -16.58
CA LEU C 40 -20.31 -18.51 -15.79
C LEU C 40 -21.22 -18.10 -14.64
N GLU C 41 -20.92 -16.96 -14.00
CA GLU C 41 -21.72 -16.52 -12.87
C GLU C 41 -23.17 -16.30 -13.26
N VAL C 42 -23.42 -15.77 -14.47
CA VAL C 42 -24.79 -15.48 -14.88
C VAL C 42 -25.36 -16.70 -15.61
N LYS C 43 -24.61 -17.79 -15.65
CA LYS C 43 -25.05 -19.00 -16.33
C LYS C 43 -25.44 -18.68 -17.77
N SER C 44 -24.56 -17.97 -18.46
CA SER C 44 -24.81 -17.52 -19.82
C SER C 44 -24.99 -18.72 -20.77
N ASN C 45 -25.84 -18.53 -21.80
CA ASN C 45 -25.93 -19.47 -22.93
C ASN C 45 -24.69 -19.46 -23.81
N ILE C 46 -23.94 -18.37 -23.80
CA ILE C 46 -22.69 -18.28 -24.55
C ILE C 46 -21.71 -19.32 -24.00
N ASP C 47 -21.06 -20.07 -24.90
CA ASP C 47 -19.93 -20.91 -24.54
C ASP C 47 -18.64 -20.24 -25.00
N VAL C 48 -17.71 -20.08 -24.06
CA VAL C 48 -16.33 -19.73 -24.38
C VAL C 48 -15.62 -21.02 -24.79
N VAL C 49 -15.17 -21.07 -26.03
CA VAL C 49 -14.59 -22.28 -26.59
C VAL C 49 -13.13 -22.15 -26.86
N ALA C 50 -12.59 -20.93 -26.86
CA ALA C 50 -11.18 -20.73 -27.15
C ALA C 50 -10.69 -19.44 -26.49
N ILE C 51 -9.45 -19.51 -26.04
CA ILE C 51 -8.71 -18.38 -25.46
C ILE C 51 -7.39 -18.26 -26.19
N ASN C 52 -7.00 -17.03 -26.50
CA ASN C 52 -5.66 -16.75 -27.02
C ASN C 52 -4.95 -15.78 -26.10
N ASP C 53 -3.67 -16.05 -25.84
CA ASP C 53 -2.84 -15.17 -25.05
C ASP C 53 -1.40 -15.38 -25.49
N LEU C 54 -0.43 -15.21 -24.58
CA LEU C 54 0.97 -15.36 -24.94
C LEU C 54 1.69 -16.35 -24.05
N THR C 55 0.95 -17.22 -23.36
CA THR C 55 1.55 -18.03 -22.33
C THR C 55 0.95 -19.44 -22.35
N SER C 56 1.37 -20.24 -21.42
CA SER C 56 1.03 -21.65 -21.35
C SER C 56 -0.33 -21.85 -20.67
N PRO C 57 -1.04 -22.94 -20.97
CA PRO C 57 -2.28 -23.22 -20.21
C PRO C 57 -2.04 -23.30 -18.71
N LYS C 58 -0.89 -23.83 -18.29
CA LYS C 58 -0.57 -23.92 -16.87
C LYS C 58 -0.58 -22.54 -16.21
N ILE C 59 0.02 -21.56 -16.87
CA ILE C 59 0.10 -20.25 -16.26
C ILE C 59 -1.27 -19.57 -16.28
N LEU C 60 -2.02 -19.73 -17.37
CA LEU C 60 -3.38 -19.19 -17.39
C LEU C 60 -4.27 -19.87 -16.36
N ALA C 61 -4.10 -21.18 -16.16
CA ALA C 61 -4.90 -21.85 -15.13
C ALA C 61 -4.57 -21.30 -13.75
N TYR C 62 -3.28 -21.12 -13.44
CA TYR C 62 -2.90 -20.58 -12.16
C TYR C 62 -3.55 -19.22 -11.94
N LEU C 63 -3.51 -18.36 -12.95
CA LEU C 63 -4.04 -17.01 -12.82
C LEU C 63 -5.57 -17.02 -12.73
N LEU C 64 -6.22 -17.93 -13.44
CA LEU C 64 -7.67 -17.99 -13.34
C LEU C 64 -8.11 -18.48 -11.98
N LYS C 65 -7.39 -19.44 -11.41
CA LYS C 65 -7.81 -20.02 -10.14
C LYS C 65 -7.61 -19.05 -8.98
N HIS C 66 -6.51 -18.30 -9.00
CA HIS C 66 -6.11 -17.46 -7.88
C HIS C 66 -6.15 -16.01 -8.34
N ASP C 67 -7.02 -15.21 -7.74
CA ASP C 67 -7.17 -13.81 -8.13
C ASP C 67 -6.96 -12.90 -6.93
N SER C 68 -5.97 -12.01 -7.02
CA SER C 68 -5.68 -11.08 -5.93
C SER C 68 -6.83 -10.11 -5.64
N ASN C 69 -7.75 -9.86 -6.58
CA ASN C 69 -8.84 -8.90 -6.31
C ASN C 69 -10.18 -9.54 -5.99
N TYR C 70 -10.48 -10.72 -6.55
CA TYR C 70 -11.80 -11.35 -6.41
C TYR C 70 -11.73 -12.72 -5.78
N GLY C 71 -10.56 -13.18 -5.37
CA GLY C 71 -10.49 -14.41 -4.63
C GLY C 71 -10.56 -15.65 -5.51
N PRO C 72 -10.67 -16.82 -4.88
CA PRO C 72 -10.66 -18.09 -5.63
C PRO C 72 -11.71 -18.15 -6.73
N PHE C 73 -11.36 -18.80 -7.83
CA PHE C 73 -12.33 -18.96 -8.91
C PHE C 73 -13.51 -19.80 -8.38
N PRO C 74 -14.76 -19.39 -8.65
CA PRO C 74 -15.91 -20.18 -8.15
C PRO C 74 -16.13 -21.53 -8.84
N TRP C 75 -15.29 -21.96 -9.76
CA TRP C 75 -15.48 -23.22 -10.46
C TRP C 75 -14.13 -23.92 -10.53
N SER C 76 -14.17 -25.24 -10.75
CA SER C 76 -12.92 -25.99 -10.88
C SER C 76 -12.14 -25.50 -12.10
N VAL C 77 -10.82 -25.54 -11.97
CA VAL C 77 -9.90 -25.14 -13.02
C VAL C 77 -8.80 -26.20 -13.12
N ASP C 78 -8.58 -26.69 -14.34
CA ASP C 78 -7.48 -27.60 -14.66
C ASP C 78 -6.94 -27.17 -16.01
N PHE C 79 -5.84 -27.79 -16.41
CA PHE C 79 -5.29 -27.52 -17.73
C PHE C 79 -4.71 -28.80 -18.30
N THR C 80 -4.66 -28.85 -19.63
CA THR C 80 -3.83 -29.80 -20.37
C THR C 80 -2.76 -29.00 -21.12
N GLU C 81 -2.00 -29.70 -21.95
CA GLU C 81 -0.96 -29.06 -22.74
C GLU C 81 -1.53 -28.03 -23.70
N ASP C 82 -2.80 -28.10 -24.05
CA ASP C 82 -3.33 -27.15 -25.02
C ASP C 82 -4.74 -26.65 -24.66
N SER C 83 -5.12 -26.70 -23.40
CA SER C 83 -6.48 -26.29 -23.08
C SER C 83 -6.59 -25.99 -21.60
N LEU C 84 -7.67 -25.31 -21.24
CA LEU C 84 -8.16 -25.25 -19.87
C LEU C 84 -9.37 -26.16 -19.77
N ILE C 85 -9.55 -26.76 -18.60
CA ILE C 85 -10.78 -27.46 -18.25
C ILE C 85 -11.42 -26.68 -17.09
N VAL C 86 -12.56 -26.07 -17.34
CA VAL C 86 -13.21 -25.19 -16.38
C VAL C 86 -14.59 -25.75 -16.12
N ASP C 87 -14.86 -26.12 -14.86
CA ASP C 87 -16.11 -26.78 -14.48
C ASP C 87 -16.39 -27.99 -15.37
N GLY C 88 -15.33 -28.69 -15.75
CA GLY C 88 -15.45 -29.86 -16.60
C GLY C 88 -15.58 -29.59 -18.07
N LYS C 89 -15.53 -28.33 -18.51
CA LYS C 89 -15.63 -28.00 -19.94
C LYS C 89 -14.29 -27.53 -20.48
N SER C 90 -14.00 -27.99 -21.68
CA SER C 90 -12.71 -27.73 -22.30
C SER C 90 -12.74 -26.40 -23.05
N ILE C 91 -11.65 -25.64 -22.92
CA ILE C 91 -11.48 -24.37 -23.64
C ILE C 91 -10.10 -24.41 -24.30
N ALA C 92 -10.06 -24.31 -25.62
CA ALA C 92 -8.79 -24.38 -26.31
C ALA C 92 -7.95 -23.15 -25.94
N VAL C 93 -6.65 -23.37 -25.77
CA VAL C 93 -5.69 -22.30 -25.47
C VAL C 93 -4.72 -22.17 -26.64
N TYR C 94 -4.65 -20.98 -27.22
CA TYR C 94 -3.67 -20.64 -28.26
C TYR C 94 -2.76 -19.52 -27.75
N ALA C 95 -1.61 -19.35 -28.43
CA ALA C 95 -0.57 -18.39 -28.06
C ALA C 95 -0.03 -17.69 -29.29
N GLU C 96 -0.92 -17.05 -30.04
CA GLU C 96 -0.57 -16.40 -31.30
C GLU C 96 -0.53 -14.88 -31.09
N LYS C 97 0.69 -14.32 -31.09
CA LYS C 97 0.89 -12.87 -30.93
C LYS C 97 0.11 -12.07 -31.98
N GLU C 98 -0.08 -12.63 -33.16
CA GLU C 98 -0.80 -11.93 -34.23
C GLU C 98 -2.17 -12.55 -34.42
N ALA C 99 -3.20 -11.71 -34.30
CA ALA C 99 -4.56 -12.22 -34.27
C ALA C 99 -4.91 -12.96 -35.54
N LYS C 100 -4.34 -12.54 -36.67
CA LYS C 100 -4.67 -13.19 -37.94
C LYS C 100 -4.27 -14.66 -37.93
N ASN C 101 -3.37 -15.06 -37.03
CA ASN C 101 -2.93 -16.43 -36.93
C ASN C 101 -3.71 -17.27 -35.91
N ILE C 102 -4.73 -16.72 -35.27
CA ILE C 102 -5.46 -17.51 -34.27
C ILE C 102 -6.42 -18.44 -35.01
N PRO C 103 -6.38 -19.78 -34.75
CA PRO C 103 -7.30 -20.75 -35.40
C PRO C 103 -8.71 -20.75 -34.83
N TRP C 104 -9.39 -19.61 -34.91
CA TRP C 104 -10.72 -19.50 -34.30
C TRP C 104 -11.70 -20.51 -34.89
N LYS C 105 -11.46 -20.96 -36.13
CA LYS C 105 -12.40 -21.86 -36.80
C LYS C 105 -12.35 -23.25 -36.18
N ALA C 106 -11.19 -23.65 -35.66
CA ALA C 106 -11.02 -25.00 -35.13
C ALA C 106 -12.11 -25.37 -34.13
N LYS C 107 -12.41 -24.47 -33.18
CA LYS C 107 -13.49 -24.70 -32.21
C LYS C 107 -14.73 -23.88 -32.50
N GLY C 108 -14.76 -23.14 -33.61
CA GLY C 108 -15.97 -22.43 -33.99
C GLY C 108 -16.27 -21.16 -33.22
N ALA C 109 -15.24 -20.46 -32.74
CA ALA C 109 -15.51 -19.19 -32.09
C ALA C 109 -16.08 -18.20 -33.10
N GLU C 110 -17.27 -17.69 -32.83
CA GLU C 110 -18.00 -16.77 -33.70
C GLU C 110 -17.82 -15.31 -33.31
N ILE C 111 -17.77 -15.02 -32.01
CA ILE C 111 -17.60 -13.66 -31.50
C ILE C 111 -16.34 -13.62 -30.65
N ILE C 112 -15.42 -12.75 -31.02
CA ILE C 112 -14.18 -12.59 -30.28
C ILE C 112 -14.34 -11.43 -29.32
N VAL C 113 -14.09 -11.68 -28.04
CA VAL C 113 -14.01 -10.60 -27.06
C VAL C 113 -12.55 -10.16 -26.99
N GLU C 114 -12.26 -8.98 -27.56
CA GLU C 114 -10.88 -8.54 -27.78
C GLU C 114 -10.39 -7.73 -26.58
N CYS C 115 -9.52 -8.36 -25.77
CA CYS C 115 -9.11 -7.84 -24.46
C CYS C 115 -7.60 -7.69 -24.32
N THR C 116 -6.84 -7.55 -25.42
CA THR C 116 -5.39 -7.48 -25.31
C THR C 116 -4.85 -6.06 -25.24
N GLY C 117 -5.63 -5.07 -25.67
CA GLY C 117 -5.11 -3.75 -25.84
C GLY C 117 -4.43 -3.50 -27.17
N PHE C 118 -4.17 -4.52 -27.99
CA PHE C 118 -3.38 -4.34 -29.19
C PHE C 118 -4.21 -4.35 -30.47
N TYR C 119 -5.53 -4.27 -30.37
CA TYR C 119 -6.35 -4.33 -31.58
C TYR C 119 -7.48 -3.33 -31.51
N THR C 120 -7.18 -2.13 -31.02
CA THR C 120 -8.21 -1.13 -30.77
C THR C 120 -8.52 -0.29 -32.01
N SER C 121 -8.79 -0.94 -33.15
CA SER C 121 -9.36 -0.24 -34.31
C SER C 121 -10.10 -1.26 -35.18
N ALA C 122 -11.04 -0.74 -35.99
CA ALA C 122 -11.69 -1.61 -36.96
C ALA C 122 -10.67 -2.34 -37.82
N GLU C 123 -9.61 -1.64 -38.21
CA GLU C 123 -8.63 -2.22 -39.14
C GLU C 123 -7.81 -3.31 -38.49
N LYS C 124 -7.43 -3.13 -37.21
CA LYS C 124 -6.65 -4.15 -36.52
C LYS C 124 -7.53 -5.35 -36.16
N SER C 125 -8.70 -5.12 -35.59
CA SER C 125 -9.56 -6.24 -35.20
C SER C 125 -10.15 -6.97 -36.40
N GLN C 126 -10.00 -6.42 -37.61
CA GLN C 126 -10.44 -7.14 -38.82
C GLN C 126 -9.71 -8.47 -38.95
N ALA C 127 -8.52 -8.56 -38.37
CA ALA C 127 -7.74 -9.78 -38.40
C ALA C 127 -8.46 -10.94 -37.74
N HIS C 128 -9.40 -10.67 -36.83
CA HIS C 128 -10.21 -11.75 -36.25
C HIS C 128 -11.24 -12.24 -37.26
N LEU C 129 -11.79 -11.33 -38.06
CA LEU C 129 -12.72 -11.76 -39.08
C LEU C 129 -11.97 -12.48 -40.20
N ASP C 130 -10.81 -11.94 -40.60
CA ASP C 130 -9.93 -12.66 -41.52
C ASP C 130 -9.64 -14.07 -41.01
N ALA C 131 -9.43 -14.22 -39.72
CA ALA C 131 -9.05 -15.52 -39.18
C ALA C 131 -10.25 -16.43 -39.01
N GLY C 132 -11.46 -15.95 -39.32
CA GLY C 132 -12.63 -16.80 -39.37
C GLY C 132 -13.77 -16.44 -38.43
N ALA C 133 -13.65 -15.44 -37.55
CA ALA C 133 -14.78 -15.07 -36.71
C ALA C 133 -15.78 -14.19 -37.47
N LYS C 134 -17.00 -14.11 -36.93
CA LYS C 134 -18.05 -13.25 -37.47
C LYS C 134 -18.05 -11.85 -36.88
N LYS C 135 -17.78 -11.69 -35.58
CA LYS C 135 -17.89 -10.39 -34.90
C LYS C 135 -16.78 -10.23 -33.87
N VAL C 136 -16.51 -8.98 -33.51
CA VAL C 136 -15.50 -8.65 -32.51
C VAL C 136 -16.08 -7.60 -31.59
N LEU C 137 -16.02 -7.85 -30.28
CA LEU C 137 -16.36 -6.86 -29.27
C LEU C 137 -15.06 -6.46 -28.58
N ILE C 138 -14.68 -5.19 -28.70
CA ILE C 138 -13.39 -4.71 -28.19
C ILE C 138 -13.60 -4.09 -26.80
N SER C 139 -12.79 -4.53 -25.84
CA SER C 139 -12.94 -4.13 -24.44
C SER C 139 -12.25 -2.81 -24.13
N ALA C 140 -12.25 -1.89 -25.09
CA ALA C 140 -11.59 -0.59 -24.95
C ALA C 140 -12.04 0.40 -26.03
N PRO C 141 -11.72 1.69 -25.89
CA PRO C 141 -11.95 2.63 -27.01
C PRO C 141 -11.22 2.15 -28.26
N ALA C 142 -11.90 2.24 -29.39
CA ALA C 142 -11.33 1.76 -30.66
C ALA C 142 -11.66 2.71 -31.80
N GLY C 143 -11.43 4.01 -31.57
CA GLY C 143 -11.70 5.03 -32.56
C GLY C 143 -13.18 5.15 -32.89
N GLU C 144 -13.44 5.62 -34.11
CA GLU C 144 -14.80 5.96 -34.53
C GLU C 144 -15.46 4.70 -35.07
N MET C 145 -15.99 3.91 -34.15
CA MET C 145 -16.81 2.77 -34.46
C MET C 145 -17.97 2.84 -33.50
N LYS C 146 -18.94 1.96 -33.69
CA LYS C 146 -20.03 1.92 -32.76
C LYS C 146 -19.48 1.59 -31.36
N THR C 147 -19.86 2.41 -30.38
CA THR C 147 -19.27 2.40 -29.04
C THR C 147 -20.40 2.42 -28.03
N ILE C 148 -20.54 1.32 -27.27
CA ILE C 148 -21.75 1.02 -26.51
C ILE C 148 -21.48 1.07 -25.01
N VAL C 149 -22.27 1.87 -24.31
CA VAL C 149 -22.44 1.77 -22.87
C VAL C 149 -23.82 1.20 -22.64
N TYR C 150 -23.89 -0.05 -22.19
CA TYR C 150 -25.17 -0.72 -22.01
C TYR C 150 -26.08 0.13 -21.14
N ASN C 151 -27.34 0.22 -21.57
CA ASN C 151 -28.41 0.98 -20.93
C ASN C 151 -28.22 2.48 -21.04
N VAL C 152 -27.28 2.92 -21.88
CA VAL C 152 -27.29 4.27 -22.41
C VAL C 152 -27.60 4.27 -23.90
N ASN C 153 -26.84 3.51 -24.68
CA ASN C 153 -27.06 3.53 -26.12
C ASN C 153 -26.95 2.14 -26.76
N ASP C 154 -27.29 1.07 -26.03
CA ASP C 154 -27.17 -0.26 -26.65
C ASP C 154 -28.24 -0.49 -27.71
N ASP C 155 -29.29 0.32 -27.73
CA ASP C 155 -30.31 0.19 -28.77
C ASP C 155 -29.82 0.56 -30.15
N THR C 156 -28.62 1.15 -30.28
CA THR C 156 -28.05 1.47 -31.60
C THR C 156 -27.38 0.27 -32.26
N LEU C 157 -27.25 -0.85 -31.57
CA LEU C 157 -26.74 -2.06 -32.18
C LEU C 157 -27.78 -2.63 -33.14
N ASP C 158 -27.32 -3.28 -34.20
CA ASP C 158 -28.22 -3.92 -35.14
C ASP C 158 -27.54 -5.14 -35.75
N GLY C 159 -28.29 -5.88 -36.56
CA GLY C 159 -27.80 -7.12 -37.13
C GLY C 159 -26.63 -6.98 -38.06
N ASN C 160 -26.36 -5.77 -38.54
CA ASN C 160 -25.25 -5.57 -39.47
C ASN C 160 -23.92 -5.26 -38.79
N ASP C 161 -23.91 -4.92 -37.50
CA ASP C 161 -22.65 -4.61 -36.85
C ASP C 161 -21.76 -5.85 -36.74
N THR C 162 -20.47 -5.68 -37.04
CA THR C 162 -19.50 -6.76 -36.86
C THR C 162 -18.32 -6.44 -35.96
N ILE C 163 -17.95 -5.16 -35.77
CA ILE C 163 -16.87 -4.77 -34.86
C ILE C 163 -17.36 -3.59 -34.05
N VAL C 164 -17.36 -3.75 -32.73
CA VAL C 164 -18.02 -2.85 -31.82
C VAL C 164 -17.09 -2.66 -30.62
N SER C 165 -17.25 -1.52 -29.94
CA SER C 165 -16.45 -1.18 -28.78
C SER C 165 -17.39 -0.90 -27.62
N VAL C 166 -16.97 -1.29 -26.42
CA VAL C 166 -17.64 -0.89 -25.17
C VAL C 166 -16.88 0.21 -24.46
N ALA C 167 -15.92 0.83 -25.13
CA ALA C 167 -15.24 2.00 -24.59
C ALA C 167 -14.42 1.61 -23.36
N SER C 168 -14.06 2.57 -22.50
CA SER C 168 -13.27 2.29 -21.31
C SER C 168 -14.17 2.12 -20.08
N CYS C 169 -13.55 1.66 -18.99
CA CYS C 169 -14.28 1.67 -17.72
C CYS C 169 -14.73 3.08 -17.40
N THR C 170 -13.89 4.07 -17.71
CA THR C 170 -14.21 5.45 -17.42
C THR C 170 -15.44 5.92 -18.20
N THR C 171 -15.50 5.59 -19.48
CA THR C 171 -16.69 5.95 -20.25
C THR C 171 -17.92 5.30 -19.65
N ASN C 172 -17.79 4.04 -19.24
CA ASN C 172 -18.94 3.35 -18.65
C ASN C 172 -19.33 3.95 -17.32
N CYS C 173 -18.41 4.65 -16.63
CA CYS C 173 -18.79 5.37 -15.43
C CYS C 173 -19.30 6.79 -15.73
N LEU C 174 -18.76 7.46 -16.75
CA LEU C 174 -19.15 8.82 -17.05
C LEU C 174 -20.50 8.88 -17.74
N ALA C 175 -20.69 8.02 -18.75
CA ALA C 175 -21.85 8.17 -19.64
C ALA C 175 -23.20 8.06 -18.94
N PRO C 176 -23.43 7.10 -18.03
CA PRO C 176 -24.78 6.99 -17.47
C PRO C 176 -25.17 8.22 -16.69
N MET C 177 -24.23 8.75 -15.91
CA MET C 177 -24.44 9.98 -15.16
C MET C 177 -24.67 11.17 -16.10
N ALA C 178 -23.80 11.30 -17.10
CA ALA C 178 -23.92 12.41 -18.06
C ALA C 178 -25.22 12.31 -18.85
N LYS C 179 -25.66 11.09 -19.19
CA LYS C 179 -26.89 10.92 -19.93
C LYS C 179 -28.09 11.35 -19.10
N ALA C 180 -28.10 11.03 -17.80
CA ALA C 180 -29.23 11.43 -16.95
C ALA C 180 -29.28 12.95 -16.83
N LEU C 181 -28.14 13.57 -16.59
CA LEU C 181 -28.07 15.02 -16.46
C LEU C 181 -28.51 15.68 -17.76
N HIS C 182 -28.00 15.16 -18.88
CA HIS C 182 -28.37 15.69 -20.17
C HIS C 182 -29.89 15.63 -20.33
N ASP C 183 -30.46 14.43 -20.13
CA ASP C 183 -31.91 14.24 -20.30
C ASP C 183 -32.72 15.16 -19.40
N SER C 184 -32.29 15.32 -18.15
CA SER C 184 -33.09 16.06 -17.17
C SER C 184 -32.85 17.56 -17.19
N PHE C 185 -31.62 18.00 -17.44
CA PHE C 185 -31.29 19.40 -17.24
C PHE C 185 -30.53 19.99 -18.42
N GLY C 186 -29.99 19.17 -19.32
CA GLY C 186 -29.01 19.62 -20.30
C GLY C 186 -27.66 19.87 -19.63
N ILE C 187 -26.59 19.54 -20.33
CA ILE C 187 -25.23 19.88 -19.95
C ILE C 187 -24.72 20.86 -21.00
N GLU C 188 -24.35 22.06 -20.58
CA GLU C 188 -23.78 23.05 -21.49
C GLU C 188 -22.29 22.78 -21.74
N VAL C 189 -21.57 22.47 -20.68
CA VAL C 189 -20.13 22.19 -20.74
C VAL C 189 -19.78 21.45 -19.44
N GLY C 190 -18.73 20.64 -19.50
CA GLY C 190 -18.35 19.91 -18.30
C GLY C 190 -16.93 19.42 -18.34
N THR C 191 -16.34 19.26 -17.15
CA THR C 191 -15.04 18.61 -17.04
C THR C 191 -15.04 17.56 -15.93
N MET C 192 -14.29 16.50 -16.20
CA MET C 192 -14.28 15.26 -15.47
C MET C 192 -12.89 15.01 -14.89
N THR C 193 -12.86 14.54 -13.64
CA THR C 193 -11.65 13.93 -13.08
C THR C 193 -12.04 12.62 -12.44
N THR C 194 -11.37 11.54 -12.81
CA THR C 194 -11.58 10.27 -12.15
C THR C 194 -10.38 9.95 -11.26
N ILE C 195 -10.67 9.54 -10.03
CA ILE C 195 -9.65 9.10 -9.08
C ILE C 195 -9.73 7.59 -9.15
N ALA C 196 -8.71 6.98 -9.72
CA ALA C 196 -8.85 5.66 -10.30
C ALA C 196 -7.78 4.69 -9.86
N ALA C 197 -8.18 3.44 -9.66
CA ALA C 197 -7.23 2.39 -9.34
C ALA C 197 -6.16 2.27 -10.41
N TYR C 198 -4.97 1.87 -9.99
CA TYR C 198 -3.92 1.63 -10.96
C TYR C 198 -4.19 0.33 -11.71
N THR C 199 -3.62 0.25 -12.91
CA THR C 199 -3.88 -0.86 -13.83
C THR C 199 -2.56 -1.29 -14.46
N GLY C 200 -2.65 -2.35 -15.28
CA GLY C 200 -1.45 -2.93 -15.84
C GLY C 200 -0.72 -2.08 -16.86
N THR C 201 -1.30 -0.95 -17.31
CA THR C 201 -0.55 -0.06 -18.19
C THR C 201 0.48 0.76 -17.42
N GLN C 202 0.46 0.73 -16.09
CA GLN C 202 1.38 1.48 -15.27
C GLN C 202 2.59 0.61 -14.89
N SER C 203 3.46 1.12 -14.01
CA SER C 203 4.74 0.48 -13.67
C SER C 203 4.76 0.15 -12.18
N LEU C 204 5.33 -1.00 -11.87
CA LEU C 204 5.50 -1.42 -10.47
C LEU C 204 6.63 -0.66 -9.79
N VAL C 205 7.77 -0.54 -10.46
CA VAL C 205 8.88 0.30 -10.02
C VAL C 205 9.14 1.35 -11.09
N ASP C 206 9.75 2.47 -10.68
CA ASP C 206 10.12 3.53 -11.62
C ASP C 206 10.90 2.91 -12.80
N GLY C 207 10.35 2.95 -14.02
CA GLY C 207 11.08 2.50 -15.20
C GLY C 207 10.36 2.78 -16.49
N PRO C 208 11.04 2.66 -17.62
CA PRO C 208 10.44 3.01 -18.91
C PRO C 208 9.11 2.31 -19.13
N ARG C 209 8.11 3.08 -19.56
CA ARG C 209 6.80 2.55 -19.90
C ARG C 209 6.33 3.24 -21.18
N GLY C 210 6.94 2.86 -22.30
CA GLY C 210 6.63 3.51 -23.56
C GLY C 210 7.08 4.95 -23.46
N LYS C 211 6.19 5.85 -23.86
CA LYS C 211 6.50 7.27 -23.93
C LYS C 211 5.72 8.15 -22.96
N ASP C 212 4.70 7.63 -22.28
CA ASP C 212 4.07 8.32 -21.16
C ASP C 212 5.10 8.40 -20.03
N LEU C 213 5.62 9.59 -19.74
CA LEU C 213 6.57 9.73 -18.65
C LEU C 213 5.92 9.34 -17.34
N ARG C 214 4.72 9.83 -17.07
CA ARG C 214 4.11 9.60 -15.77
C ARG C 214 3.75 8.14 -15.55
N ALA C 215 3.45 7.41 -16.62
CA ALA C 215 3.17 5.98 -16.52
C ALA C 215 4.39 5.19 -16.12
N SER C 216 5.58 5.79 -16.19
CA SER C 216 6.81 5.12 -15.79
C SER C 216 7.00 5.03 -14.28
N ARG C 217 6.18 5.71 -13.49
CA ARG C 217 6.40 5.87 -12.06
C ARG C 217 5.64 4.83 -11.23
N ALA C 218 6.21 4.49 -10.07
CA ALA C 218 5.71 3.37 -9.26
C ALA C 218 4.26 3.61 -8.88
N ALA C 219 3.37 2.75 -9.36
CA ALA C 219 1.94 3.07 -9.35
C ALA C 219 1.36 2.97 -7.95
N ALA C 220 1.88 2.05 -7.15
CA ALA C 220 1.39 1.83 -5.79
C ALA C 220 2.00 2.81 -4.79
N GLU C 221 2.81 3.75 -5.26
CA GLU C 221 3.47 4.67 -4.35
C GLU C 221 3.27 6.14 -4.74
N ASN C 222 2.34 6.45 -5.65
CA ASN C 222 2.18 7.80 -6.16
C ASN C 222 0.73 8.08 -6.58
N ILE C 223 0.38 9.36 -6.50
CA ILE C 223 -0.74 9.92 -7.24
C ILE C 223 -0.19 10.32 -8.60
N ILE C 224 -0.71 9.73 -9.67
CA ILE C 224 -0.12 9.88 -11.01
C ILE C 224 -1.18 10.42 -11.96
N PRO C 225 -1.05 11.65 -12.44
CA PRO C 225 -1.97 12.14 -13.48
C PRO C 225 -1.85 11.28 -14.73
N HIS C 226 -2.97 11.13 -15.41
CA HIS C 226 -3.09 10.13 -16.46
C HIS C 226 -4.19 10.57 -17.41
N THR C 227 -3.88 10.57 -18.71
CA THR C 227 -4.87 10.97 -19.71
C THR C 227 -5.94 9.90 -19.86
N THR C 228 -7.14 10.35 -20.22
CA THR C 228 -8.24 9.48 -20.60
C THR C 228 -8.99 10.13 -21.75
N GLY C 229 -9.58 9.30 -22.60
CA GLY C 229 -10.39 9.76 -23.70
C GLY C 229 -11.87 9.79 -23.40
N ALA C 230 -12.28 9.51 -22.17
CA ALA C 230 -13.70 9.25 -21.91
C ALA C 230 -14.53 10.49 -22.16
N ALA C 231 -14.08 11.65 -21.66
CA ALA C 231 -14.81 12.88 -21.88
C ALA C 231 -14.76 13.29 -23.35
N LYS C 232 -13.56 13.29 -23.93
CA LYS C 232 -13.36 13.85 -25.25
C LYS C 232 -14.21 13.12 -26.28
N ALA C 233 -14.30 11.80 -26.18
CA ALA C 233 -15.00 11.00 -27.16
C ALA C 233 -16.41 10.62 -26.71
N ILE C 234 -16.98 11.35 -25.74
CA ILE C 234 -18.28 10.95 -25.20
C ILE C 234 -19.36 10.98 -26.27
N GLY C 235 -19.17 11.75 -27.34
CA GLY C 235 -20.18 11.89 -28.37
C GLY C 235 -20.52 10.61 -29.10
N LEU C 236 -19.60 9.64 -29.11
CA LEU C 236 -19.93 8.34 -29.71
C LEU C 236 -21.04 7.64 -28.94
N VAL C 237 -21.17 7.94 -27.65
CA VAL C 237 -22.19 7.33 -26.80
C VAL C 237 -23.38 8.25 -26.58
N ILE C 238 -23.11 9.54 -26.39
CA ILE C 238 -24.16 10.53 -26.18
C ILE C 238 -23.93 11.62 -27.22
N PRO C 239 -24.49 11.49 -28.44
CA PRO C 239 -24.11 12.40 -29.54
C PRO C 239 -24.25 13.88 -29.21
N GLU C 240 -25.30 14.26 -28.51
CA GLU C 240 -25.52 15.67 -28.19
C GLU C 240 -24.45 16.26 -27.28
N LEU C 241 -23.61 15.45 -26.63
CA LEU C 241 -22.59 15.96 -25.75
C LEU C 241 -21.23 16.05 -26.43
N SER C 242 -21.20 15.75 -27.71
CA SER C 242 -19.98 15.81 -28.49
C SER C 242 -19.34 17.20 -28.36
N GLY C 243 -18.06 17.24 -27.99
CA GLY C 243 -17.35 18.48 -27.88
C GLY C 243 -17.54 19.24 -26.59
N LYS C 244 -18.43 18.81 -25.70
CA LYS C 244 -18.78 19.61 -24.54
C LYS C 244 -18.04 19.19 -23.26
N LEU C 245 -17.32 18.09 -23.28
CA LEU C 245 -16.67 17.57 -22.08
C LEU C 245 -15.20 17.31 -22.31
N LYS C 246 -14.40 17.58 -21.28
CA LYS C 246 -13.02 17.17 -21.18
C LYS C 246 -12.77 16.49 -19.84
N GLY C 247 -11.60 15.90 -19.66
CA GLY C 247 -11.28 15.33 -18.37
C GLY C 247 -9.94 14.64 -18.38
N HIS C 248 -9.56 14.18 -17.19
CA HIS C 248 -8.40 13.33 -17.05
C HIS C 248 -8.58 12.45 -15.81
N ALA C 249 -7.55 11.68 -15.49
CA ALA C 249 -7.53 10.73 -14.41
C ALA C 249 -6.39 11.09 -13.46
N GLN C 250 -6.57 10.80 -12.19
CA GLN C 250 -5.48 10.69 -11.24
C GLN C 250 -5.43 9.22 -10.80
N ARG C 251 -4.40 8.50 -11.20
CA ARG C 251 -4.24 7.10 -10.79
C ARG C 251 -3.61 7.07 -9.40
N VAL C 252 -4.20 6.27 -8.50
CA VAL C 252 -3.81 6.24 -7.09
C VAL C 252 -3.68 4.80 -6.61
N PRO C 253 -3.05 4.56 -5.41
CA PRO C 253 -2.71 3.17 -5.02
C PRO C 253 -3.85 2.40 -4.38
N VAL C 254 -4.92 2.15 -5.15
CA VAL C 254 -5.88 1.10 -4.81
C VAL C 254 -5.91 0.14 -5.99
N LYS C 255 -6.11 -1.16 -5.69
CA LYS C 255 -5.91 -2.19 -6.70
C LYS C 255 -7.06 -2.31 -7.68
N THR C 256 -8.26 -1.95 -7.26
CA THR C 256 -9.41 -1.83 -8.15
C THR C 256 -10.47 -1.06 -7.38
N GLY C 257 -11.40 -0.48 -8.11
CA GLY C 257 -12.34 0.43 -7.49
C GLY C 257 -11.95 1.86 -7.75
N SER C 258 -12.86 2.64 -8.35
CA SER C 258 -12.55 3.94 -8.90
C SER C 258 -13.77 4.82 -8.71
N VAL C 259 -13.57 6.13 -8.88
CA VAL C 259 -14.64 7.12 -8.73
C VAL C 259 -14.41 8.23 -9.75
N THR C 260 -15.50 8.76 -10.28
CA THR C 260 -15.45 9.82 -11.30
C THR C 260 -16.25 11.02 -10.81
N GLU C 261 -15.60 12.18 -10.79
CA GLU C 261 -16.27 13.44 -10.55
C GLU C 261 -16.46 14.19 -11.87
N LEU C 262 -17.65 14.71 -12.07
CA LEU C 262 -17.96 15.56 -13.22
C LEU C 262 -18.46 16.91 -12.71
N VAL C 263 -17.82 17.98 -13.19
CA VAL C 263 -18.25 19.35 -12.89
C VAL C 263 -18.86 19.95 -14.15
N SER C 264 -20.13 20.35 -14.04
CA SER C 264 -20.98 20.71 -15.16
C SER C 264 -21.58 22.10 -14.96
N ILE C 265 -21.75 22.81 -16.07
CA ILE C 265 -22.78 23.85 -16.15
C ILE C 265 -23.99 23.21 -16.80
N LEU C 266 -25.11 23.21 -16.08
CA LEU C 266 -26.33 22.58 -16.56
C LEU C 266 -27.16 23.61 -17.32
N GLY C 267 -28.16 23.12 -18.06
CA GLY C 267 -29.06 23.99 -18.79
C GLY C 267 -30.15 24.60 -17.97
N LYS C 268 -30.27 24.27 -16.69
CA LYS C 268 -31.18 25.01 -15.84
C LYS C 268 -30.64 25.01 -14.42
N LYS C 269 -31.18 25.94 -13.65
CA LYS C 269 -30.86 26.04 -12.24
C LYS C 269 -31.44 24.83 -11.51
N VAL C 270 -30.67 24.30 -10.54
CA VAL C 270 -31.06 23.08 -9.83
C VAL C 270 -30.67 23.20 -8.37
N THR C 271 -31.31 22.39 -7.54
CA THR C 271 -30.86 22.08 -6.20
C THR C 271 -30.20 20.70 -6.17
N ALA C 272 -29.47 20.45 -5.08
CA ALA C 272 -28.90 19.12 -4.88
C ALA C 272 -29.97 18.04 -4.83
N GLU C 273 -31.08 18.30 -4.12
CA GLU C 273 -32.14 17.31 -4.02
C GLU C 273 -32.70 16.99 -5.39
N GLU C 274 -32.86 18.02 -6.23
CA GLU C 274 -33.41 17.83 -7.55
C GLU C 274 -32.49 16.97 -8.43
N VAL C 275 -31.20 17.26 -8.41
CA VAL C 275 -30.25 16.43 -9.16
C VAL C 275 -30.35 15.00 -8.67
N ASN C 276 -30.36 14.82 -7.36
CA ASN C 276 -30.30 13.47 -6.80
C ASN C 276 -31.55 12.69 -7.16
N ASN C 277 -32.72 13.34 -7.12
CA ASN C 277 -33.96 12.64 -7.46
C ASN C 277 -33.99 12.25 -8.92
N ALA C 278 -33.48 13.13 -9.79
CA ALA C 278 -33.41 12.82 -11.21
C ALA C 278 -32.52 11.61 -11.48
N LEU C 279 -31.38 11.52 -10.80
CA LEU C 279 -30.49 10.37 -10.97
C LEU C 279 -31.13 9.11 -10.40
N LYS C 280 -31.80 9.24 -9.26
CA LYS C 280 -32.48 8.09 -8.68
C LYS C 280 -33.49 7.52 -9.66
N GLN C 281 -34.27 8.39 -10.31
CA GLN C 281 -35.22 7.90 -11.30
C GLN C 281 -34.50 7.19 -12.42
N ALA C 282 -33.36 7.72 -12.85
CA ALA C 282 -32.62 7.11 -13.96
C ALA C 282 -32.03 5.75 -13.58
N THR C 283 -31.81 5.49 -12.28
CA THR C 283 -31.26 4.22 -11.83
C THR C 283 -32.32 3.19 -11.46
N THR C 284 -33.58 3.61 -11.32
CA THR C 284 -34.65 2.70 -10.97
C THR C 284 -34.84 1.66 -12.07
N ASN C 285 -34.87 0.38 -11.69
CA ASN C 285 -34.98 -0.74 -12.63
C ASN C 285 -33.91 -0.66 -13.72
N ASN C 286 -32.70 -0.31 -13.30
CA ASN C 286 -31.59 -0.17 -14.24
C ASN C 286 -30.50 -1.10 -13.76
N GLU C 287 -30.39 -2.24 -14.45
CA GLU C 287 -29.43 -3.28 -14.06
C GLU C 287 -27.99 -2.82 -14.24
N SER C 288 -27.77 -1.75 -15.01
CA SER C 288 -26.43 -1.29 -15.34
C SER C 288 -25.95 -0.17 -14.44
N PHE C 289 -26.86 0.58 -13.82
CA PHE C 289 -26.55 1.87 -13.22
C PHE C 289 -27.19 1.91 -11.84
N GLY C 290 -26.36 1.94 -10.79
CA GLY C 290 -26.84 1.89 -9.43
C GLY C 290 -26.88 3.28 -8.78
N TYR C 291 -27.53 3.32 -7.64
CA TYR C 291 -27.68 4.53 -6.84
C TYR C 291 -27.29 4.22 -5.39
N THR C 292 -26.56 5.13 -4.74
CA THR C 292 -26.39 5.02 -3.30
C THR C 292 -26.53 6.39 -2.65
N ASP C 293 -27.09 6.40 -1.44
CA ASP C 293 -26.89 7.55 -0.55
C ASP C 293 -26.22 7.11 0.74
N GLU C 294 -25.47 6.02 0.69
CA GLU C 294 -24.65 5.59 1.79
C GLU C 294 -23.24 6.12 1.64
N GLU C 295 -22.57 6.28 2.76
CA GLU C 295 -21.26 6.92 2.85
C GLU C 295 -20.15 5.93 2.49
N ILE C 296 -20.25 5.34 1.30
CA ILE C 296 -19.33 4.25 0.93
C ILE C 296 -17.96 4.80 0.55
N VAL C 297 -16.98 3.90 0.46
CA VAL C 297 -15.63 4.17 0.00
C VAL C 297 -15.31 3.16 -1.10
N SER C 298 -14.13 3.31 -1.74
CA SER C 298 -13.86 2.57 -2.99
C SER C 298 -13.95 1.05 -2.80
N SER C 299 -13.45 0.51 -1.68
CA SER C 299 -13.51 -0.95 -1.53
C SER C 299 -14.95 -1.46 -1.52
N ASP C 300 -15.93 -0.60 -1.19
CA ASP C 300 -17.31 -1.03 -1.21
C ASP C 300 -17.81 -1.24 -2.64
N ILE C 301 -17.12 -0.74 -3.66
CA ILE C 301 -17.59 -0.95 -5.03
C ILE C 301 -16.96 -2.18 -5.67
N ILE C 302 -15.98 -2.81 -5.01
CA ILE C 302 -15.31 -3.97 -5.60
C ILE C 302 -16.31 -5.11 -5.71
N GLY C 303 -16.44 -5.67 -6.91
CA GLY C 303 -17.39 -6.72 -7.15
C GLY C 303 -18.76 -6.24 -7.52
N SER C 304 -18.93 -4.92 -7.70
CA SER C 304 -20.20 -4.36 -8.13
C SER C 304 -20.68 -5.01 -9.41
N HIS C 305 -22.00 -5.19 -9.50
CA HIS C 305 -22.62 -5.69 -10.72
C HIS C 305 -23.21 -4.57 -11.56
N PHE C 306 -22.85 -3.34 -11.25
CA PHE C 306 -23.20 -2.17 -12.03
C PHE C 306 -21.96 -1.68 -12.75
N GLY C 307 -22.16 -1.10 -13.94
CA GLY C 307 -21.08 -0.35 -14.57
C GLY C 307 -20.75 0.94 -13.85
N SER C 308 -21.68 1.48 -13.08
CA SER C 308 -21.54 2.81 -12.49
C SER C 308 -22.50 2.89 -11.32
N VAL C 309 -22.11 3.55 -10.24
CA VAL C 309 -23.03 3.76 -9.11
C VAL C 309 -22.97 5.23 -8.71
N PHE C 310 -24.07 5.95 -8.93
CA PHE C 310 -24.14 7.37 -8.59
C PHE C 310 -24.23 7.54 -7.08
N ASP C 311 -23.49 8.50 -6.54
CA ASP C 311 -23.38 8.70 -5.09
C ASP C 311 -23.98 10.05 -4.73
N ALA C 312 -25.22 10.03 -4.24
CA ALA C 312 -25.93 11.25 -3.92
C ALA C 312 -25.28 12.01 -2.77
N THR C 313 -24.45 11.36 -1.95
CA THR C 313 -23.84 12.03 -0.82
C THR C 313 -22.79 13.05 -1.23
N GLN C 314 -22.29 12.98 -2.46
CA GLN C 314 -21.21 13.84 -2.92
C GLN C 314 -21.69 14.90 -3.89
N THR C 315 -22.99 14.99 -4.14
CA THR C 315 -23.50 16.02 -5.01
C THR C 315 -23.24 17.40 -4.40
N GLU C 316 -22.81 18.34 -5.24
CA GLU C 316 -22.47 19.68 -4.74
C GLU C 316 -22.89 20.73 -5.77
N ILE C 317 -23.62 21.74 -5.29
CA ILE C 317 -24.07 22.86 -6.11
C ILE C 317 -23.38 24.11 -5.58
N THR C 318 -22.55 24.72 -6.41
CA THR C 318 -21.87 25.97 -6.10
C THR C 318 -22.50 27.04 -6.96
N ALA C 319 -23.01 28.09 -6.33
CA ALA C 319 -23.78 29.09 -7.08
C ALA C 319 -23.43 30.50 -6.64
N VAL C 320 -23.31 31.37 -7.64
CA VAL C 320 -23.09 32.80 -7.44
C VAL C 320 -23.87 33.53 -8.52
N GLY C 321 -24.89 34.30 -8.14
CA GLY C 321 -25.68 34.94 -9.17
C GLY C 321 -26.39 33.91 -10.01
N ASP C 322 -26.43 34.14 -11.32
CA ASP C 322 -27.00 33.16 -12.22
C ASP C 322 -25.99 32.12 -12.66
N LEU C 323 -24.84 32.04 -11.99
CA LEU C 323 -23.82 31.06 -12.28
C LEU C 323 -23.88 29.89 -11.31
N GLN C 324 -23.68 28.69 -11.83
CA GLN C 324 -23.93 27.47 -11.07
C GLN C 324 -23.02 26.38 -11.59
N LEU C 325 -22.19 25.84 -10.72
CA LEU C 325 -21.40 24.64 -11.01
C LEU C 325 -22.01 23.45 -10.29
N VAL C 326 -22.20 22.35 -11.03
CA VAL C 326 -22.82 21.15 -10.46
C VAL C 326 -21.79 20.04 -10.49
N LYS C 327 -21.45 19.51 -9.32
CA LYS C 327 -20.52 18.40 -9.22
C LYS C 327 -21.30 17.15 -8.88
N THR C 328 -21.17 16.13 -9.73
CA THR C 328 -21.85 14.86 -9.55
C THR C 328 -20.80 13.77 -9.57
N VAL C 329 -21.01 12.73 -8.77
CA VAL C 329 -19.96 11.75 -8.50
C VAL C 329 -20.56 10.35 -8.57
N ALA C 330 -19.88 9.47 -9.28
CA ALA C 330 -20.28 8.08 -9.41
C ALA C 330 -19.06 7.18 -9.23
N TRP C 331 -19.27 6.06 -8.54
CA TRP C 331 -18.26 5.03 -8.32
C TRP C 331 -18.32 3.99 -9.44
N TYR C 332 -17.22 3.28 -9.62
CA TYR C 332 -17.22 2.17 -10.54
C TYR C 332 -16.10 1.20 -10.19
N ASP C 333 -16.40 -0.09 -10.27
CA ASP C 333 -15.36 -1.09 -10.22
C ASP C 333 -14.84 -1.23 -11.63
N ASN C 334 -13.73 -0.56 -11.89
CA ASN C 334 -13.16 -0.52 -13.22
C ASN C 334 -12.89 -1.91 -13.77
N GLU C 335 -12.69 -2.91 -12.90
CA GLU C 335 -12.55 -4.28 -13.38
C GLU C 335 -13.93 -4.95 -13.47
N TYR C 336 -14.45 -5.50 -12.36
CA TYR C 336 -15.62 -6.39 -12.47
C TYR C 336 -16.86 -5.63 -12.91
N GLY C 337 -17.04 -4.41 -12.42
CA GLY C 337 -18.23 -3.64 -12.75
C GLY C 337 -18.31 -3.36 -14.24
N PHE C 338 -17.20 -2.90 -14.81
CA PHE C 338 -17.10 -2.75 -16.25
C PHE C 338 -17.38 -4.06 -16.97
N VAL C 339 -16.85 -5.16 -16.46
CA VAL C 339 -17.07 -6.45 -17.12
C VAL C 339 -18.56 -6.79 -17.19
N THR C 340 -19.34 -6.47 -16.15
CA THR C 340 -20.77 -6.79 -16.23
C THR C 340 -21.41 -6.04 -17.39
N GLN C 341 -20.95 -4.80 -17.65
CA GLN C 341 -21.44 -4.04 -18.80
C GLN C 341 -20.99 -4.66 -20.12
N LEU C 342 -19.74 -5.10 -20.18
CA LEU C 342 -19.25 -5.76 -21.37
C LEU C 342 -20.06 -7.02 -21.65
N ILE C 343 -20.38 -7.78 -20.60
CA ILE C 343 -21.15 -9.01 -20.81
C ILE C 343 -22.58 -8.67 -21.23
N ARG C 344 -23.19 -7.64 -20.63
CA ARG C 344 -24.54 -7.25 -21.09
C ARG C 344 -24.52 -6.94 -22.58
N THR C 345 -23.51 -6.20 -23.03
CA THR C 345 -23.40 -5.83 -24.43
C THR C 345 -23.11 -7.05 -25.29
N LEU C 346 -22.19 -7.91 -24.84
CA LEU C 346 -21.92 -9.15 -25.55
C LEU C 346 -23.16 -10.01 -25.71
N GLU C 347 -24.00 -10.08 -24.67
N GLU C 347 -23.99 -10.11 -24.66
CA GLU C 347 -25.17 -10.95 -24.74
CA GLU C 347 -25.17 -10.96 -24.76
C GLU C 347 -26.13 -10.44 -25.82
C GLU C 347 -26.11 -10.44 -25.84
N LYS C 348 -26.31 -9.12 -25.90
CA LYS C 348 -27.18 -8.56 -26.92
C LYS C 348 -26.56 -8.68 -28.31
N PHE C 349 -25.26 -8.42 -28.40
CA PHE C 349 -24.53 -8.48 -29.66
C PHE C 349 -24.67 -9.86 -30.29
N ALA C 350 -24.63 -10.91 -29.47
CA ALA C 350 -24.72 -12.28 -29.94
C ALA C 350 -26.13 -12.65 -30.40
N LYS C 351 -27.17 -12.11 -29.76
CA LYS C 351 -28.55 -12.36 -30.19
C LYS C 351 -28.89 -11.69 -31.53
N LEU C 352 -28.13 -10.71 -31.97
CA LEU C 352 -28.48 -9.99 -33.19
C LEU C 352 -27.91 -10.68 -34.41
N MET D 20 10.66 38.74 19.49
CA MET D 20 10.47 37.40 20.15
C MET D 20 11.23 36.30 19.44
N SER D 21 11.62 35.28 20.22
CA SER D 21 12.52 34.26 19.72
C SER D 21 12.44 32.95 20.50
N LYS D 22 11.46 32.81 21.37
CA LYS D 22 11.35 31.64 22.22
C LYS D 22 9.97 31.02 22.03
N VAL D 23 9.95 29.77 21.52
CA VAL D 23 8.72 29.11 21.08
C VAL D 23 8.47 27.86 21.91
N GLY D 24 7.19 27.61 22.20
CA GLY D 24 6.72 26.32 22.66
C GLY D 24 5.89 25.64 21.58
N ILE D 25 5.94 24.30 21.53
CA ILE D 25 5.11 23.52 20.61
C ILE D 25 4.15 22.70 21.43
N ASN D 26 2.87 22.86 21.17
CA ASN D 26 1.85 21.99 21.72
C ASN D 26 1.38 21.00 20.65
N GLY D 27 1.59 19.72 20.89
CA GLY D 27 1.28 18.69 19.91
C GLY D 27 2.52 18.38 19.11
N PHE D 28 3.33 17.44 19.60
CA PHE D 28 4.56 17.10 18.91
C PHE D 28 4.30 15.95 17.93
N GLY D 29 3.31 16.14 17.05
CA GLY D 29 2.92 15.15 16.05
C GLY D 29 3.62 15.35 14.73
N ARG D 30 2.93 14.93 13.65
CA ARG D 30 3.51 15.07 12.30
C ARG D 30 3.93 16.51 12.06
N ILE D 31 3.02 17.46 12.31
CA ILE D 31 3.33 18.88 12.10
C ILE D 31 4.30 19.37 13.17
N GLY D 32 4.01 19.08 14.43
CA GLY D 32 4.83 19.57 15.52
C GLY D 32 6.30 19.23 15.35
N ARG D 33 6.59 17.96 15.02
CA ARG D 33 8.00 17.56 14.90
C ARG D 33 8.64 18.21 13.70
N LEU D 34 7.90 18.35 12.61
CA LEU D 34 8.45 18.95 11.42
C LEU D 34 8.68 20.45 11.62
N VAL D 35 7.88 21.09 12.47
CA VAL D 35 8.12 22.48 12.80
C VAL D 35 9.54 22.66 13.34
N LEU D 36 9.91 21.84 14.30
CA LEU D 36 11.27 21.90 14.83
C LEU D 36 12.30 21.57 13.75
N ARG D 37 12.03 20.52 12.96
CA ARG D 37 12.98 20.15 11.91
C ARG D 37 13.27 21.34 11.00
N ARG D 38 12.22 22.10 10.65
CA ARG D 38 12.37 23.17 9.66
C ARG D 38 13.08 24.37 10.26
N LEU D 39 12.65 24.79 11.46
CA LEU D 39 13.35 25.86 12.19
C LEU D 39 14.84 25.60 12.23
N LEU D 40 15.22 24.35 12.50
CA LEU D 40 16.64 24.02 12.51
C LEU D 40 17.22 24.05 11.12
N GLU D 41 16.45 23.62 10.12
CA GLU D 41 16.98 23.54 8.76
C GLU D 41 17.33 24.92 8.24
N VAL D 42 16.54 25.93 8.58
CA VAL D 42 16.75 27.27 8.05
C VAL D 42 17.65 28.09 8.98
N LYS D 43 18.25 27.45 9.98
CA LYS D 43 19.09 28.14 10.96
C LYS D 43 18.36 29.37 11.51
N SER D 44 17.13 29.15 11.94
CA SER D 44 16.32 30.21 12.49
C SER D 44 16.87 30.69 13.83
N ASN D 45 16.64 31.97 14.13
CA ASN D 45 16.99 32.50 15.44
C ASN D 45 15.92 32.20 16.48
N ILE D 46 14.72 31.83 16.04
CA ILE D 46 13.74 31.29 16.98
C ILE D 46 14.30 29.99 17.55
N ASP D 47 14.14 29.82 18.87
CA ASP D 47 14.55 28.62 19.57
C ASP D 47 13.31 27.98 20.17
N VAL D 48 13.16 26.68 19.97
CA VAL D 48 12.10 25.93 20.65
C VAL D 48 12.60 25.56 22.04
N VAL D 49 11.90 26.02 23.07
CA VAL D 49 12.34 25.87 24.44
C VAL D 49 11.53 24.85 25.20
N ALA D 50 10.35 24.46 24.71
CA ALA D 50 9.49 23.53 25.44
C ALA D 50 8.53 22.87 24.47
N ILE D 51 8.10 21.68 24.86
CA ILE D 51 7.19 20.86 24.07
C ILE D 51 6.19 20.26 25.01
N ASN D 52 4.92 20.30 24.63
CA ASN D 52 3.89 19.60 25.35
C ASN D 52 3.22 18.57 24.46
N ASP D 53 3.02 17.38 25.00
CA ASP D 53 2.31 16.31 24.30
C ASP D 53 1.64 15.43 25.34
N LEU D 54 1.53 14.11 25.07
CA LEU D 54 0.83 13.22 25.99
C LEU D 54 1.68 12.02 26.37
N THR D 55 2.99 12.09 26.18
CA THR D 55 3.81 10.90 26.25
C THR D 55 5.14 11.27 26.90
N SER D 56 6.10 10.34 26.87
CA SER D 56 7.38 10.44 27.52
C SER D 56 8.40 11.10 26.63
N PRO D 57 9.42 11.73 27.20
CA PRO D 57 10.52 12.22 26.36
C PRO D 57 11.15 11.12 25.52
N LYS D 58 11.18 9.88 26.04
CA LYS D 58 11.83 8.78 25.31
C LYS D 58 11.11 8.50 24.00
N ILE D 59 9.79 8.55 24.03
CA ILE D 59 8.97 8.25 22.86
C ILE D 59 8.98 9.43 21.89
N LEU D 60 8.90 10.66 22.40
CA LEU D 60 9.08 11.82 21.55
C LEU D 60 10.44 11.81 20.92
N ALA D 61 11.47 11.39 21.66
CA ALA D 61 12.80 11.34 21.04
C ALA D 61 12.87 10.29 19.94
N TYR D 62 12.33 9.10 20.20
CA TYR D 62 12.25 8.05 19.18
C TYR D 62 11.58 8.57 17.91
N LEU D 63 10.42 9.21 18.06
CA LEU D 63 9.64 9.71 16.93
C LEU D 63 10.36 10.83 16.20
N LEU D 64 11.05 11.71 16.92
CA LEU D 64 11.76 12.78 16.25
C LEU D 64 12.93 12.24 15.47
N LYS D 65 13.56 11.20 15.99
CA LYS D 65 14.77 10.67 15.38
C LYS D 65 14.44 9.87 14.12
N HIS D 66 13.33 9.14 14.13
CA HIS D 66 12.98 8.20 13.07
C HIS D 66 11.64 8.60 12.48
N ASP D 67 11.63 8.95 11.19
CA ASP D 67 10.46 9.53 10.54
C ASP D 67 10.16 8.78 9.27
N SER D 68 8.98 8.15 9.23
CA SER D 68 8.64 7.29 8.09
C SER D 68 8.59 8.04 6.77
N ASN D 69 8.38 9.36 6.81
CA ASN D 69 8.21 10.11 5.57
C ASN D 69 9.45 10.89 5.16
N TYR D 70 10.23 11.37 6.12
CA TYR D 70 11.37 12.23 5.82
C TYR D 70 12.70 11.66 6.28
N GLY D 71 12.73 10.44 6.81
CA GLY D 71 13.98 9.81 7.16
C GLY D 71 14.62 10.37 8.42
N PRO D 72 15.86 9.96 8.68
CA PRO D 72 16.52 10.28 9.95
C PRO D 72 16.61 11.78 10.24
N PHE D 73 16.39 12.15 11.51
CA PHE D 73 16.55 13.55 11.88
C PHE D 73 17.97 13.99 11.56
N PRO D 74 18.17 15.16 10.94
CA PRO D 74 19.52 15.61 10.58
C PRO D 74 20.35 16.14 11.74
N TRP D 75 19.83 16.11 12.97
CA TRP D 75 20.59 16.57 14.12
C TRP D 75 20.49 15.54 15.24
N SER D 76 21.46 15.62 16.17
CA SER D 76 21.52 14.68 17.28
C SER D 76 20.30 14.86 18.18
N VAL D 77 19.77 13.74 18.66
CA VAL D 77 18.61 13.74 19.54
C VAL D 77 18.89 12.81 20.70
N ASP D 78 18.56 13.27 21.90
CA ASP D 78 18.69 12.48 23.13
C ASP D 78 17.64 13.00 24.10
N PHE D 79 17.54 12.38 25.27
CA PHE D 79 16.47 12.76 26.18
C PHE D 79 16.90 12.49 27.62
N THR D 80 16.26 13.19 28.54
CA THR D 80 16.26 12.89 29.96
C THR D 80 14.83 12.60 30.38
N GLU D 81 14.62 12.33 31.68
CA GLU D 81 13.27 12.07 32.13
C GLU D 81 12.32 13.24 31.86
N ASP D 82 12.82 14.48 31.72
CA ASP D 82 11.94 15.64 31.57
C ASP D 82 12.31 16.54 30.40
N SER D 83 13.06 16.04 29.42
CA SER D 83 13.52 16.92 28.36
C SER D 83 13.94 16.12 27.13
N LEU D 84 14.06 16.84 26.02
CA LEU D 84 14.82 16.42 24.86
C LEU D 84 16.10 17.24 24.77
N ILE D 85 17.14 16.63 24.20
CA ILE D 85 18.37 17.33 23.86
C ILE D 85 18.56 17.20 22.34
N VAL D 86 18.38 18.31 21.63
CA VAL D 86 18.35 18.30 20.16
C VAL D 86 19.47 19.20 19.69
N ASP D 87 20.46 18.60 19.03
CA ASP D 87 21.63 19.35 18.55
C ASP D 87 22.31 20.04 19.73
N GLY D 88 22.36 19.36 20.87
CA GLY D 88 23.03 19.89 22.05
C GLY D 88 22.22 20.83 22.91
N LYS D 89 21.01 21.20 22.52
CA LYS D 89 20.20 22.13 23.29
C LYS D 89 19.06 21.40 23.98
N SER D 90 18.79 21.81 25.20
CA SER D 90 17.76 21.18 26.01
C SER D 90 16.42 21.83 25.74
N ILE D 91 15.39 21.00 25.66
CA ILE D 91 14.01 21.40 25.43
C ILE D 91 13.19 20.72 26.50
N ALA D 92 12.42 21.49 27.27
CA ALA D 92 11.58 20.87 28.28
C ALA D 92 10.46 20.09 27.61
N VAL D 93 10.04 19.02 28.27
CA VAL D 93 8.94 18.21 27.80
C VAL D 93 7.91 18.10 28.92
N TYR D 94 6.70 18.59 28.64
CA TYR D 94 5.55 18.40 29.52
C TYR D 94 4.54 17.46 28.86
N ALA D 95 3.62 16.95 29.68
CA ALA D 95 2.57 16.08 29.22
C ALA D 95 1.24 16.50 29.86
N GLU D 96 0.85 17.76 29.63
CA GLU D 96 -0.40 18.29 30.18
C GLU D 96 -1.51 18.20 29.13
N LYS D 97 -2.47 17.33 29.41
CA LYS D 97 -3.66 17.18 28.60
C LYS D 97 -4.41 18.50 28.39
N GLU D 98 -4.19 19.50 29.24
CA GLU D 98 -4.91 20.77 29.21
C GLU D 98 -3.90 21.92 29.15
N ALA D 99 -4.05 22.78 28.14
CA ALA D 99 -3.04 23.81 27.91
C ALA D 99 -2.86 24.69 29.14
N LYS D 100 -3.94 24.96 29.88
CA LYS D 100 -3.87 25.73 31.14
C LYS D 100 -2.62 25.45 31.96
N ASN D 101 -2.28 24.18 32.05
CA ASN D 101 -1.29 23.65 32.99
C ASN D 101 0.11 23.60 32.40
N ILE D 102 0.32 24.10 31.19
CA ILE D 102 1.63 23.98 30.60
C ILE D 102 2.47 25.11 31.20
N PRO D 103 3.55 24.81 31.92
CA PRO D 103 4.32 25.91 32.50
C PRO D 103 5.12 26.64 31.44
N TRP D 104 4.43 27.25 30.47
CA TRP D 104 5.15 27.97 29.44
C TRP D 104 6.06 29.02 30.06
N LYS D 105 5.58 29.66 31.14
CA LYS D 105 6.36 30.62 31.91
C LYS D 105 7.78 30.13 32.18
N ALA D 106 7.90 28.98 32.84
CA ALA D 106 9.18 28.46 33.31
C ALA D 106 10.30 28.69 32.32
N LYS D 107 10.19 28.07 31.15
CA LYS D 107 11.27 28.08 30.17
C LYS D 107 11.27 29.35 29.33
N GLY D 108 10.28 30.21 29.49
CA GLY D 108 10.22 31.44 28.74
C GLY D 108 9.64 31.31 27.34
N ALA D 109 8.58 30.50 27.18
CA ALA D 109 7.98 30.25 25.87
C ALA D 109 7.05 31.40 25.50
N GLU D 110 7.49 32.21 24.54
CA GLU D 110 6.75 33.40 24.15
C GLU D 110 5.63 33.06 23.17
N ILE D 111 5.92 32.28 22.12
CA ILE D 111 4.94 31.98 21.07
C ILE D 111 4.68 30.48 21.03
N ILE D 112 3.40 30.10 21.10
CA ILE D 112 2.98 28.70 21.07
C ILE D 112 2.55 28.31 19.66
N VAL D 113 3.24 27.34 19.07
CA VAL D 113 2.80 26.74 17.82
C VAL D 113 1.85 25.60 18.20
N GLU D 114 0.55 25.81 18.00
CA GLU D 114 -0.51 24.95 18.51
C GLU D 114 -0.91 23.92 17.45
N CYS D 115 -0.44 22.67 17.62
CA CYS D 115 -0.51 21.60 16.62
C CYS D 115 -1.15 20.32 17.15
N THR D 116 -2.09 20.43 18.10
CA THR D 116 -2.77 19.25 18.62
C THR D 116 -4.11 18.99 17.94
N GLY D 117 -4.64 19.94 17.19
CA GLY D 117 -6.00 19.84 16.74
C GLY D 117 -7.06 20.08 17.80
N PHE D 118 -6.70 20.27 19.06
CA PHE D 118 -7.69 20.37 20.13
C PHE D 118 -7.91 21.79 20.64
N TYR D 119 -7.27 22.80 20.05
CA TYR D 119 -7.42 24.17 20.52
C TYR D 119 -7.67 25.12 19.34
N THR D 120 -8.57 24.71 18.44
CA THR D 120 -8.77 25.42 17.17
C THR D 120 -9.87 26.46 17.31
N SER D 121 -9.66 27.39 18.23
CA SER D 121 -10.46 28.59 18.37
C SER D 121 -9.66 29.61 19.17
N ALA D 122 -10.02 30.88 19.01
CA ALA D 122 -9.38 31.91 19.82
C ALA D 122 -9.65 31.67 21.29
N GLU D 123 -10.82 31.13 21.62
CA GLU D 123 -11.21 30.88 23.00
C GLU D 123 -10.38 29.76 23.60
N LYS D 124 -10.16 28.70 22.82
CA LYS D 124 -9.42 27.57 23.35
C LYS D 124 -7.96 27.91 23.52
N SER D 125 -7.35 28.51 22.49
CA SER D 125 -5.95 28.88 22.60
C SER D 125 -5.71 30.01 23.59
N GLN D 126 -6.77 30.65 24.09
CA GLN D 126 -6.61 31.60 25.19
C GLN D 126 -5.81 30.98 26.34
N ALA D 127 -6.00 29.67 26.59
CA ALA D 127 -5.31 28.97 27.66
C ALA D 127 -3.79 29.17 27.63
N HIS D 128 -3.19 29.13 26.45
CA HIS D 128 -1.73 29.31 26.38
C HIS D 128 -1.31 30.69 26.86
N LEU D 129 -2.11 31.71 26.57
CA LEU D 129 -1.82 33.05 27.09
C LEU D 129 -2.00 33.06 28.60
N ASP D 130 -3.11 32.51 29.10
CA ASP D 130 -3.30 32.35 30.54
C ASP D 130 -2.12 31.68 31.22
N ALA D 131 -1.51 30.69 30.57
CA ALA D 131 -0.34 29.99 31.10
C ALA D 131 0.96 30.74 30.85
N GLY D 132 0.89 31.98 30.35
CA GLY D 132 2.04 32.85 30.28
C GLY D 132 2.66 33.03 28.92
N ALA D 133 2.08 32.47 27.86
CA ALA D 133 2.56 32.74 26.52
C ALA D 133 1.99 34.06 26.01
N LYS D 134 2.77 34.75 25.18
CA LYS D 134 2.38 36.03 24.61
C LYS D 134 1.58 35.90 23.30
N LYS D 135 1.92 34.95 22.42
CA LYS D 135 1.14 34.73 21.20
C LYS D 135 0.97 33.24 20.91
N VAL D 136 -0.01 32.95 20.05
CA VAL D 136 -0.32 31.60 19.60
C VAL D 136 -0.51 31.60 18.09
N LEU D 137 0.18 30.68 17.40
CA LEU D 137 -0.05 30.37 15.99
C LEU D 137 -0.61 28.95 15.90
N ILE D 138 -1.87 28.84 15.47
CA ILE D 138 -2.60 27.57 15.34
C ILE D 138 -2.37 26.97 13.96
N SER D 139 -2.02 25.67 13.91
CA SER D 139 -1.64 25.00 12.66
C SER D 139 -2.83 24.44 11.89
N ALA D 140 -4.00 25.06 12.02
CA ALA D 140 -5.21 24.53 11.41
C ALA D 140 -6.22 25.67 11.31
N PRO D 141 -7.29 25.48 10.55
CA PRO D 141 -8.39 26.46 10.60
C PRO D 141 -8.88 26.56 12.02
N ALA D 142 -9.18 27.80 12.44
CA ALA D 142 -9.68 28.05 13.79
C ALA D 142 -10.75 29.14 13.77
N GLY D 143 -11.78 28.95 12.94
CA GLY D 143 -12.90 29.87 12.90
C GLY D 143 -12.53 31.26 12.41
N GLU D 144 -13.27 32.26 12.88
CA GLU D 144 -13.15 33.64 12.40
C GLU D 144 -12.04 34.37 13.16
N MET D 145 -10.81 34.17 12.71
CA MET D 145 -9.65 34.88 13.22
C MET D 145 -8.75 35.12 12.02
N LYS D 146 -7.75 35.99 12.19
CA LYS D 146 -6.79 36.19 11.13
C LYS D 146 -6.20 34.87 10.74
N THR D 147 -6.26 34.58 9.45
CA THR D 147 -5.90 33.29 8.88
C THR D 147 -4.96 33.61 7.73
N ILE D 148 -3.71 33.23 7.87
CA ILE D 148 -2.62 33.66 7.00
C ILE D 148 -2.17 32.50 6.11
N VAL D 149 -2.19 32.72 4.81
CA VAL D 149 -1.37 31.97 3.86
C VAL D 149 -0.23 32.87 3.48
N TYR D 150 0.98 32.46 3.83
CA TYR D 150 2.13 33.33 3.61
C TYR D 150 2.33 33.60 2.12
N ASN D 151 2.67 34.85 1.81
CA ASN D 151 2.78 35.37 0.45
C ASN D 151 1.46 35.42 -0.28
N VAL D 152 0.37 35.37 0.44
CA VAL D 152 -0.94 35.78 -0.05
C VAL D 152 -1.51 36.92 0.77
N ASN D 153 -1.57 36.76 2.09
CA ASN D 153 -2.14 37.80 2.94
C ASN D 153 -1.41 37.96 4.27
N ASP D 154 -0.11 37.67 4.34
CA ASP D 154 0.60 37.83 5.60
C ASP D 154 0.81 39.31 5.94
N ASP D 155 0.61 40.21 4.98
CA ASP D 155 0.66 41.65 5.27
C ASP D 155 -0.48 42.10 6.16
N THR D 156 -1.57 41.34 6.26
CA THR D 156 -2.63 41.69 7.22
C THR D 156 -2.21 41.48 8.68
N LEU D 157 -1.03 40.91 8.93
CA LEU D 157 -0.57 40.72 10.30
C LEU D 157 -0.04 42.04 10.84
N ASP D 158 -0.44 42.40 12.06
CA ASP D 158 0.15 43.56 12.73
C ASP D 158 0.58 43.19 14.14
N GLY D 159 1.27 44.13 14.79
CA GLY D 159 1.87 43.91 16.09
C GLY D 159 0.87 43.68 17.21
N ASN D 160 -0.41 43.97 17.00
CA ASN D 160 -1.45 43.73 18.00
C ASN D 160 -2.07 42.34 17.91
N ASP D 161 -1.71 41.53 16.92
CA ASP D 161 -2.22 40.18 16.84
C ASP D 161 -1.59 39.30 17.92
N THR D 162 -2.43 38.55 18.65
CA THR D 162 -1.98 37.55 19.62
C THR D 162 -2.30 36.09 19.25
N ILE D 163 -3.45 35.80 18.67
CA ILE D 163 -3.81 34.44 18.26
C ILE D 163 -4.14 34.48 16.76
N VAL D 164 -3.38 33.74 15.94
CA VAL D 164 -3.64 33.66 14.52
C VAL D 164 -3.58 32.21 14.04
N SER D 165 -4.17 31.97 12.86
CA SER D 165 -4.25 30.66 12.21
C SER D 165 -3.48 30.67 10.90
N VAL D 166 -2.86 29.54 10.55
CA VAL D 166 -2.32 29.40 9.19
C VAL D 166 -3.16 28.44 8.35
N ALA D 167 -4.41 28.21 8.77
CA ALA D 167 -5.37 27.43 8.00
C ALA D 167 -4.88 25.99 7.83
N SER D 168 -5.40 25.30 6.81
CA SER D 168 -5.08 23.90 6.53
C SER D 168 -4.02 23.81 5.46
N CYS D 169 -3.48 22.59 5.26
CA CYS D 169 -2.58 22.36 4.13
C CYS D 169 -3.31 22.64 2.84
N THR D 170 -4.58 22.27 2.79
CA THR D 170 -5.40 22.47 1.61
C THR D 170 -5.58 23.95 1.31
N THR D 171 -5.83 24.75 2.35
CA THR D 171 -5.94 26.19 2.15
C THR D 171 -4.63 26.76 1.61
N ASN D 172 -3.48 26.31 2.13
CA ASN D 172 -2.20 26.80 1.64
C ASN D 172 -1.91 26.34 0.22
N CYS D 173 -2.61 25.31 -0.27
CA CYS D 173 -2.50 24.93 -1.67
C CYS D 173 -3.47 25.68 -2.56
N LEU D 174 -4.71 25.84 -2.10
CA LEU D 174 -5.71 26.50 -2.90
C LEU D 174 -5.46 27.99 -3.00
N ALA D 175 -5.12 28.65 -1.89
CA ALA D 175 -5.09 30.12 -1.88
C ALA D 175 -4.13 30.71 -2.89
N PRO D 176 -2.87 30.27 -3.00
CA PRO D 176 -1.96 30.94 -3.96
C PRO D 176 -2.45 30.90 -5.38
N MET D 177 -2.92 29.73 -5.82
CA MET D 177 -3.45 29.54 -7.16
C MET D 177 -4.71 30.39 -7.37
N ALA D 178 -5.61 30.39 -6.40
CA ALA D 178 -6.83 31.19 -6.50
C ALA D 178 -6.49 32.67 -6.56
N LYS D 179 -5.55 33.11 -5.72
CA LYS D 179 -5.18 34.51 -5.70
C LYS D 179 -4.66 34.94 -7.07
N ALA D 180 -3.75 34.18 -7.66
CA ALA D 180 -3.24 34.55 -8.99
C ALA D 180 -4.37 34.64 -10.01
N LEU D 181 -5.24 33.62 -10.07
CA LEU D 181 -6.34 33.63 -11.04
C LEU D 181 -7.25 34.82 -10.81
N HIS D 182 -7.57 35.09 -9.55
CA HIS D 182 -8.43 36.20 -9.21
C HIS D 182 -7.80 37.51 -9.65
N ASP D 183 -6.50 37.67 -9.39
CA ASP D 183 -5.83 38.93 -9.77
C ASP D 183 -5.78 39.08 -11.28
N SER D 184 -5.52 38.00 -12.01
CA SER D 184 -5.31 38.11 -13.44
C SER D 184 -6.62 38.10 -14.19
N PHE D 185 -7.58 37.29 -13.76
CA PHE D 185 -8.75 37.02 -14.57
C PHE D 185 -10.07 37.23 -13.88
N GLY D 186 -10.10 37.26 -12.55
CA GLY D 186 -11.37 37.15 -11.84
C GLY D 186 -11.86 35.71 -11.81
N ILE D 187 -12.27 35.26 -10.63
CA ILE D 187 -12.95 33.98 -10.46
C ILE D 187 -14.38 34.31 -10.10
N GLU D 188 -15.31 33.89 -10.93
CA GLU D 188 -16.71 34.19 -10.67
C GLU D 188 -17.34 33.14 -9.76
N VAL D 189 -16.92 31.87 -9.90
CA VAL D 189 -17.40 30.77 -9.06
C VAL D 189 -16.44 29.60 -9.34
N GLY D 190 -16.29 28.69 -8.39
CA GLY D 190 -15.39 27.56 -8.59
C GLY D 190 -15.62 26.46 -7.57
N THR D 191 -15.15 25.27 -7.91
CA THR D 191 -15.17 24.15 -6.96
C THR D 191 -13.88 23.35 -7.05
N MET D 192 -13.34 22.95 -5.91
CA MET D 192 -12.09 22.20 -5.93
C MET D 192 -12.30 20.76 -5.45
N THR D 193 -11.36 19.92 -5.86
CA THR D 193 -11.20 18.60 -5.28
C THR D 193 -9.72 18.38 -5.06
N THR D 194 -9.35 18.09 -3.83
CA THR D 194 -7.99 17.67 -3.55
C THR D 194 -7.94 16.14 -3.43
N ILE D 195 -7.00 15.55 -4.13
CA ILE D 195 -6.67 14.15 -4.03
C ILE D 195 -5.49 14.11 -3.08
N ALA D 196 -5.71 13.60 -1.87
CA ALA D 196 -4.86 13.95 -0.74
C ALA D 196 -4.38 12.72 0.02
N ALA D 197 -3.14 12.81 0.51
CA ALA D 197 -2.53 11.79 1.35
C ALA D 197 -3.37 11.59 2.61
N TYR D 198 -3.41 10.35 3.10
CA TYR D 198 -4.17 10.11 4.33
C TYR D 198 -3.42 10.68 5.52
N THR D 199 -4.17 11.08 6.56
CA THR D 199 -3.60 11.70 7.77
C THR D 199 -4.11 10.98 9.02
N GLY D 200 -3.62 11.42 10.18
CA GLY D 200 -3.94 10.80 11.47
C GLY D 200 -5.38 10.93 11.92
N THR D 201 -6.20 11.69 11.22
CA THR D 201 -7.61 11.73 11.57
C THR D 201 -8.40 10.56 11.01
N GLN D 202 -7.78 9.76 10.16
CA GLN D 202 -8.41 8.62 9.53
C GLN D 202 -8.14 7.38 10.36
N SER D 203 -8.54 6.23 9.86
CA SER D 203 -8.48 4.97 10.59
C SER D 203 -7.51 4.02 9.91
N LEU D 204 -6.79 3.23 10.71
CA LEU D 204 -5.91 2.20 10.17
C LEU D 204 -6.72 0.98 9.71
N VAL D 205 -7.64 0.50 10.56
CA VAL D 205 -8.57 -0.56 10.19
C VAL D 205 -9.98 0.00 10.35
N ASP D 206 -10.94 -0.65 9.70
CA ASP D 206 -12.34 -0.21 9.78
C ASP D 206 -12.81 -0.22 11.23
N GLY D 207 -13.22 0.92 11.76
CA GLY D 207 -13.76 0.99 13.10
C GLY D 207 -14.12 2.42 13.48
N PRO D 208 -14.84 2.60 14.60
CA PRO D 208 -15.41 3.93 14.88
C PRO D 208 -14.33 5.00 14.98
N ARG D 209 -14.62 6.16 14.37
CA ARG D 209 -13.78 7.35 14.44
C ARG D 209 -14.75 8.51 14.66
N GLY D 210 -15.18 8.66 15.91
CA GLY D 210 -16.22 9.63 16.22
C GLY D 210 -17.46 9.36 15.40
N LYS D 211 -18.00 10.43 14.80
CA LYS D 211 -19.26 10.40 14.07
C LYS D 211 -19.10 10.37 12.56
N ASP D 212 -17.90 10.60 12.04
CA ASP D 212 -17.67 10.68 10.60
C ASP D 212 -17.57 9.25 10.08
N LEU D 213 -18.58 8.80 9.33
CA LEU D 213 -18.61 7.42 8.86
C LEU D 213 -17.44 7.14 7.93
N ARG D 214 -17.17 8.03 6.98
CA ARG D 214 -16.10 7.73 6.03
C ARG D 214 -14.75 7.70 6.72
N ALA D 215 -14.54 8.51 7.75
CA ALA D 215 -13.25 8.47 8.44
C ALA D 215 -13.05 7.20 9.24
N SER D 216 -14.10 6.40 9.38
CA SER D 216 -13.95 5.14 10.09
C SER D 216 -13.32 4.05 9.24
N ARG D 217 -12.99 4.31 7.97
CA ARG D 217 -12.63 3.25 7.06
C ARG D 217 -11.12 3.23 6.84
N ALA D 218 -10.62 2.03 6.56
CA ALA D 218 -9.20 1.78 6.40
C ALA D 218 -8.53 2.70 5.39
N ALA D 219 -7.67 3.60 5.88
CA ALA D 219 -7.23 4.72 5.07
C ALA D 219 -6.27 4.30 3.98
N ALA D 220 -5.44 3.30 4.21
CA ALA D 220 -4.45 2.92 3.22
C ALA D 220 -4.97 1.88 2.26
N GLU D 221 -6.27 1.56 2.31
CA GLU D 221 -6.86 0.53 1.45
C GLU D 221 -8.06 1.08 0.67
N ASN D 222 -8.22 2.40 0.59
CA ASN D 222 -9.45 2.99 0.08
C ASN D 222 -9.21 4.39 -0.46
N ILE D 223 -10.00 4.74 -1.47
CA ILE D 223 -10.33 6.12 -1.79
C ILE D 223 -11.50 6.54 -0.91
N ILE D 224 -11.31 7.61 -0.14
CA ILE D 224 -12.29 8.03 0.87
C ILE D 224 -12.68 9.49 0.70
N PRO D 225 -13.88 9.80 0.22
CA PRO D 225 -14.35 11.19 0.25
C PRO D 225 -14.28 11.77 1.65
N HIS D 226 -14.03 13.07 1.72
CA HIS D 226 -13.65 13.70 2.96
C HIS D 226 -13.91 15.20 2.86
N THR D 227 -14.58 15.75 3.85
CA THR D 227 -14.91 17.17 3.81
C THR D 227 -13.68 18.02 4.06
N THR D 228 -13.69 19.20 3.49
CA THR D 228 -12.67 20.20 3.79
C THR D 228 -13.31 21.58 3.76
N GLY D 229 -12.87 22.44 4.67
CA GLY D 229 -13.30 23.82 4.71
C GLY D 229 -12.48 24.79 3.89
N ALA D 230 -11.46 24.32 3.16
CA ALA D 230 -10.55 25.24 2.48
C ALA D 230 -11.31 26.19 1.57
N ALA D 231 -12.18 25.66 0.73
CA ALA D 231 -12.88 26.49 -0.23
C ALA D 231 -13.92 27.37 0.46
N LYS D 232 -14.75 26.75 1.30
CA LYS D 232 -15.81 27.44 2.00
C LYS D 232 -15.30 28.68 2.75
N ALA D 233 -14.13 28.59 3.35
CA ALA D 233 -13.60 29.63 4.24
C ALA D 233 -12.53 30.48 3.56
N ILE D 234 -12.39 30.36 2.25
CA ILE D 234 -11.35 31.07 1.52
C ILE D 234 -11.44 32.57 1.78
N GLY D 235 -12.63 33.07 2.13
CA GLY D 235 -12.81 34.50 2.31
C GLY D 235 -11.89 35.09 3.36
N LEU D 236 -11.48 34.29 4.35
CA LEU D 236 -10.56 34.77 5.36
C LEU D 236 -9.21 35.12 4.78
N VAL D 237 -8.84 34.48 3.67
CA VAL D 237 -7.53 34.70 3.07
C VAL D 237 -7.62 35.60 1.84
N ILE D 238 -8.65 35.38 1.01
CA ILE D 238 -8.91 36.17 -0.19
C ILE D 238 -10.33 36.71 -0.05
N PRO D 239 -10.49 37.88 0.56
CA PRO D 239 -11.85 38.33 0.93
C PRO D 239 -12.81 38.48 -0.25
N GLU D 240 -12.32 38.84 -1.44
CA GLU D 240 -13.19 38.94 -2.62
C GLU D 240 -13.77 37.59 -3.06
N LEU D 241 -13.16 36.48 -2.68
CA LEU D 241 -13.65 35.16 -3.08
C LEU D 241 -14.57 34.56 -2.04
N SER D 242 -15.01 35.37 -1.09
CA SER D 242 -15.83 34.86 -0.02
C SER D 242 -17.14 34.34 -0.58
N GLY D 243 -17.51 33.14 -0.16
CA GLY D 243 -18.70 32.50 -0.68
C GLY D 243 -18.69 32.10 -2.14
N LYS D 244 -17.55 32.18 -2.84
CA LYS D 244 -17.55 31.87 -4.27
C LYS D 244 -17.05 30.46 -4.58
N LEU D 245 -16.38 29.79 -3.65
CA LEU D 245 -15.81 28.47 -3.86
C LEU D 245 -16.46 27.43 -2.95
N LYS D 246 -16.46 26.18 -3.43
CA LYS D 246 -16.79 25.01 -2.63
C LYS D 246 -15.78 23.93 -2.97
N GLY D 247 -15.78 22.85 -2.20
CA GLY D 247 -14.89 21.75 -2.51
C GLY D 247 -14.90 20.66 -1.46
N HIS D 248 -14.13 19.61 -1.75
CA HIS D 248 -13.98 18.46 -0.86
C HIS D 248 -12.66 17.77 -1.19
N ALA D 249 -12.41 16.66 -0.55
CA ALA D 249 -11.20 15.90 -0.74
C ALA D 249 -11.55 14.45 -1.05
N GLN D 250 -10.63 13.79 -1.74
CA GLN D 250 -10.59 12.33 -1.85
C GLN D 250 -9.26 11.91 -1.22
N ARG D 251 -9.32 11.33 -0.04
CA ARG D 251 -8.15 10.81 0.65
C ARG D 251 -7.77 9.45 0.06
N VAL D 252 -6.50 9.29 -0.29
CA VAL D 252 -6.05 8.09 -0.99
C VAL D 252 -4.76 7.54 -0.35
N PRO D 253 -4.33 6.27 -0.71
CA PRO D 253 -3.24 5.62 0.05
C PRO D 253 -1.83 6.01 -0.37
N VAL D 254 -1.50 7.31 -0.19
CA VAL D 254 -0.11 7.77 -0.16
C VAL D 254 0.10 8.46 1.18
N LYS D 255 1.33 8.38 1.66
CA LYS D 255 1.62 8.71 3.06
C LYS D 255 1.77 10.21 3.28
N THR D 256 2.26 10.92 2.27
CA THR D 256 2.23 12.38 2.26
C THR D 256 2.43 12.79 0.82
N GLY D 257 2.01 14.00 0.52
CA GLY D 257 2.07 14.50 -0.85
C GLY D 257 0.70 14.42 -1.45
N SER D 258 0.16 15.58 -1.87
CA SER D 258 -1.21 15.75 -2.28
C SER D 258 -1.28 16.70 -3.48
N VAL D 259 -2.48 16.89 -4.00
CA VAL D 259 -2.69 17.67 -5.21
C VAL D 259 -4.11 18.24 -5.19
N THR D 260 -4.24 19.51 -5.59
CA THR D 260 -5.53 20.19 -5.58
C THR D 260 -5.91 20.60 -6.98
N GLU D 261 -7.13 20.23 -7.39
CA GLU D 261 -7.71 20.67 -8.66
C GLU D 261 -8.78 21.71 -8.35
N LEU D 262 -8.77 22.81 -9.10
CA LEU D 262 -9.78 23.84 -9.02
C LEU D 262 -10.42 24.01 -10.40
N VAL D 263 -11.74 23.85 -10.48
CA VAL D 263 -12.51 24.13 -11.69
C VAL D 263 -13.25 25.46 -11.49
N SER D 264 -12.91 26.45 -12.32
CA SER D 264 -13.38 27.82 -12.14
C SER D 264 -14.12 28.32 -13.37
N ILE D 265 -15.10 29.18 -13.14
CA ILE D 265 -15.57 30.09 -14.17
C ILE D 265 -14.82 31.39 -13.95
N LEU D 266 -14.02 31.79 -14.92
CA LEU D 266 -13.25 33.03 -14.81
C LEU D 266 -14.01 34.22 -15.42
N GLY D 267 -13.53 35.42 -15.12
CA GLY D 267 -14.11 36.65 -15.61
C GLY D 267 -13.64 37.08 -16.99
N LYS D 268 -12.67 36.37 -17.58
CA LYS D 268 -12.24 36.60 -18.96
C LYS D 268 -12.14 35.27 -19.68
N LYS D 269 -12.21 35.33 -21.02
CA LYS D 269 -11.85 34.16 -21.82
C LYS D 269 -10.34 33.99 -21.82
N VAL D 270 -9.85 32.75 -21.72
CA VAL D 270 -8.42 32.53 -21.61
C VAL D 270 -8.01 31.35 -22.46
N THR D 271 -6.71 31.27 -22.70
CA THR D 271 -6.08 30.07 -23.22
C THR D 271 -5.25 29.45 -22.11
N ALA D 272 -4.93 28.17 -22.29
CA ALA D 272 -4.06 27.48 -21.34
C ALA D 272 -2.73 28.20 -21.21
N GLU D 273 -2.14 28.59 -22.33
CA GLU D 273 -0.86 29.27 -22.25
C GLU D 273 -0.97 30.54 -21.43
N GLU D 274 -2.07 31.29 -21.62
CA GLU D 274 -2.27 32.53 -20.90
C GLU D 274 -2.42 32.28 -19.40
N VAL D 275 -3.12 31.22 -19.04
CA VAL D 275 -3.28 30.86 -17.63
C VAL D 275 -1.92 30.52 -17.04
N ASN D 276 -1.15 29.68 -17.75
CA ASN D 276 0.15 29.23 -17.24
C ASN D 276 1.14 30.38 -17.13
N ASN D 277 1.13 31.32 -18.09
CA ASN D 277 2.03 32.48 -17.96
C ASN D 277 1.61 33.40 -16.84
N ALA D 278 0.31 33.53 -16.57
CA ALA D 278 -0.10 34.30 -15.41
C ALA D 278 0.41 33.64 -14.14
N LEU D 279 0.31 32.30 -14.06
CA LEU D 279 0.79 31.62 -12.87
C LEU D 279 2.31 31.65 -12.80
N LYS D 280 2.98 31.54 -13.93
CA LYS D 280 4.44 31.63 -13.92
C LYS D 280 4.86 32.95 -13.28
N GLN D 281 4.27 34.04 -13.74
CA GLN D 281 4.62 35.37 -13.22
C GLN D 281 4.37 35.44 -11.71
N ALA D 282 3.24 34.91 -11.24
CA ALA D 282 2.93 34.98 -9.81
C ALA D 282 3.87 34.12 -8.97
N THR D 283 4.59 33.18 -9.57
CA THR D 283 5.51 32.32 -8.83
C THR D 283 6.97 32.74 -8.95
N THR D 284 7.28 33.69 -9.82
CA THR D 284 8.67 34.08 -9.99
C THR D 284 9.17 34.79 -8.73
N ASN D 285 10.32 34.34 -8.22
CA ASN D 285 10.88 34.86 -6.96
C ASN D 285 9.83 34.84 -5.86
N ASN D 286 9.05 33.77 -5.84
CA ASN D 286 8.00 33.57 -4.86
C ASN D 286 8.43 32.33 -4.06
N GLU D 287 8.97 32.57 -2.86
CA GLU D 287 9.56 31.47 -2.07
C GLU D 287 8.49 30.53 -1.53
N SER D 288 7.24 30.99 -1.46
CA SER D 288 6.09 30.23 -0.96
C SER D 288 5.39 29.41 -2.05
N PHE D 289 5.49 29.83 -3.31
CA PHE D 289 4.60 29.36 -4.38
C PHE D 289 5.46 29.00 -5.56
N GLY D 290 5.48 27.71 -5.94
CA GLY D 290 6.34 27.21 -6.98
C GLY D 290 5.59 26.88 -8.27
N TYR D 291 6.37 26.57 -9.30
CA TYR D 291 5.89 26.31 -10.64
C TYR D 291 6.64 25.13 -11.22
N THR D 292 5.92 24.24 -11.87
CA THR D 292 6.56 23.19 -12.67
C THR D 292 5.79 23.00 -13.96
N ASP D 293 6.53 22.69 -15.03
CA ASP D 293 5.98 22.15 -16.27
C ASP D 293 6.61 20.81 -16.59
N GLU D 294 7.07 20.12 -15.55
CA GLU D 294 7.58 18.76 -15.65
C GLU D 294 6.49 17.79 -15.23
N GLU D 295 6.61 16.57 -15.73
CA GLU D 295 5.57 15.56 -15.57
C GLU D 295 5.72 14.81 -14.24
N ILE D 296 5.63 15.56 -13.15
CA ILE D 296 5.89 15.02 -11.82
C ILE D 296 4.70 14.23 -11.29
N VAL D 297 4.94 13.44 -10.24
CA VAL D 297 3.92 12.67 -9.54
C VAL D 297 4.08 12.97 -8.05
N SER D 298 3.15 12.47 -7.23
CA SER D 298 3.06 12.98 -5.87
C SER D 298 4.38 12.83 -5.10
N SER D 299 5.09 11.70 -5.25
CA SER D 299 6.30 11.54 -4.45
C SER D 299 7.35 12.59 -4.78
N ASP D 300 7.29 13.23 -5.95
CA ASP D 300 8.24 14.29 -6.26
C ASP D 300 7.99 15.53 -5.45
N ILE D 301 6.82 15.65 -4.82
CA ILE D 301 6.55 16.83 -4.01
C ILE D 301 6.95 16.63 -2.54
N ILE D 302 7.30 15.41 -2.15
CA ILE D 302 7.66 15.15 -0.75
C ILE D 302 8.95 15.89 -0.42
N GLY D 303 8.92 16.67 0.65
CA GLY D 303 10.09 17.47 0.95
C GLY D 303 10.09 18.85 0.33
N SER D 304 9.05 19.20 -0.44
CA SER D 304 8.94 20.51 -1.08
C SER D 304 9.14 21.63 -0.07
N HIS D 305 9.81 22.69 -0.50
CA HIS D 305 9.93 23.87 0.36
C HIS D 305 8.92 24.95 0.00
N PHE D 306 7.87 24.60 -0.73
CA PHE D 306 6.78 25.49 -1.09
C PHE D 306 5.50 25.07 -0.38
N GLY D 307 4.60 26.03 -0.20
CA GLY D 307 3.28 25.66 0.27
C GLY D 307 2.40 25.03 -0.80
N SER D 308 2.73 25.25 -2.07
CA SER D 308 1.91 24.93 -3.24
C SER D 308 2.84 24.99 -4.45
N VAL D 309 2.70 24.06 -5.39
CA VAL D 309 3.46 24.09 -6.65
C VAL D 309 2.44 23.95 -7.80
N PHE D 310 2.26 25.01 -8.57
CA PHE D 310 1.34 24.98 -9.70
C PHE D 310 1.90 24.13 -10.84
N ASP D 311 1.06 23.26 -11.40
CA ASP D 311 1.51 22.29 -12.40
C ASP D 311 0.86 22.66 -13.73
N ALA D 312 1.64 23.30 -14.59
CA ALA D 312 1.13 23.78 -15.85
C ALA D 312 0.79 22.65 -16.82
N THR D 313 1.31 21.43 -16.59
CA THR D 313 1.00 20.31 -17.48
C THR D 313 -0.43 19.84 -17.32
N GLN D 314 -1.13 20.27 -16.28
CA GLN D 314 -2.47 19.79 -16.01
C GLN D 314 -3.54 20.84 -16.26
N THR D 315 -3.15 22.01 -16.72
CA THR D 315 -4.12 23.04 -17.02
C THR D 315 -5.04 22.58 -18.16
N GLU D 316 -6.33 22.85 -18.03
CA GLU D 316 -7.30 22.42 -19.03
C GLU D 316 -8.39 23.48 -19.13
N ILE D 317 -8.68 23.87 -20.37
CA ILE D 317 -9.71 24.85 -20.71
C ILE D 317 -10.77 24.11 -21.51
N THR D 318 -12.01 24.08 -21.01
CA THR D 318 -13.13 23.47 -21.72
C THR D 318 -14.07 24.61 -22.13
N ALA D 319 -14.14 24.89 -23.43
CA ALA D 319 -14.87 26.05 -23.95
C ALA D 319 -15.98 25.59 -24.89
N VAL D 320 -17.18 26.10 -24.67
CA VAL D 320 -18.30 25.91 -25.57
C VAL D 320 -18.94 27.27 -25.70
N GLY D 321 -18.63 27.98 -26.78
CA GLY D 321 -19.19 29.29 -26.97
C GLY D 321 -18.69 30.25 -25.93
N ASP D 322 -19.62 30.96 -25.31
CA ASP D 322 -19.32 31.93 -24.26
C ASP D 322 -18.97 31.26 -22.94
N LEU D 323 -19.20 29.95 -22.80
CA LEU D 323 -18.93 29.29 -21.54
C LEU D 323 -17.55 28.64 -21.56
N GLN D 324 -16.93 28.61 -20.40
CA GLN D 324 -15.55 28.16 -20.29
C GLN D 324 -15.36 27.70 -18.86
N LEU D 325 -14.86 26.49 -18.71
CA LEU D 325 -14.43 25.95 -17.43
C LEU D 325 -12.93 25.86 -17.49
N VAL D 326 -12.29 26.34 -16.44
CA VAL D 326 -10.85 26.35 -16.35
C VAL D 326 -10.46 25.45 -15.20
N LYS D 327 -9.68 24.43 -15.49
CA LYS D 327 -9.15 23.55 -14.44
C LYS D 327 -7.68 23.86 -14.25
N THR D 328 -7.33 24.26 -13.04
CA THR D 328 -5.96 24.47 -12.65
C THR D 328 -5.60 23.56 -11.47
N VAL D 329 -4.35 23.10 -11.46
CA VAL D 329 -3.90 22.03 -10.59
C VAL D 329 -2.60 22.44 -9.91
N ALA D 330 -2.53 22.28 -8.58
CA ALA D 330 -1.32 22.54 -7.83
C ALA D 330 -1.02 21.41 -6.84
N TRP D 331 0.25 21.03 -6.79
CA TRP D 331 0.76 20.02 -5.86
C TRP D 331 1.07 20.67 -4.51
N TYR D 332 1.06 19.85 -3.45
CA TYR D 332 1.51 20.32 -2.15
C TYR D 332 1.93 19.16 -1.27
N ASP D 333 3.07 19.32 -0.62
CA ASP D 333 3.42 18.43 0.48
C ASP D 333 2.67 18.91 1.71
N ASN D 334 1.55 18.25 1.97
CA ASN D 334 0.66 18.63 3.05
C ASN D 334 1.34 18.61 4.40
N GLU D 335 2.44 17.86 4.55
CA GLU D 335 3.22 17.93 5.77
C GLU D 335 4.32 18.97 5.59
N TYR D 336 5.47 18.57 5.04
CA TYR D 336 6.62 19.47 5.06
C TYR D 336 6.34 20.78 4.34
N GLY D 337 5.64 20.73 3.21
CA GLY D 337 5.44 21.96 2.45
C GLY D 337 4.63 22.96 3.23
N PHE D 338 3.48 22.53 3.72
CA PHE D 338 2.69 23.33 4.64
C PHE D 338 3.53 23.86 5.81
N VAL D 339 4.45 23.05 6.34
CA VAL D 339 5.24 23.50 7.47
C VAL D 339 6.13 24.68 7.07
N THR D 340 6.71 24.66 5.87
CA THR D 340 7.55 25.79 5.47
C THR D 340 6.75 27.08 5.48
N GLN D 341 5.45 27.00 5.16
CA GLN D 341 4.58 28.18 5.23
C GLN D 341 4.30 28.57 6.67
N LEU D 342 4.07 27.60 7.52
CA LEU D 342 3.83 27.88 8.93
C LEU D 342 5.03 28.61 9.53
N ILE D 343 6.25 28.19 9.18
CA ILE D 343 7.45 28.80 9.74
C ILE D 343 7.66 30.21 9.19
N ARG D 344 7.43 30.41 7.89
CA ARG D 344 7.48 31.76 7.33
C ARG D 344 6.57 32.71 8.10
N THR D 345 5.33 32.31 8.31
CA THR D 345 4.39 33.12 9.08
C THR D 345 4.90 33.32 10.50
N LEU D 346 5.45 32.26 11.10
CA LEU D 346 5.95 32.36 12.47
C LEU D 346 7.08 33.38 12.58
N GLU D 347 8.07 33.27 11.69
CA GLU D 347 9.19 34.20 11.73
C GLU D 347 8.71 35.64 11.70
N LYS D 348 7.70 35.92 10.87
CA LYS D 348 7.21 37.29 10.75
C LYS D 348 6.36 37.66 11.96
N PHE D 349 5.43 36.79 12.33
CA PHE D 349 4.65 36.94 13.55
C PHE D 349 5.52 37.26 14.76
N ALA D 350 6.70 36.62 14.84
CA ALA D 350 7.60 36.80 15.96
C ALA D 350 8.26 38.17 15.97
N LYS D 351 8.35 38.86 14.83
CA LYS D 351 9.05 40.14 14.78
C LYS D 351 8.15 41.36 14.97
N LEU D 352 6.83 41.20 15.00
CA LEU D 352 5.94 42.35 14.99
C LEU D 352 5.72 42.88 16.41
PA NAD E . -10.74 -3.78 16.97
O1A NAD E . -10.01 -2.58 17.45
O2A NAD E . -11.03 -3.91 15.50
O5B NAD E . -12.17 -4.02 17.76
C5B NAD E . -12.24 -3.65 19.13
C4B NAD E . -13.76 -3.28 19.35
O4B NAD E . -14.02 -3.25 20.64
C3B NAD E . -14.05 -1.88 18.75
O3B NAD E . -15.26 -1.92 18.05
C2B NAD E . -14.05 -1.00 20.03
O2B NAD E . -14.92 0.17 19.79
C1B NAD E . -14.57 -1.78 20.97
N9A NAD E . -14.18 -1.50 22.34
C8A NAD E . -12.99 -1.08 22.84
N7A NAD E . -13.09 -0.99 24.16
C5A NAD E . -14.34 -1.37 24.50
C6A NAD E . -14.98 -1.47 25.71
N6A NAD E . -14.48 -1.17 27.04
N1A NAD E . -16.23 -1.89 25.79
C2A NAD E . -16.88 -2.23 24.65
N3A NAD E . -16.27 -2.14 23.45
C4A NAD E . -15.00 -1.68 23.38
O3 NAD E . -9.77 -5.05 17.41
PN NAD E . -9.84 -6.54 16.77
O1N NAD E . -8.83 -6.56 15.64
O2N NAD E . -11.23 -6.96 16.31
O5D NAD E . -9.33 -7.47 18.03
C5D NAD E . -10.28 -7.74 19.01
C4D NAD E . -9.69 -8.85 19.91
O4D NAD E . -9.48 -9.92 19.14
C3D NAD E . -8.33 -8.44 20.46
O3D NAD E . -8.20 -9.02 21.67
C2D NAD E . -7.36 -9.06 19.40
O2D NAD E . -6.03 -9.29 20.00
C1D NAD E . -7.92 -10.21 19.09
N1N NAD E . -7.64 -10.79 17.78
C2N NAD E . -7.38 -10.02 16.66
C3N NAD E . -7.08 -10.62 15.44
C7N NAD E . -6.81 -9.75 14.21
O7N NAD E . -6.14 -10.16 13.32
N7N NAD E . -7.36 -8.43 14.13
C4N NAD E . -7.10 -12.00 15.32
C5N NAD E . -7.35 -12.77 16.42
C6N NAD E . -7.61 -12.15 17.65
H51A NAD E . -11.68 -2.87 19.30
H52A NAD E . -11.98 -4.38 19.70
H4B NAD E . -14.33 -3.95 18.92
H3B NAD E . -13.33 -1.62 18.16
HO3A NAD E . -15.13 -1.70 17.24
H2B NAD E . -13.15 -0.73 20.26
HO2A NAD E . -14.46 0.86 19.69
H1B NAD E . -15.53 -1.77 20.91
H8A NAD E . -12.24 -0.86 22.33
H61A NAD E . -14.01 -1.76 27.46
H62A NAD E . -14.66 -0.42 27.41
H2A NAD E . -17.77 -2.51 24.71
H51N NAD E . -10.44 -6.95 19.54
H52N NAD E . -11.09 -8.04 18.60
H4D NAD E . -10.30 -9.07 20.63
H3D NAD E . -8.25 -7.48 20.51
HO3N NAD E . -7.49 -8.72 22.05
H2D NAD E . -7.30 -8.48 18.62
HO2N NAD E . -5.62 -8.54 20.08
H1D NAD E . -7.70 -10.86 19.78
H2N NAD E . -7.38 -9.10 16.73
H71N NAD E . -7.84 -8.12 14.76
H72N NAD E . -7.20 -7.94 13.43
H4N NAD E . -6.91 -12.40 14.51
H5N NAD E . -7.34 -13.70 16.35
H6N NAD E . -7.74 -12.95 18.11
O1 G3H F . -1.07 -10.01 18.59
C1 G3H F . -0.33 -9.17 19.01
C2 G3H F . -0.85 -7.77 19.39
O2 G3H F . -1.84 -7.91 20.37
C3 G3H F . -1.38 -6.98 18.19
O1P G3H F . -2.24 -7.72 17.35
O2P G3H F . -4.73 -7.10 16.75
O3P G3H F . -4.17 -9.35 17.15
O4P G3H F . -4.16 -7.74 19.10
P G3H F . -3.87 -7.94 17.61
H11 G3H F . 0.57 -9.36 19.11
H2 G3H F . -0.11 -7.28 19.77
HO2 G3H F . -1.51 -7.74 21.13
H31 G3H F . -0.63 -6.64 17.67
H32 G3H F . -1.88 -6.21 18.53
P PO4 G . 8.68 -33.31 22.12
O1 PO4 G . 9.78 -34.30 21.82
O2 PO4 G . 9.29 -32.05 22.71
O3 PO4 G . 7.96 -33.00 20.84
O4 PO4 G . 7.69 -33.85 23.13
P PO4 H . -3.33 -29.39 -6.65
O1 PO4 H . -2.68 -28.39 -7.57
O2 PO4 H . -2.31 -30.44 -6.23
O3 PO4 H . -4.51 -30.03 -7.35
O4 PO4 H . -3.81 -28.66 -5.41
C1 EDO I . -16.88 -23.73 5.81
O1 EDO I . -18.22 -23.18 5.74
C2 EDO I . -16.82 -24.94 6.72
O2 EDO I . -15.55 -25.01 7.36
H11 EDO I . -16.18 -22.98 6.17
H12 EDO I . -16.56 -24.03 4.80
HO1 EDO I . -18.20 -22.40 5.15
H21 EDO I . -16.99 -25.85 6.14
H22 EDO I . -17.61 -24.88 7.48
HO2 EDO I . -15.51 -25.78 7.95
CL CL J . 9.15 -15.69 22.60
CL CL K . -15.81 -4.28 34.36
P PO4 L . 0.07 0.30 -0.17
O1 PO4 L . 0.60 1.38 -1.12
O2 PO4 L . 0.19 -1.04 -0.88
O3 PO4 L . 0.89 0.26 1.11
O4 PO4 L . -1.37 0.60 0.24
PA NAD M . 15.19 -2.73 -13.26
O1A NAD M . 14.13 -3.56 -13.93
O2A NAD M . 14.73 -1.53 -12.48
O5B NAD M . 16.32 -2.14 -14.35
C5B NAD M . 16.70 -2.93 -15.48
C4B NAD M . 17.15 -1.96 -16.65
O4B NAD M . 17.65 -2.67 -17.63
C3B NAD M . 15.91 -1.22 -17.22
O3B NAD M . 16.12 0.13 -17.28
C2B NAD M . 15.71 -1.86 -18.59
O2B NAD M . 15.07 -0.84 -19.47
C1B NAD M . 16.94 -2.20 -18.97
N9A NAD M . 17.12 -3.36 -19.78
C8A NAD M . 16.45 -4.53 -19.74
N7A NAD M . 16.99 -5.36 -20.64
C5A NAD M . 18.00 -4.68 -21.23
C6A NAD M . 18.89 -5.03 -22.22
N6A NAD M . 18.93 -6.29 -22.92
N1A NAD M . 19.82 -4.19 -22.63
C2A NAD M . 19.90 -2.97 -22.08
N3A NAD M . 19.04 -2.61 -21.12
C4A NAD M . 18.09 -3.47 -20.70
O3 NAD M . 15.98 -3.82 -12.36
PN NAD M . 16.87 -3.46 -11.08
O1N NAD M . 17.59 -2.11 -11.25
O2N NAD M . 16.00 -3.45 -9.84
O5D NAD M . 17.95 -4.69 -11.01
C5D NAD M . 18.91 -4.79 -12.02
C4D NAD M . 19.92 -5.91 -11.66
O4D NAD M . 20.41 -5.69 -10.43
C3D NAD M . 19.24 -7.27 -11.60
O3D NAD M . 20.12 -8.22 -11.96
C2D NAD M . 18.82 -7.33 -10.09
O2D NAD M . 18.66 -8.76 -9.68
C1D NAD M . 19.86 -6.82 -9.44
N1N NAD M . 19.63 -6.20 -8.09
C2N NAD M . 18.44 -5.63 -7.72
C3N NAD M . 18.29 -5.11 -6.44
C7N NAD M . 16.98 -4.44 -6.01
O7N NAD M . 16.65 -4.35 -4.88
N7N NAD M . 16.13 -3.85 -7.01
C4N NAD M . 19.33 -5.17 -5.55
C5N NAD M . 20.50 -5.74 -5.90
C6N NAD M . 20.64 -6.27 -7.18
H51A NAD M . 15.95 -3.46 -15.78
H52A NAD M . 17.44 -3.51 -15.24
H4B NAD M . 17.81 -1.32 -16.33
H3B NAD M . 15.14 -1.40 -16.65
HO3A NAD M . 15.70 0.51 -16.65
H2B NAD M . 15.16 -2.65 -18.52
HO2A NAD M . 14.59 -1.24 -20.06
H1B NAD M . 17.40 -1.43 -19.35
H8A NAD M . 15.73 -4.72 -19.18
H61A NAD M . 19.41 -6.94 -22.61
H62A NAD M . 18.46 -6.41 -23.63
H2A NAD M . 20.54 -2.38 -22.37
H51N NAD M . 19.38 -3.94 -12.12
H52N NAD M . 18.47 -5.02 -12.86
H4D NAD M . 20.65 -5.93 -12.30
H3D NAD M . 18.45 -7.27 -12.17
HO3N NAD M . 19.71 -8.93 -12.20
H2D NAD M . 18.02 -6.82 -9.92
HO2N NAD M . 17.91 -9.05 -9.96
H1D NAD M . 20.54 -7.51 -9.36
H2N NAD M . 17.74 -5.58 -8.32
H71N NAD M . 16.35 -3.90 -7.84
H72N NAD M . 15.41 -3.47 -6.78
H4N NAD M . 19.23 -4.81 -4.70
H5N NAD M . 21.21 -5.79 -5.29
H6N NAD M . 21.52 -6.56 -7.03
O2P DG4 N . 19.32 -13.91 -8.03
P1 DG4 N . 18.56 -13.88 -6.72
O4P DG4 N . 17.20 -14.53 -6.86
O3P DG4 N . 19.33 -14.76 -5.73
O1P DG4 N . 18.28 -12.28 -6.32
C1 DG4 N . 16.97 -11.67 -6.38
O1 DG4 N . 16.77 -10.81 -5.59
C2 DG4 N . 15.87 -12.11 -7.40
O2 DG4 N . 15.33 -13.24 -6.77
C3 DG4 N . 14.64 -11.27 -7.89
O5P DG4 N . 14.55 -9.91 -7.51
P2 DG4 N . 15.79 -8.89 -7.92
O8P DG4 N . 16.68 -8.69 -6.68
O7P DG4 N . 15.41 -7.51 -8.22
O6P DG4 N . 16.46 -9.51 -9.16
H1 DG4 N . 16.33 -12.42 -8.20
H2 DG4 N . 15.68 -13.95 -7.10
H4 DG4 N . 13.84 -11.71 -7.56
H3 DG4 N . 14.62 -11.30 -8.86
P PO4 O . 31.88 -23.26 10.64
O1 PO4 O . 33.14 -23.43 9.80
O2 PO4 O . 31.57 -21.77 10.82
O3 PO4 O . 30.76 -24.00 9.94
O4 PO4 O . 32.03 -23.88 12.02
P PO4 P . 21.55 4.57 21.03
O1 PO4 P . 22.56 5.66 21.29
O2 PO4 P . 21.84 3.34 21.88
O3 PO4 P . 21.66 4.17 19.58
O4 PO4 P . 20.15 5.08 21.32
CL CL Q . 18.25 -22.46 -0.42
PA NAD R . -3.92 -6.97 -18.96
O1A NAD R . -2.53 -6.51 -19.24
O2A NAD R . -4.12 -7.39 -17.53
O5B NAD R . -4.34 -8.21 -19.94
C5B NAD R . -3.90 -8.19 -21.31
C4B NAD R . -3.74 -9.70 -21.75
O4B NAD R . -3.50 -9.74 -23.03
C3B NAD R . -2.52 -10.31 -21.01
O3B NAD R . -2.85 -11.53 -20.45
C2B NAD R . -1.48 -10.41 -22.16
O2B NAD R . -0.59 -11.57 -21.86
C1B NAD R . -2.20 -10.61 -23.25
N9A NAD R . -1.67 -10.12 -24.51
C8A NAD R . -0.90 -9.05 -24.73
N7A NAD R . -0.63 -8.97 -26.03
C5A NAD R . -1.25 -9.99 -26.63
C6A NAD R . -1.31 -10.37 -27.94
N6A NAD R . -0.66 -9.76 -29.08
N1A NAD R . -2.01 -11.45 -28.30
C2A NAD R . -2.66 -12.15 -27.35
N3A NAD R . -2.59 -11.79 -26.05
C4A NAD R . -1.89 -10.69 -25.70
O3 NAD R . -4.85 -5.71 -19.31
PN NAD R . -6.38 -5.52 -18.86
O1N NAD R . -6.36 -4.72 -17.57
O2N NAD R . -7.11 -6.86 -18.77
O5D NAD R . -6.97 -4.60 -20.08
C5D NAD R . -7.19 -5.25 -21.29
C4D NAD R . -8.05 -4.36 -22.23
O4D NAD R . -9.18 -4.01 -21.61
C3D NAD R . -7.31 -3.07 -22.59
O3D NAD R . -7.71 -2.62 -23.80
C2D NAD R . -7.82 -2.14 -21.43
O2D NAD R . -7.68 -0.73 -21.83
C1D NAD R . -9.10 -2.44 -21.32
N1N NAD R . -9.80 -2.18 -20.05
C2N NAD R . -9.16 -2.37 -18.85
C3N NAD R . -9.80 -2.14 -17.67
C7N NAD R . -9.02 -2.30 -16.36
O7N NAD R . -8.06 -2.97 -16.15
N7N NAD R . -9.45 -1.48 -15.32
C4N NAD R . -11.12 -1.71 -17.67
C5N NAD R . -11.79 -1.56 -18.85
C6N NAD R . -11.11 -1.78 -20.05
H51A NAD R . -4.55 -7.75 -21.87
H52A NAD R . -3.04 -7.74 -21.37
H4B NAD R . -4.54 -10.20 -21.54
H3B NAD R . -2.21 -9.69 -20.34
HO3A NAD R . -2.39 -11.64 -19.75
H2B NAD R . -0.98 -9.59 -22.23
HO2A NAD R . 0.22 -11.32 -21.86
H1B NAD R . -2.44 -11.55 -23.32
H8A NAD R . -0.57 -8.47 -24.07
H61A NAD R . -0.51 -8.91 -29.08
H62A NAD R . -0.43 -10.23 -29.76
H2A NAD R . -3.14 -12.90 -27.59
H51N NAD R . -6.33 -5.43 -21.71
H52N NAD R . -7.65 -6.08 -21.13
H4D NAD R . -8.27 -4.84 -23.04
H3D NAD R . -6.35 -3.19 -22.55
HO3N NAD R . -7.10 -2.15 -24.16
H2D NAD R . -7.35 -2.32 -20.60
HO2N NAD R . -7.12 -0.34 -21.33
H1D NAD R . -9.59 -1.98 -22.03
H2N NAD R . -8.26 -2.62 -18.85
H71N NAD R . -9.06 -1.50 -14.56
H72N NAD R . -10.14 -0.96 -15.44
H4N NAD R . -11.56 -1.56 -16.86
H5N NAD R . -12.67 -1.27 -18.85
H6N NAD R . -11.85 -1.58 -20.58
O1 G3H S . -2.27 -3.74 -19.86
C1 G3H S . -2.90 -3.38 -18.90
C2 G3H S . -4.32 -2.83 -19.04
O2 G3H S . -4.45 -2.40 -20.39
C3 G3H S . -4.75 -1.79 -18.01
O1P G3H S . -5.97 -1.11 -18.38
O2P G3H S . -6.04 0.69 -20.29
O3P G3H S . -7.53 0.97 -18.33
O4P G3H S . -5.14 1.39 -18.13
P G3H S . -6.16 0.49 -18.77
H11 G3H S . -2.52 -3.44 -18.06
H2 G3H S . -4.93 -3.59 -18.94
HO2 G3H S . -4.67 -3.06 -20.88
H31 G3H S . -4.89 -2.23 -17.16
H32 G3H S . -4.05 -1.13 -17.92
P PO4 T . -27.21 19.48 -24.03
O1 PO4 T . -25.77 19.88 -24.21
O2 PO4 T . -28.03 20.72 -23.73
O3 PO4 T . -27.66 18.82 -25.33
O4 PO4 T . -27.34 18.49 -22.89
P PO4 U . -29.85 3.57 2.94
O1 PO4 U . -29.29 2.87 1.73
O2 PO4 U . -30.17 5.01 2.58
O3 PO4 U . -28.84 3.55 4.06
O4 PO4 U . -31.11 2.85 3.38
C1 EDO V . -28.02 -8.99 -11.63
C1 EDO V . -27.06 -9.30 -10.17
O1 EDO V . -27.73 -7.75 -12.27
O1 EDO V . -26.26 -8.51 -9.30
C2 EDO V . -26.83 -9.43 -10.75
C2 EDO V . -26.37 -9.34 -11.55
O2 EDO V . -25.91 -10.25 -11.48
O2 EDO V . -26.34 -8.00 -12.09
H11 EDO V . -28.22 -9.76 -12.38
H11 EDO V . -28.05 -8.86 -10.27
H12 EDO V . -28.91 -8.89 -11.01
H12 EDO V . -27.16 -10.32 -9.79
HO1 EDO V . -28.47 -7.48 -12.82
HO1 EDO V . -26.68 -8.49 -8.43
H21 EDO V . -27.21 -9.97 -9.89
H21 EDO V . -26.93 -9.99 -12.22
H22 EDO V . -26.30 -8.54 -10.39
H22 EDO V . -25.36 -9.72 -11.45
HO2 EDO V . -25.18 -10.51 -10.90
HO2 EDO V . -25.91 -8.02 -12.96
CL CL W . -10.01 15.73 -22.69
PA NAD X . -1.02 14.22 14.77
O1A NAD X . -2.11 13.30 15.20
O2A NAD X . 0.11 13.62 14.02
O5B NAD X . -0.29 14.99 16.03
C5B NAD X . -1.10 15.43 17.12
C4B NAD X . -0.15 15.49 18.39
O4B NAD X . -0.80 16.11 19.33
C3B NAD X . 0.13 14.06 18.90
O3B NAD X . 1.45 13.92 19.20
C2B NAD X . -0.77 13.93 20.14
O2B NAD X . -0.12 12.99 21.12
C1B NAD X . -0.79 15.17 20.62
N9A NAD X . -1.96 15.55 21.38
C8A NAD X . -3.24 15.20 21.18
N7A NAD X . -3.99 15.79 22.11
C5A NAD X . -3.17 16.53 22.86
C6A NAD X . -3.40 17.34 23.95
N6A NAD X . -4.68 17.60 24.56
N1A NAD X . -2.41 17.98 24.56
C2A NAD X . -1.15 17.83 24.09
N3A NAD X . -0.90 17.03 23.03
C4A NAD X . -1.92 16.39 22.42
O3 NAD X . -1.81 15.39 13.92
PN NAD X . -1.06 16.27 12.79
O1N NAD X . -1.07 15.52 11.43
O2N NAD X . 0.37 16.63 13.16
O5D NAD X . -2.04 17.59 12.77
C5D NAD X . -1.86 18.53 13.78
C4D NAD X . -2.64 19.83 13.46
O4D NAD X . -2.16 20.35 12.33
C3D NAD X . -4.08 19.48 13.24
O3D NAD X . -4.89 20.47 13.66
C2D NAD X . -4.16 19.31 11.69
O2D NAD X . -5.55 19.62 11.23
C1D NAD X . -3.32 20.20 11.24
N1N NAD X . -2.63 19.94 9.97
C2N NAD X . -2.30 18.69 9.53
C3N NAD X . -1.66 18.55 8.30
C7N NAD X . -1.28 17.15 7.81
O7N NAD X . -1.16 16.97 6.64
N7N NAD X . -1.08 16.07 8.74
C4N NAD X . -1.34 19.64 7.53
C5N NAD X . -1.66 20.89 7.97
C6N NAD X . -2.32 21.02 9.19
H51A NAD X . -1.46 16.32 16.92
H52A NAD X . -1.82 14.80 17.27
H4B NAD X . 0.67 15.96 18.19
H3B NAD X . -0.13 13.41 18.23
HO3A NAD X . 1.84 13.47 18.61
H2B NAD X . -1.66 13.64 19.91
HO2A NAD X . -0.41 12.20 20.97
H1B NAD X . 0.01 15.33 21.14
H8A NAD X . -3.55 14.62 20.52
H61A NAD X . -5.09 18.34 24.41
H62A NAD X . -5.03 17.02 25.08
H2A NAD X . -0.45 18.28 24.51
H51N NAD X . -2.19 18.16 14.61
H52N NAD X . -0.92 18.73 13.88
H4D NAD X . -2.55 20.46 14.19
H3D NAD X . -4.30 18.64 13.69
HO3N NAD X . -5.66 20.16 13.84
H2D NAD X . -3.89 18.41 11.43
HO2N NAD X . -5.51 20.05 10.49
H1D NAD X . -3.79 21.04 11.18
H2N NAD X . -2.51 17.95 10.04
H71N NAD X . -0.86 15.29 8.45
H72N NAD X . -1.16 16.20 9.59
H4N NAD X . -0.90 19.53 6.71
H5N NAD X . -1.46 21.64 7.46
H6N NAD X . -2.36 21.96 9.14
O1 G3H Y . -5.73 16.45 14.59
C1 G3H Y . -5.81 16.57 13.40
C2 G3H Y . -6.79 17.60 12.80
O2 G3H Y . -7.94 17.52 13.59
C3 G3H Y . -7.18 17.33 11.32
O1P G3H Y . -6.39 17.84 10.27
O2P G3H Y . -5.51 17.53 7.80
O3P G3H Y . -4.68 16.07 9.46
O4P G3H Y . -7.09 15.84 8.76
P G3H Y . -5.94 16.78 9.06
H11 G3H Y . -5.29 16.05 12.85
H2 G3H Y . -6.41 18.48 12.88
HO2 G3H Y . -8.27 18.29 13.68
H31 G3H Y . -8.08 17.67 11.18
H32 G3H Y . -7.21 16.37 11.21
P PO4 Z . -13.50 38.12 -8.35
O1 PO4 Z . -12.19 37.36 -8.39
O2 PO4 Z . -13.37 39.19 -7.28
O3 PO4 Z . -13.77 38.72 -9.72
O4 PO4 Z . -14.69 37.22 -8.04
P PO4 AA . 12.01 22.50 -17.06
O1 PO4 AA . 13.18 23.41 -17.37
O2 PO4 AA . 12.39 21.06 -17.34
O3 PO4 AA . 10.83 22.84 -17.94
O4 PO4 AA . 11.66 22.69 -15.61
C1 EDO BA . 14.63 26.57 2.14
O1 EDO BA . 15.79 25.73 2.12
C2 EDO BA . 14.24 27.14 0.79
O2 EDO BA . 13.00 27.81 1.05
H11 EDO BA . 14.80 27.39 2.83
H12 EDO BA . 13.78 25.99 2.53
HO1 EDO BA . 15.98 25.41 3.01
H21 EDO BA . 14.11 26.34 0.06
H22 EDO BA . 14.99 27.84 0.44
HO2 EDO BA . 12.67 28.21 0.24
CL CL CA . -17.67 23.35 0.57
#